data_1FZE
#
_entry.id   1FZE
#
_cell.length_a   108.000
_cell.length_b   48.600
_cell.length_c   166.400
_cell.angle_alpha   90.00
_cell.angle_beta   104.40
_cell.angle_gamma   90.00
#
_symmetry.space_group_name_H-M   'P 1 21 1'
#
loop_
_entity.id
_entity.type
_entity.pdbx_description
1 polymer FIBRINOGEN
2 polymer FIBRINOGEN
3 polymer FIBRINOGEN
4 non-polymer 2-acetamido-2-deoxy-beta-D-glucopyranose
5 non-polymer 'CALCIUM ION'
#
loop_
_entity_poly.entity_id
_entity_poly.type
_entity_poly.pdbx_seq_one_letter_code
_entity_poly.pdbx_strand_id
1 'polypeptide(L)'
;VSEDLRSRIEVLKRKVIEKVQHIQLLQKNVRAQLVDMKRLEVDIDIKIRSCRGSCSRALAREVDLKDYEDQQKQLEQVIA
KDLLPSR
;
A,D
2 'polypeptide(L)'
;DNENVVNEYSSELEKHQLYIDETVNSNIPTNLRVLRSILENLRSKIQKLESDVSAQMEYCRTPCTVSCNIPVVSGKECEE
IIRKGGETSEMYLIQPDSSVKPYRVYCDMNTENGGWTVIQNRQDGSVDFGRKWDPYKQGFGNVATNTDGKNYCGLPGEYW
LGNDKISQLTRMGPTELLIEMEDWKGDKVKAHYGGFTVQNEANKYQISVNKYRGTAGNALMDGASQLMGENRTMTIHNGM
FFSTYDRDNDGWLTSDPRKQCSKEDGGGWWYNRCHAANPNGRYYWGGQYTWDMAKHGTDDGVVWMNWKGSWYSMRKMSMK
IRPFFPQQ
;
B,E
3 'polypeptide(L)'
;KMLEEIMKYEASILTHDSSIRYLQEIYNSNNQKIVNLKEKVAQLEAQCQEPCKDTVQIHDITGKDCQDIANKGAKQSGLY
FIKPLKANQQFLVYCEIDGSGNGWTVFQKRLDGSVDFKKNWIQYKEGFGHLSPTGTTEFWLGNEKIHLISTQSAIPYALR
VELEDWNGRTSTADYAMFKVGPEADKYRLTYAYFAGGDAGDAFDGFDFGDDPSDKFFTSHNGMQFSTWDNDNDKFEGNCA
EQDGSGWWMNKCHAGHLNGVYYQGGTYSKASTPNGYDNGIIWATWKTRWYSMKKTTMKIIPFNRLTIGEGQQHHLGGAK
;
C,F
#
loop_
_chem_comp.id
_chem_comp.type
_chem_comp.name
_chem_comp.formula
CA non-polymer 'CALCIUM ION' 'Ca 2'
NAG D-saccharide, beta linking 2-acetamido-2-deoxy-beta-D-glucopyranose 'C8 H15 N O6'
#
# COMPACT_ATOMS: atom_id res chain seq x y z
N ASP A 4 -83.09 1.88 -101.40
CA ASP A 4 -82.36 3.17 -101.27
C ASP A 4 -82.48 3.74 -99.86
N LEU A 5 -81.44 3.53 -99.06
CA LEU A 5 -81.38 4.00 -97.68
C LEU A 5 -80.04 4.73 -97.45
N ARG A 6 -79.86 5.86 -98.12
CA ARG A 6 -78.63 6.65 -98.01
C ARG A 6 -78.41 7.19 -96.61
N SER A 7 -79.29 8.11 -96.19
CA SER A 7 -79.20 8.75 -94.88
C SER A 7 -78.99 7.83 -93.68
N ARG A 8 -79.85 6.83 -93.50
CA ARG A 8 -79.72 5.92 -92.36
C ARG A 8 -78.31 5.41 -92.23
N ILE A 9 -77.77 4.89 -93.31
CA ILE A 9 -76.42 4.39 -93.31
C ILE A 9 -75.44 5.55 -93.29
N GLU A 10 -75.77 6.62 -94.01
CA GLU A 10 -74.91 7.80 -94.08
C GLU A 10 -74.60 8.30 -92.66
N VAL A 11 -75.61 8.25 -91.79
CA VAL A 11 -75.46 8.67 -90.40
C VAL A 11 -75.05 7.49 -89.53
N LEU A 12 -75.33 6.27 -90.00
CA LEU A 12 -74.98 5.06 -89.27
C LEU A 12 -73.47 4.93 -89.20
N LYS A 13 -72.82 4.89 -90.35
CA LYS A 13 -71.36 4.77 -90.42
C LYS A 13 -70.73 5.87 -89.55
N ARG A 14 -71.33 7.05 -89.58
CA ARG A 14 -70.89 8.21 -88.81
C ARG A 14 -70.88 7.87 -87.31
N LYS A 15 -72.00 7.36 -86.82
CA LYS A 15 -72.10 7.01 -85.40
C LYS A 15 -71.18 5.85 -85.03
N VAL A 16 -70.99 4.91 -85.94
CA VAL A 16 -70.13 3.77 -85.70
C VAL A 16 -68.72 4.24 -85.41
N ILE A 17 -68.23 5.11 -86.29
CA ILE A 17 -66.90 5.67 -86.15
C ILE A 17 -66.78 6.31 -84.78
N GLU A 18 -67.84 7.01 -84.37
CA GLU A 18 -67.86 7.66 -83.06
C GLU A 18 -67.58 6.62 -82.00
N LYS A 19 -68.12 5.42 -82.19
CA LYS A 19 -67.91 4.33 -81.25
C LYS A 19 -66.50 3.79 -81.37
N VAL A 20 -66.01 3.66 -82.60
CA VAL A 20 -64.66 3.18 -82.83
C VAL A 20 -63.67 4.17 -82.21
N GLN A 21 -64.08 5.44 -82.17
CA GLN A 21 -63.26 6.49 -81.61
C GLN A 21 -63.13 6.32 -80.09
N HIS A 22 -64.22 5.89 -79.45
CA HIS A 22 -64.22 5.69 -78.01
C HIS A 22 -63.30 4.53 -77.69
N ILE A 23 -63.32 3.51 -78.54
CA ILE A 23 -62.48 2.33 -78.37
C ILE A 23 -61.01 2.64 -78.56
N GLN A 24 -60.68 3.29 -79.67
CA GLN A 24 -59.30 3.62 -79.96
C GLN A 24 -58.69 4.45 -78.82
N LEU A 25 -59.51 5.30 -78.22
CA LEU A 25 -59.08 6.14 -77.10
C LEU A 25 -58.80 5.30 -75.86
N LEU A 26 -59.70 4.35 -75.55
CA LEU A 26 -59.52 3.49 -74.38
C LEU A 26 -58.24 2.68 -74.43
N GLN A 27 -57.84 2.27 -75.63
CA GLN A 27 -56.62 1.49 -75.82
C GLN A 27 -55.45 2.24 -75.21
N LYS A 28 -55.37 3.53 -75.54
CA LYS A 28 -54.30 4.40 -75.05
C LYS A 28 -54.34 4.50 -73.52
N ASN A 29 -55.54 4.66 -72.96
CA ASN A 29 -55.75 4.77 -71.51
C ASN A 29 -55.32 3.54 -70.74
N VAL A 30 -55.58 2.38 -71.30
CA VAL A 30 -55.19 1.14 -70.64
C VAL A 30 -53.69 0.98 -70.76
N ARG A 31 -53.18 1.24 -71.96
CA ARG A 31 -51.75 1.15 -72.23
C ARG A 31 -50.99 1.80 -71.08
N ALA A 32 -51.33 3.05 -70.80
CA ALA A 32 -50.70 3.79 -69.72
C ALA A 32 -51.02 3.20 -68.36
N GLN A 33 -52.26 2.78 -68.15
CA GLN A 33 -52.63 2.20 -66.86
C GLN A 33 -51.81 0.94 -66.65
N LEU A 34 -51.53 0.25 -67.75
CA LEU A 34 -50.75 -0.98 -67.69
C LEU A 34 -49.32 -0.62 -67.27
N VAL A 35 -48.77 0.42 -67.88
CA VAL A 35 -47.42 0.87 -67.56
C VAL A 35 -47.35 1.37 -66.12
N ASP A 36 -48.37 2.10 -65.71
CA ASP A 36 -48.45 2.63 -64.37
C ASP A 36 -48.41 1.48 -63.36
N MET A 37 -49.19 0.44 -63.64
CA MET A 37 -49.25 -0.74 -62.78
C MET A 37 -47.92 -1.44 -62.70
N LYS A 38 -47.30 -1.65 -63.86
CA LYS A 38 -46.02 -2.32 -63.94
C LYS A 38 -45.06 -1.68 -62.94
N ARG A 39 -44.91 -0.36 -63.06
CA ARG A 39 -44.02 0.41 -62.19
C ARG A 39 -44.41 0.29 -60.71
N LEU A 40 -45.70 0.39 -60.45
CA LEU A 40 -46.22 0.30 -59.09
C LEU A 40 -45.84 -1.05 -58.51
N GLU A 41 -46.20 -2.11 -59.22
CA GLU A 41 -45.89 -3.48 -58.81
C GLU A 41 -44.42 -3.59 -58.39
N VAL A 42 -43.54 -3.04 -59.22
CA VAL A 42 -42.10 -3.03 -58.97
C VAL A 42 -41.78 -2.18 -57.75
N ASP A 43 -42.25 -0.94 -57.79
CA ASP A 43 -42.03 0.01 -56.70
C ASP A 43 -42.28 -0.62 -55.34
N ILE A 44 -43.39 -1.35 -55.24
CA ILE A 44 -43.77 -2.02 -54.01
C ILE A 44 -42.80 -3.13 -53.62
N ASP A 45 -42.39 -3.90 -54.62
CA ASP A 45 -41.46 -4.99 -54.40
C ASP A 45 -40.21 -4.44 -53.70
N ILE A 46 -39.76 -3.27 -54.17
CA ILE A 46 -38.59 -2.61 -53.63
C ILE A 46 -38.83 -2.09 -52.21
N LYS A 47 -39.98 -1.46 -52.01
CA LYS A 47 -40.34 -0.92 -50.71
C LYS A 47 -40.38 -2.02 -49.65
N ILE A 48 -41.00 -3.15 -49.99
CA ILE A 48 -41.10 -4.27 -49.06
C ILE A 48 -39.75 -4.87 -48.66
N ARG A 49 -38.84 -5.02 -49.62
CA ARG A 49 -37.54 -5.59 -49.31
C ARG A 49 -36.78 -4.64 -48.40
N SER A 50 -36.93 -3.34 -48.64
CA SER A 50 -36.26 -2.31 -47.83
C SER A 50 -36.84 -2.28 -46.43
N CYS A 51 -37.90 -3.04 -46.25
CA CYS A 51 -38.58 -3.11 -44.98
C CYS A 51 -37.95 -4.22 -44.18
N ARG A 52 -37.29 -5.13 -44.88
CA ARG A 52 -36.63 -6.25 -44.23
C ARG A 52 -35.63 -5.75 -43.20
N GLY A 53 -35.01 -4.61 -43.52
CA GLY A 53 -34.04 -4.03 -42.61
C GLY A 53 -34.61 -3.06 -41.59
N SER A 54 -35.88 -3.21 -41.24
CA SER A 54 -36.51 -2.31 -40.27
C SER A 54 -37.60 -2.96 -39.42
N CYS A 55 -38.41 -3.80 -40.05
CA CYS A 55 -39.51 -4.48 -39.38
C CYS A 55 -39.13 -5.90 -38.97
N SER A 56 -39.87 -6.44 -38.00
CA SER A 56 -39.65 -7.80 -37.49
C SER A 56 -39.54 -8.84 -38.59
N ARG A 57 -40.34 -8.71 -39.64
CA ARG A 57 -40.31 -9.66 -40.75
C ARG A 57 -40.75 -8.99 -42.05
N ALA A 58 -40.23 -9.51 -43.16
CA ALA A 58 -40.57 -8.99 -44.48
C ALA A 58 -41.50 -9.99 -45.15
N LEU A 59 -42.12 -9.60 -46.25
CA LEU A 59 -43.02 -10.50 -46.95
C LEU A 59 -42.28 -11.30 -48.02
N ALA A 60 -42.49 -12.62 -48.01
CA ALA A 60 -41.87 -13.52 -48.98
C ALA A 60 -42.67 -13.47 -50.28
N ARG A 61 -42.69 -12.31 -50.92
CA ARG A 61 -43.44 -12.15 -52.16
C ARG A 61 -42.59 -12.17 -53.43
N GLU A 62 -43.28 -12.44 -54.55
CA GLU A 62 -42.66 -12.53 -55.87
C GLU A 62 -43.35 -11.53 -56.81
N VAL A 63 -42.76 -11.32 -57.99
CA VAL A 63 -43.31 -10.42 -58.99
C VAL A 63 -43.33 -11.10 -60.36
N ASP A 64 -44.51 -11.09 -61.00
CA ASP A 64 -44.68 -11.72 -62.31
C ASP A 64 -44.63 -10.70 -63.45
N LEU A 65 -43.42 -10.26 -63.81
CA LEU A 65 -43.26 -9.30 -64.89
C LEU A 65 -43.84 -9.88 -66.16
N LYS A 66 -43.58 -11.17 -66.35
CA LYS A 66 -44.03 -11.95 -67.49
C LYS A 66 -45.48 -11.67 -67.87
N ASP A 67 -46.37 -11.78 -66.89
CA ASP A 67 -47.79 -11.55 -67.15
C ASP A 67 -48.03 -10.15 -67.69
N TYR A 68 -47.45 -9.15 -67.02
CA TYR A 68 -47.62 -7.76 -67.47
C TYR A 68 -47.13 -7.63 -68.91
N GLU A 69 -45.98 -8.22 -69.19
CA GLU A 69 -45.39 -8.19 -70.53
C GLU A 69 -46.31 -8.88 -71.53
N ASP A 70 -47.01 -9.92 -71.08
CA ASP A 70 -47.95 -10.62 -71.95
C ASP A 70 -48.98 -9.58 -72.30
N GLN A 71 -49.66 -9.09 -71.27
CA GLN A 71 -50.68 -8.08 -71.40
C GLN A 71 -50.18 -6.93 -72.29
N GLN A 72 -48.94 -6.52 -72.07
CA GLN A 72 -48.38 -5.44 -72.86
C GLN A 72 -48.37 -5.79 -74.32
N LYS A 73 -47.75 -6.93 -74.63
CA LYS A 73 -47.64 -7.44 -76.00
C LYS A 73 -49.02 -7.60 -76.64
N GLN A 74 -49.87 -8.37 -75.98
CA GLN A 74 -51.23 -8.66 -76.43
C GLN A 74 -52.04 -7.40 -76.75
N LEU A 75 -51.62 -6.26 -76.21
CA LEU A 75 -52.31 -5.01 -76.44
C LEU A 75 -51.82 -4.34 -77.71
N GLU A 76 -50.51 -4.18 -77.83
CA GLU A 76 -49.93 -3.53 -78.99
C GLU A 76 -50.35 -4.18 -80.30
N GLN A 77 -50.64 -5.48 -80.24
CA GLN A 77 -51.07 -6.23 -81.42
C GLN A 77 -52.51 -5.88 -81.81
N VAL A 78 -53.30 -5.48 -80.83
CA VAL A 78 -54.70 -5.10 -81.05
C VAL A 78 -54.77 -3.74 -81.73
N ILE A 79 -53.79 -2.88 -81.46
CA ILE A 79 -53.75 -1.57 -82.06
C ILE A 79 -53.22 -1.69 -83.50
N ALA A 80 -54.11 -1.47 -84.46
CA ALA A 80 -53.76 -1.55 -85.88
C ALA A 80 -54.76 -0.74 -86.71
N LYS A 81 -56.02 -1.19 -86.71
CA LYS A 81 -57.09 -0.53 -87.45
C LYS A 81 -58.42 -1.25 -87.24
N ASP A 82 -59.50 -0.51 -87.44
CA ASP A 82 -60.84 -1.04 -87.32
C ASP A 82 -61.65 -0.58 -88.52
N LEU A 83 -61.50 0.69 -88.88
CA LEU A 83 -62.21 1.26 -90.02
C LEU A 83 -61.36 2.32 -90.71
N LEU A 84 -61.37 2.28 -92.04
CA LEU A 84 -60.61 3.23 -92.87
C LEU A 84 -61.13 4.67 -92.71
N LEU B 18 -72.61 -0.54 -100.52
CA LEU B 18 -71.37 -0.84 -101.28
C LEU B 18 -70.11 -0.72 -100.41
N TYR B 19 -70.06 0.30 -99.57
CA TYR B 19 -68.92 0.53 -98.67
C TYR B 19 -69.31 -0.03 -97.30
N ILE B 20 -69.42 -1.35 -97.24
CA ILE B 20 -69.82 -2.05 -96.01
C ILE B 20 -68.67 -2.49 -95.12
N ASP B 21 -68.58 -1.86 -93.95
CA ASP B 21 -67.56 -2.19 -92.98
C ASP B 21 -68.24 -3.15 -92.02
N GLU B 22 -68.66 -4.30 -92.54
CA GLU B 22 -69.35 -5.29 -91.74
C GLU B 22 -68.48 -5.68 -90.58
N THR B 23 -67.21 -5.95 -90.89
CA THR B 23 -66.22 -6.34 -89.90
C THR B 23 -66.42 -5.67 -88.56
N VAL B 24 -66.57 -4.35 -88.59
CA VAL B 24 -66.76 -3.55 -87.38
C VAL B 24 -68.14 -3.80 -86.71
N ASN B 25 -68.34 -5.05 -86.32
CA ASN B 25 -69.56 -5.54 -85.68
C ASN B 25 -69.11 -6.91 -85.16
N SER B 26 -68.09 -7.42 -85.82
CA SER B 26 -67.46 -8.69 -85.50
C SER B 26 -65.99 -8.50 -85.89
N ASN B 27 -65.39 -7.52 -85.22
CA ASN B 27 -63.99 -7.09 -85.36
C ASN B 27 -63.75 -6.28 -84.10
N ILE B 28 -64.72 -5.42 -83.78
CA ILE B 28 -64.69 -4.61 -82.59
C ILE B 28 -64.79 -5.51 -81.37
N PRO B 29 -65.74 -6.47 -81.36
CA PRO B 29 -65.89 -7.37 -80.21
C PRO B 29 -64.58 -8.05 -79.84
N THR B 30 -63.66 -8.10 -80.79
CA THR B 30 -62.35 -8.69 -80.60
C THR B 30 -61.45 -7.63 -79.95
N ASN B 31 -61.38 -6.46 -80.58
CA ASN B 31 -60.58 -5.33 -80.07
C ASN B 31 -61.17 -4.86 -78.74
N LEU B 32 -62.30 -5.45 -78.36
CA LEU B 32 -62.99 -5.12 -77.12
C LEU B 32 -62.77 -6.20 -76.09
N ARG B 33 -63.03 -7.45 -76.47
CA ARG B 33 -62.88 -8.59 -75.59
C ARG B 33 -61.51 -8.59 -74.92
N VAL B 34 -60.49 -8.25 -75.70
CA VAL B 34 -59.12 -8.20 -75.19
C VAL B 34 -59.01 -7.11 -74.12
N LEU B 35 -59.63 -5.97 -74.37
CA LEU B 35 -59.61 -4.87 -73.43
C LEU B 35 -60.27 -5.27 -72.12
N ARG B 36 -61.29 -6.12 -72.19
CA ARG B 36 -61.96 -6.56 -70.98
C ARG B 36 -61.06 -7.46 -70.13
N SER B 37 -60.33 -8.35 -70.79
CA SER B 37 -59.43 -9.28 -70.10
C SER B 37 -58.42 -8.60 -69.20
N ILE B 38 -57.47 -7.89 -69.81
CA ILE B 38 -56.42 -7.22 -69.07
C ILE B 38 -56.92 -6.18 -68.07
N LEU B 39 -58.05 -5.56 -68.38
CA LEU B 39 -58.60 -4.55 -67.51
C LEU B 39 -59.04 -5.16 -66.21
N GLU B 40 -59.72 -6.30 -66.30
CA GLU B 40 -60.18 -7.01 -65.11
C GLU B 40 -58.96 -7.63 -64.46
N ASN B 41 -57.98 -7.97 -65.29
CA ASN B 41 -56.72 -8.56 -64.86
C ASN B 41 -56.04 -7.62 -63.87
N LEU B 42 -56.00 -6.34 -64.21
CA LEU B 42 -55.38 -5.33 -63.35
C LEU B 42 -56.22 -5.07 -62.11
N ARG B 43 -57.54 -5.01 -62.29
CA ARG B 43 -58.45 -4.75 -61.18
C ARG B 43 -58.19 -5.69 -60.02
N SER B 44 -57.92 -6.95 -60.35
CA SER B 44 -57.65 -7.97 -59.34
C SER B 44 -56.21 -7.82 -58.86
N LYS B 45 -55.31 -7.51 -59.80
CA LYS B 45 -53.88 -7.33 -59.50
C LYS B 45 -53.73 -6.23 -58.46
N ILE B 46 -54.53 -5.18 -58.63
CA ILE B 46 -54.53 -4.04 -57.72
C ILE B 46 -54.88 -4.48 -56.33
N GLN B 47 -56.09 -5.03 -56.16
CA GLN B 47 -56.51 -5.47 -54.84
C GLN B 47 -55.61 -6.56 -54.27
N LYS B 48 -54.71 -7.09 -55.11
CA LYS B 48 -53.76 -8.10 -54.67
C LYS B 48 -52.67 -7.36 -53.89
N LEU B 49 -52.17 -6.29 -54.50
CA LEU B 49 -51.13 -5.45 -53.90
C LEU B 49 -51.70 -4.82 -52.64
N GLU B 50 -52.98 -4.52 -52.70
CA GLU B 50 -53.73 -3.91 -51.61
C GLU B 50 -53.63 -4.76 -50.33
N SER B 51 -53.38 -6.07 -50.51
CA SER B 51 -53.28 -6.99 -49.38
C SER B 51 -51.85 -7.13 -48.86
N ASP B 52 -50.91 -7.34 -49.78
CA ASP B 52 -49.50 -7.49 -49.44
C ASP B 52 -49.00 -6.35 -48.53
N VAL B 53 -49.46 -5.14 -48.80
CA VAL B 53 -49.06 -3.97 -48.02
C VAL B 53 -49.55 -4.02 -46.58
N SER B 54 -50.84 -4.30 -46.39
CA SER B 54 -51.43 -4.40 -45.06
C SER B 54 -50.72 -5.48 -44.24
N ALA B 55 -50.32 -6.55 -44.91
CA ALA B 55 -49.62 -7.64 -44.27
C ALA B 55 -48.26 -7.14 -43.79
N GLN B 56 -47.55 -6.45 -44.67
CA GLN B 56 -46.24 -5.91 -44.34
C GLN B 56 -46.38 -4.87 -43.25
N MET B 57 -47.44 -4.08 -43.34
CA MET B 57 -47.73 -3.06 -42.36
C MET B 57 -47.88 -3.71 -40.99
N GLU B 58 -48.44 -4.92 -40.98
CA GLU B 58 -48.64 -5.69 -39.76
C GLU B 58 -47.30 -6.13 -39.21
N TYR B 59 -46.48 -6.69 -40.09
CA TYR B 59 -45.14 -7.14 -39.73
C TYR B 59 -44.39 -5.99 -39.08
N CYS B 60 -44.59 -4.80 -39.61
CA CYS B 60 -43.92 -3.61 -39.11
C CYS B 60 -44.39 -3.07 -37.78
N ARG B 61 -45.45 -3.63 -37.21
CA ARG B 61 -45.93 -3.19 -35.90
C ARG B 61 -44.80 -3.41 -34.90
N THR B 62 -44.02 -4.46 -35.14
CA THR B 62 -42.88 -4.78 -34.32
C THR B 62 -41.62 -4.65 -35.17
N PRO B 63 -40.59 -3.99 -34.61
CA PRO B 63 -39.31 -3.76 -35.27
C PRO B 63 -38.36 -4.93 -35.16
N CYS B 64 -37.33 -4.89 -36.00
CA CYS B 64 -36.31 -5.91 -35.98
C CYS B 64 -35.29 -5.42 -34.92
N THR B 65 -34.56 -6.36 -34.33
CA THR B 65 -33.59 -6.03 -33.29
C THR B 65 -32.29 -6.79 -33.42
N VAL B 66 -31.25 -6.23 -32.79
CA VAL B 66 -29.91 -6.82 -32.77
C VAL B 66 -29.26 -6.57 -31.42
N SER B 67 -28.18 -7.29 -31.16
CA SER B 67 -27.44 -7.16 -29.92
C SER B 67 -25.99 -7.33 -30.27
N CYS B 68 -25.34 -6.22 -30.58
CA CYS B 68 -23.92 -6.28 -30.96
C CYS B 68 -23.02 -5.81 -29.82
N ASN B 69 -22.39 -6.77 -29.15
CA ASN B 69 -21.48 -6.50 -28.06
C ASN B 69 -20.16 -5.98 -28.65
N ILE B 70 -19.69 -4.85 -28.15
CA ILE B 70 -18.46 -4.22 -28.65
C ILE B 70 -17.15 -4.94 -28.33
N PRO B 71 -16.30 -5.17 -29.35
CA PRO B 71 -15.02 -5.84 -29.14
C PRO B 71 -14.16 -4.96 -28.25
N VAL B 72 -13.36 -5.57 -27.37
CA VAL B 72 -12.50 -4.82 -26.46
C VAL B 72 -11.59 -3.89 -27.24
N VAL B 73 -10.95 -4.43 -28.27
CA VAL B 73 -10.03 -3.66 -29.10
C VAL B 73 -10.73 -2.57 -29.88
N SER B 74 -10.07 -1.43 -29.99
CA SER B 74 -10.59 -0.28 -30.71
C SER B 74 -9.43 0.62 -31.14
N GLY B 75 -9.67 1.47 -32.13
CA GLY B 75 -8.63 2.38 -32.59
C GLY B 75 -9.22 3.58 -33.30
N LYS B 76 -8.35 4.36 -33.95
CA LYS B 76 -8.81 5.53 -34.69
C LYS B 76 -9.73 5.11 -35.83
N GLU B 77 -9.51 3.89 -36.31
CA GLU B 77 -10.27 3.27 -37.38
C GLU B 77 -9.75 1.85 -37.64
N CYS B 78 -10.43 1.10 -38.49
CA CYS B 78 -10.05 -0.28 -38.78
C CYS B 78 -8.57 -0.62 -38.94
N GLU B 79 -7.80 0.29 -39.55
CA GLU B 79 -6.38 0.06 -39.76
C GLU B 79 -5.73 -0.15 -38.41
N GLU B 80 -5.71 0.89 -37.61
CA GLU B 80 -5.13 0.84 -36.28
C GLU B 80 -5.61 -0.40 -35.56
N ILE B 81 -6.89 -0.74 -35.74
CA ILE B 81 -7.47 -1.91 -35.08
C ILE B 81 -6.81 -3.23 -35.44
N ILE B 82 -6.67 -3.48 -36.73
CA ILE B 82 -6.03 -4.71 -37.20
C ILE B 82 -4.59 -4.73 -36.75
N ARG B 83 -3.97 -3.55 -36.74
CA ARG B 83 -2.58 -3.43 -36.30
C ARG B 83 -2.60 -3.77 -34.81
N LYS B 84 -3.72 -3.44 -34.15
CA LYS B 84 -3.91 -3.70 -32.74
C LYS B 84 -4.40 -5.13 -32.46
N GLY B 85 -4.45 -5.96 -33.50
CA GLY B 85 -4.89 -7.33 -33.34
C GLY B 85 -6.31 -7.64 -33.82
N GLY B 86 -6.97 -6.68 -34.44
CA GLY B 86 -8.31 -6.92 -34.94
C GLY B 86 -8.17 -7.85 -36.12
N GLU B 87 -8.34 -9.15 -35.89
CA GLU B 87 -8.19 -10.15 -36.94
C GLU B 87 -9.43 -10.49 -37.77
N THR B 88 -10.59 -10.55 -37.12
CA THR B 88 -11.82 -10.90 -37.81
C THR B 88 -12.66 -9.74 -38.32
N SER B 89 -13.34 -9.98 -39.43
CA SER B 89 -14.22 -8.98 -40.02
C SER B 89 -15.53 -8.99 -39.26
N GLU B 90 -15.88 -7.84 -38.70
CA GLU B 90 -17.12 -7.66 -37.93
C GLU B 90 -17.25 -6.21 -37.51
N MET B 91 -18.32 -5.91 -36.78
CA MET B 91 -18.53 -4.56 -36.31
C MET B 91 -17.54 -4.26 -35.21
N TYR B 92 -16.97 -3.07 -35.29
CA TYR B 92 -16.00 -2.56 -34.32
C TYR B 92 -16.41 -1.11 -34.00
N LEU B 93 -15.94 -0.60 -32.87
CA LEU B 93 -16.24 0.77 -32.47
C LEU B 93 -14.96 1.55 -32.68
N ILE B 94 -15.06 2.73 -33.29
CA ILE B 94 -13.87 3.53 -33.55
C ILE B 94 -14.07 4.97 -33.13
N GLN B 95 -12.97 5.71 -33.03
CA GLN B 95 -13.04 7.11 -32.67
C GLN B 95 -11.86 7.84 -33.27
N PRO B 96 -12.09 8.53 -34.40
CA PRO B 96 -11.11 9.31 -35.15
C PRO B 96 -10.34 10.34 -34.33
N ASP B 97 -10.99 10.93 -33.32
CA ASP B 97 -10.37 11.91 -32.43
C ASP B 97 -11.20 12.19 -31.17
N SER B 98 -10.61 12.92 -30.22
CA SER B 98 -11.27 13.27 -28.96
C SER B 98 -12.60 13.98 -29.14
N SER B 99 -12.70 14.80 -30.19
CA SER B 99 -13.91 15.55 -30.47
C SER B 99 -15.08 14.68 -30.85
N VAL B 100 -14.91 13.89 -31.90
CA VAL B 100 -15.96 13.01 -32.39
C VAL B 100 -16.38 11.96 -31.38
N LYS B 101 -17.68 11.75 -31.27
CA LYS B 101 -18.21 10.73 -30.37
C LYS B 101 -17.90 9.41 -31.08
N PRO B 102 -17.39 8.40 -30.34
CA PRO B 102 -17.06 7.08 -30.91
C PRO B 102 -18.27 6.46 -31.62
N TYR B 103 -18.05 5.94 -32.83
CA TYR B 103 -19.14 5.35 -33.59
C TYR B 103 -18.89 3.95 -34.13
N ARG B 104 -19.96 3.17 -34.18
CA ARG B 104 -19.89 1.81 -34.66
C ARG B 104 -19.67 1.77 -36.15
N VAL B 105 -18.84 0.82 -36.59
CA VAL B 105 -18.52 0.65 -37.99
C VAL B 105 -18.20 -0.82 -38.24
N TYR B 106 -18.31 -1.27 -39.48
CA TYR B 106 -18.00 -2.64 -39.81
C TYR B 106 -16.60 -2.71 -40.43
N CYS B 107 -15.71 -3.46 -39.79
CA CYS B 107 -14.35 -3.59 -40.30
C CYS B 107 -14.19 -4.87 -41.10
N ASP B 108 -13.57 -4.74 -42.27
CA ASP B 108 -13.31 -5.91 -43.12
C ASP B 108 -11.83 -6.17 -43.00
N MET B 109 -11.48 -7.15 -42.17
CA MET B 109 -10.09 -7.51 -41.94
C MET B 109 -9.53 -8.57 -42.87
N ASN B 110 -10.19 -8.80 -44.00
CA ASN B 110 -9.73 -9.82 -44.95
C ASN B 110 -9.30 -9.27 -46.32
N THR B 111 -10.27 -9.09 -47.21
CA THR B 111 -10.07 -8.62 -48.58
C THR B 111 -8.63 -8.33 -49.03
N GLU B 112 -8.23 -7.07 -49.14
CA GLU B 112 -6.86 -6.78 -49.58
C GLU B 112 -5.95 -7.08 -48.41
N ASN B 113 -5.80 -6.12 -47.53
CA ASN B 113 -4.96 -6.34 -46.37
C ASN B 113 -5.82 -6.42 -45.12
N GLY B 114 -6.93 -5.70 -45.10
CA GLY B 114 -7.81 -5.79 -43.96
C GLY B 114 -8.16 -4.53 -43.21
N GLY B 115 -7.44 -3.44 -43.44
CA GLY B 115 -7.75 -2.20 -42.73
C GLY B 115 -8.95 -1.51 -43.33
N TRP B 116 -9.89 -2.32 -43.81
CA TRP B 116 -11.08 -1.84 -44.49
C TRP B 116 -12.26 -1.33 -43.67
N THR B 117 -12.43 -0.01 -43.72
CA THR B 117 -13.52 0.67 -43.04
C THR B 117 -14.63 0.82 -44.06
N VAL B 118 -15.67 0.00 -43.93
CA VAL B 118 -16.80 0.05 -44.85
C VAL B 118 -17.54 1.36 -44.72
N ILE B 119 -17.52 2.13 -45.80
CA ILE B 119 -18.18 3.42 -45.85
C ILE B 119 -19.60 3.28 -46.41
N GLN B 120 -19.82 2.25 -47.21
CA GLN B 120 -21.12 1.97 -47.85
C GLN B 120 -21.25 0.49 -48.22
N ASN B 121 -22.47 -0.05 -48.18
CA ASN B 121 -22.67 -1.46 -48.52
C ASN B 121 -24.09 -1.85 -48.92
N ARG B 122 -24.19 -2.50 -50.08
CA ARG B 122 -25.44 -3.00 -50.65
C ARG B 122 -25.28 -4.50 -50.82
N GLN B 123 -26.35 -5.25 -50.56
CA GLN B 123 -26.27 -6.71 -50.66
C GLN B 123 -27.60 -7.43 -50.85
N ASP B 124 -28.68 -6.85 -50.32
CA ASP B 124 -30.00 -7.48 -50.44
C ASP B 124 -31.17 -6.53 -50.68
N GLY B 125 -30.94 -5.24 -50.50
CA GLY B 125 -31.99 -4.27 -50.70
C GLY B 125 -32.91 -4.17 -49.50
N SER B 126 -32.34 -4.34 -48.32
CA SER B 126 -33.10 -4.27 -47.07
C SER B 126 -33.16 -2.86 -46.49
N VAL B 127 -32.51 -1.90 -47.15
CA VAL B 127 -32.50 -0.52 -46.70
C VAL B 127 -32.80 0.48 -47.82
N ASP B 128 -33.67 1.45 -47.51
CA ASP B 128 -34.06 2.50 -48.46
C ASP B 128 -32.90 3.47 -48.66
N PHE B 129 -32.43 3.62 -49.90
CA PHE B 129 -31.35 4.54 -50.16
C PHE B 129 -31.81 5.84 -50.76
N GLY B 130 -33.07 5.85 -51.17
CA GLY B 130 -33.67 7.05 -51.71
C GLY B 130 -34.08 7.84 -50.50
N ARG B 131 -33.14 8.59 -49.94
CA ARG B 131 -33.42 9.40 -48.77
C ARG B 131 -32.99 10.84 -49.01
N LYS B 132 -33.37 11.70 -48.07
CA LYS B 132 -33.06 13.11 -48.18
C LYS B 132 -31.69 13.51 -47.65
N TRP B 133 -31.38 14.80 -47.77
CA TRP B 133 -30.10 15.36 -47.34
C TRP B 133 -29.62 15.00 -45.93
N ASP B 134 -30.47 15.24 -44.94
CA ASP B 134 -30.16 14.98 -43.54
C ASP B 134 -29.74 13.52 -43.26
N PRO B 135 -30.55 12.53 -43.68
CA PRO B 135 -30.18 11.12 -43.42
C PRO B 135 -28.81 10.78 -43.97
N TYR B 136 -28.49 11.32 -45.13
CA TYR B 136 -27.20 11.07 -45.76
C TYR B 136 -26.07 11.68 -44.96
N LYS B 137 -26.22 12.95 -44.61
CA LYS B 137 -25.20 13.65 -43.84
C LYS B 137 -24.98 12.99 -42.49
N GLN B 138 -26.05 12.48 -41.92
CA GLN B 138 -26.03 11.83 -40.60
C GLN B 138 -25.70 10.35 -40.66
N GLY B 139 -26.04 9.69 -41.77
CA GLY B 139 -25.78 8.27 -41.90
C GLY B 139 -27.04 7.50 -41.55
N PHE B 140 -27.25 6.38 -42.23
CA PHE B 140 -28.44 5.58 -41.99
C PHE B 140 -28.26 4.12 -42.35
N GLY B 141 -29.21 3.28 -41.95
CA GLY B 141 -29.13 1.85 -42.22
C GLY B 141 -28.61 0.98 -41.10
N ASN B 142 -28.33 -0.28 -41.41
CA ASN B 142 -27.82 -1.25 -40.43
C ASN B 142 -26.37 -1.58 -40.73
N VAL B 143 -25.48 -1.30 -39.78
CA VAL B 143 -24.05 -1.56 -39.94
C VAL B 143 -23.71 -3.05 -39.98
N ALA B 144 -24.16 -3.78 -38.98
CA ALA B 144 -23.91 -5.21 -38.90
C ALA B 144 -25.04 -5.91 -38.15
N THR B 145 -25.08 -7.24 -38.25
CA THR B 145 -26.10 -8.04 -37.56
C THR B 145 -25.51 -9.33 -36.99
N ASN B 146 -26.12 -9.79 -35.90
CA ASN B 146 -25.71 -11.00 -35.21
C ASN B 146 -25.87 -12.20 -36.13
N THR B 147 -25.16 -13.26 -35.80
CA THR B 147 -25.23 -14.48 -36.57
C THR B 147 -26.11 -15.45 -35.77
N ASP B 148 -26.15 -16.71 -36.21
CA ASP B 148 -26.92 -17.72 -35.51
C ASP B 148 -26.15 -18.21 -34.27
N GLY B 149 -26.72 -17.97 -33.09
CA GLY B 149 -26.08 -18.39 -31.87
C GLY B 149 -24.98 -17.48 -31.35
N LYS B 150 -24.21 -16.87 -32.24
CA LYS B 150 -23.14 -15.98 -31.82
C LYS B 150 -23.67 -14.67 -31.27
N ASN B 151 -23.02 -14.19 -30.21
CA ASN B 151 -23.40 -12.96 -29.54
C ASN B 151 -23.11 -11.66 -30.32
N TYR B 152 -21.92 -11.58 -30.91
CA TYR B 152 -21.51 -10.41 -31.67
C TYR B 152 -22.07 -10.38 -33.10
N CYS B 153 -22.14 -9.18 -33.66
CA CYS B 153 -22.64 -8.97 -35.01
C CYS B 153 -21.50 -9.08 -36.03
N GLY B 154 -21.22 -10.32 -36.44
CA GLY B 154 -20.15 -10.55 -37.37
C GLY B 154 -20.48 -10.33 -38.83
N LEU B 155 -21.73 -10.01 -39.12
CA LEU B 155 -22.14 -9.79 -40.50
C LEU B 155 -22.58 -8.37 -40.72
N PRO B 156 -22.13 -7.75 -41.82
CA PRO B 156 -22.50 -6.37 -42.13
C PRO B 156 -23.92 -6.29 -42.64
N GLY B 157 -24.48 -5.09 -42.59
CA GLY B 157 -25.82 -4.88 -43.08
C GLY B 157 -25.71 -3.79 -44.13
N GLU B 158 -26.80 -3.51 -44.84
CA GLU B 158 -26.74 -2.45 -45.82
C GLU B 158 -26.77 -1.14 -45.06
N TYR B 159 -25.84 -0.24 -45.37
CA TYR B 159 -25.81 1.05 -44.68
C TYR B 159 -25.03 2.15 -45.37
N TRP B 160 -25.14 3.34 -44.79
CA TRP B 160 -24.44 4.52 -45.27
C TRP B 160 -23.93 5.33 -44.09
N LEU B 161 -22.62 5.31 -43.91
CA LEU B 161 -22.00 6.08 -42.84
C LEU B 161 -22.31 7.54 -43.19
N GLY B 162 -22.58 8.36 -42.19
CA GLY B 162 -22.87 9.74 -42.50
C GLY B 162 -21.83 10.43 -43.35
N ASN B 163 -22.25 11.42 -44.14
CA ASN B 163 -21.32 12.17 -44.97
C ASN B 163 -20.24 12.82 -44.13
N ASP B 164 -20.63 13.30 -42.96
CA ASP B 164 -19.69 13.92 -42.05
C ASP B 164 -18.70 12.86 -41.61
N LYS B 165 -19.24 11.74 -41.12
CA LYS B 165 -18.38 10.65 -40.66
C LYS B 165 -17.38 10.29 -41.73
N ILE B 166 -17.85 10.31 -42.98
CA ILE B 166 -17.01 9.99 -44.12
C ILE B 166 -16.02 11.13 -44.37
N SER B 167 -16.55 12.32 -44.63
CA SER B 167 -15.75 13.50 -44.90
C SER B 167 -14.58 13.63 -43.94
N GLN B 168 -14.90 13.55 -42.65
CA GLN B 168 -13.91 13.66 -41.61
C GLN B 168 -12.79 12.66 -41.81
N LEU B 169 -13.14 11.42 -42.12
CA LEU B 169 -12.14 10.39 -42.31
C LEU B 169 -11.24 10.65 -43.50
N THR B 170 -11.84 10.88 -44.66
CA THR B 170 -11.07 11.13 -45.87
C THR B 170 -10.07 12.25 -45.68
N ARG B 171 -10.51 13.30 -45.00
CA ARG B 171 -9.65 14.45 -44.77
C ARG B 171 -8.68 14.26 -43.62
N MET B 172 -8.78 13.15 -42.91
CA MET B 172 -7.89 12.87 -41.78
C MET B 172 -6.46 12.55 -42.25
N GLY B 173 -6.33 12.12 -43.50
CA GLY B 173 -5.03 11.79 -44.06
C GLY B 173 -5.22 11.21 -45.44
N PRO B 174 -4.13 10.78 -46.09
CA PRO B 174 -4.20 10.17 -47.43
C PRO B 174 -4.99 8.88 -47.32
N THR B 175 -6.15 8.85 -47.97
CA THR B 175 -6.99 7.67 -47.90
C THR B 175 -7.21 7.02 -49.25
N GLU B 176 -7.10 5.70 -49.29
CA GLU B 176 -7.32 4.95 -50.51
C GLU B 176 -8.75 4.41 -50.46
N LEU B 177 -9.41 4.35 -51.61
CA LEU B 177 -10.78 3.88 -51.73
C LEU B 177 -10.97 2.65 -52.61
N LEU B 178 -11.61 1.61 -52.07
CA LEU B 178 -11.88 0.38 -52.81
C LEU B 178 -13.39 0.21 -52.98
N ILE B 179 -13.80 -0.14 -54.18
CA ILE B 179 -15.19 -0.35 -54.50
C ILE B 179 -15.32 -1.72 -55.14
N GLU B 180 -15.99 -2.63 -54.45
CA GLU B 180 -16.21 -3.97 -54.96
C GLU B 180 -17.67 -4.12 -55.35
N MET B 181 -17.93 -4.85 -56.43
CA MET B 181 -19.29 -5.07 -56.89
C MET B 181 -19.47 -6.49 -57.39
N GLU B 182 -20.71 -6.83 -57.69
CA GLU B 182 -21.03 -8.17 -58.16
C GLU B 182 -22.34 -8.23 -58.93
N ASP B 183 -22.36 -9.01 -60.00
CA ASP B 183 -23.56 -9.16 -60.80
C ASP B 183 -24.41 -10.32 -60.28
N TRP B 184 -25.56 -10.53 -60.91
CA TRP B 184 -26.48 -11.61 -60.52
C TRP B 184 -26.02 -12.97 -61.04
N LYS B 185 -24.85 -12.97 -61.66
CA LYS B 185 -24.25 -14.18 -62.20
C LYS B 185 -23.06 -14.57 -61.32
N GLY B 186 -22.95 -13.93 -60.16
CA GLY B 186 -21.87 -14.21 -59.23
C GLY B 186 -20.52 -13.55 -59.50
N ASP B 187 -20.34 -13.05 -60.71
CA ASP B 187 -19.07 -12.40 -61.11
C ASP B 187 -18.82 -11.13 -60.33
N LYS B 188 -17.56 -10.92 -59.98
CA LYS B 188 -17.14 -9.76 -59.21
C LYS B 188 -16.03 -8.97 -59.89
N VAL B 189 -16.00 -7.68 -59.62
CA VAL B 189 -14.98 -6.78 -60.15
C VAL B 189 -14.73 -5.68 -59.14
N LYS B 190 -13.50 -5.18 -59.10
CA LYS B 190 -13.14 -4.11 -58.17
C LYS B 190 -12.90 -2.82 -58.92
N ALA B 191 -12.76 -1.74 -58.16
CA ALA B 191 -12.51 -0.42 -58.71
C ALA B 191 -11.68 0.26 -57.64
N HIS B 192 -10.38 0.36 -57.88
CA HIS B 192 -9.48 0.96 -56.89
C HIS B 192 -9.03 2.39 -57.17
N TYR B 193 -9.16 3.24 -56.15
CA TYR B 193 -8.76 4.64 -56.24
C TYR B 193 -7.82 4.97 -55.09
N GLY B 194 -6.53 4.99 -55.39
CA GLY B 194 -5.55 5.30 -54.38
C GLY B 194 -5.72 6.64 -53.68
N GLY B 195 -6.49 7.54 -54.28
CA GLY B 195 -6.72 8.84 -53.68
C GLY B 195 -8.20 9.07 -53.50
N PHE B 196 -8.59 9.61 -52.35
CA PHE B 196 -10.00 9.86 -52.03
C PHE B 196 -10.20 10.93 -50.97
N THR B 197 -11.10 11.86 -51.26
CA THR B 197 -11.42 12.97 -50.36
C THR B 197 -12.87 13.42 -50.43
N VAL B 198 -13.36 13.93 -49.30
CA VAL B 198 -14.72 14.44 -49.20
C VAL B 198 -14.67 15.68 -48.31
N GLN B 199 -14.98 16.83 -48.88
CA GLN B 199 -14.95 18.08 -48.15
C GLN B 199 -16.07 18.20 -47.16
N ASN B 200 -16.03 19.27 -46.36
CA ASN B 200 -17.06 19.52 -45.36
C ASN B 200 -18.40 19.85 -46.02
N GLU B 201 -19.44 19.94 -45.20
CA GLU B 201 -20.78 20.23 -45.69
C GLU B 201 -20.79 21.57 -46.41
N ALA B 202 -19.99 22.51 -45.89
CA ALA B 202 -19.86 23.85 -46.45
C ALA B 202 -19.44 23.80 -47.91
N ASN B 203 -18.54 22.88 -48.24
CA ASN B 203 -18.09 22.71 -49.60
C ASN B 203 -18.98 21.68 -50.28
N LYS B 204 -20.15 21.45 -49.69
CA LYS B 204 -21.15 20.52 -50.21
C LYS B 204 -20.62 19.08 -50.42
N TYR B 205 -19.68 18.67 -49.57
CA TYR B 205 -19.08 17.32 -49.62
C TYR B 205 -18.46 17.01 -50.99
N GLN B 206 -17.79 17.99 -51.59
CA GLN B 206 -17.18 17.82 -52.89
C GLN B 206 -16.21 16.63 -52.91
N ILE B 207 -16.47 15.69 -53.80
CA ILE B 207 -15.67 14.47 -53.94
C ILE B 207 -14.48 14.63 -54.86
N SER B 208 -13.42 13.86 -54.60
CA SER B 208 -12.22 13.89 -55.42
C SER B 208 -11.45 12.59 -55.25
N VAL B 209 -11.17 11.94 -56.38
CA VAL B 209 -10.44 10.67 -56.40
C VAL B 209 -9.36 10.64 -57.47
N ASN B 210 -8.55 9.58 -57.47
CA ASN B 210 -7.49 9.42 -58.45
C ASN B 210 -6.73 8.10 -58.27
N LYS B 211 -5.74 7.88 -59.14
CA LYS B 211 -4.93 6.67 -59.10
C LYS B 211 -5.79 5.43 -59.26
N TYR B 212 -6.50 5.34 -60.39
CA TYR B 212 -7.35 4.20 -60.67
C TYR B 212 -6.55 2.96 -61.03
N ARG B 213 -6.98 1.83 -60.48
CA ARG B 213 -6.34 0.55 -60.73
C ARG B 213 -7.28 -0.60 -60.37
N GLY B 214 -8.39 -0.70 -61.09
CA GLY B 214 -9.35 -1.76 -60.83
C GLY B 214 -9.63 -2.65 -62.03
N THR B 215 -10.80 -3.27 -62.04
CA THR B 215 -11.18 -4.16 -63.12
C THR B 215 -12.59 -3.84 -63.63
N ALA B 216 -13.35 -3.08 -62.86
CA ALA B 216 -14.72 -2.74 -63.24
C ALA B 216 -14.86 -1.60 -64.24
N GLY B 217 -13.86 -0.72 -64.28
CA GLY B 217 -13.90 0.41 -65.20
C GLY B 217 -13.87 1.73 -64.45
N ASN B 218 -13.01 2.65 -64.89
CA ASN B 218 -12.86 3.96 -64.25
C ASN B 218 -14.04 4.89 -64.58
N ALA B 219 -15.19 4.57 -64.00
CA ALA B 219 -16.41 5.33 -64.19
C ALA B 219 -16.41 6.70 -63.51
N LEU B 220 -15.60 6.85 -62.47
CA LEU B 220 -15.57 8.11 -61.73
C LEU B 220 -14.78 9.25 -62.36
N MET B 221 -13.65 8.91 -62.97
CA MET B 221 -12.78 9.92 -63.57
C MET B 221 -12.96 10.02 -65.08
N ASP B 222 -13.38 8.92 -65.69
CA ASP B 222 -13.54 8.87 -67.13
C ASP B 222 -14.96 8.89 -67.66
N GLY B 223 -15.96 8.74 -66.79
CA GLY B 223 -17.34 8.73 -67.25
C GLY B 223 -17.67 7.40 -67.92
N ALA B 224 -18.87 7.32 -68.50
CA ALA B 224 -19.32 6.10 -69.15
C ALA B 224 -18.53 5.78 -70.42
N SER B 225 -18.11 4.53 -70.55
CA SER B 225 -17.34 4.07 -71.70
C SER B 225 -18.21 3.81 -72.93
N GLN B 226 -19.49 4.19 -72.83
CA GLN B 226 -20.43 4.02 -73.94
C GLN B 226 -20.90 5.35 -74.51
N LEU B 227 -20.39 6.46 -73.96
CA LEU B 227 -20.77 7.78 -74.43
C LEU B 227 -19.65 8.53 -75.14
N MET B 228 -20.04 9.40 -76.08
CA MET B 228 -19.09 10.17 -76.87
C MET B 228 -19.00 11.65 -76.50
N GLY B 229 -17.89 12.28 -76.89
CA GLY B 229 -17.67 13.70 -76.65
C GLY B 229 -18.19 14.23 -75.33
N GLU B 230 -18.76 15.43 -75.35
CA GLU B 230 -19.29 16.06 -74.16
C GLU B 230 -20.20 15.13 -73.35
N ASN B 231 -20.94 14.28 -74.05
CA ASN B 231 -21.84 13.32 -73.39
C ASN B 231 -21.09 12.55 -72.31
N ARG B 232 -19.94 11.99 -72.68
CA ARG B 232 -19.10 11.25 -71.74
C ARG B 232 -18.45 12.17 -70.70
N THR B 233 -17.85 13.25 -71.17
CA THR B 233 -17.17 14.22 -70.31
C THR B 233 -18.04 14.81 -69.21
N MET B 234 -19.35 14.87 -69.43
CA MET B 234 -20.25 15.44 -68.43
C MET B 234 -20.92 14.43 -67.49
N THR B 235 -20.33 13.24 -67.38
CA THR B 235 -20.86 12.22 -66.47
C THR B 235 -19.78 11.82 -65.47
N ILE B 236 -18.70 12.60 -65.45
CA ILE B 236 -17.58 12.40 -64.56
C ILE B 236 -18.00 12.87 -63.18
N HIS B 237 -17.76 12.04 -62.18
CA HIS B 237 -18.14 12.37 -60.81
C HIS B 237 -17.08 13.09 -60.02
N ASN B 238 -15.82 12.96 -60.43
CA ASN B 238 -14.73 13.64 -59.72
C ASN B 238 -14.97 15.14 -59.75
N GLY B 239 -14.88 15.76 -58.57
CA GLY B 239 -15.12 17.18 -58.46
C GLY B 239 -16.60 17.53 -58.40
N MET B 240 -17.47 16.53 -58.45
CA MET B 240 -18.90 16.78 -58.39
C MET B 240 -19.38 16.95 -56.97
N PHE B 241 -20.54 17.60 -56.83
CA PHE B 241 -21.14 17.82 -55.53
C PHE B 241 -22.17 16.74 -55.23
N PHE B 242 -22.40 16.51 -53.95
CA PHE B 242 -23.37 15.52 -53.52
C PHE B 242 -24.77 16.11 -53.67
N SER B 243 -25.71 15.27 -54.13
CA SER B 243 -27.09 15.73 -54.32
C SER B 243 -28.10 14.67 -53.90
N THR B 244 -29.19 15.12 -53.27
CA THR B 244 -30.28 14.24 -52.85
C THR B 244 -31.53 14.77 -53.49
N TYR B 245 -32.59 13.96 -53.48
CA TYR B 245 -33.83 14.36 -54.12
C TYR B 245 -34.48 15.63 -53.60
N ASP B 246 -33.91 16.17 -52.53
CA ASP B 246 -34.40 17.39 -51.95
C ASP B 246 -33.29 18.43 -51.86
N ARG B 247 -32.20 18.22 -52.60
CA ARG B 247 -31.07 19.14 -52.57
C ARG B 247 -30.26 19.06 -53.85
N ASP B 248 -30.51 20.02 -54.76
CA ASP B 248 -29.83 20.08 -56.04
C ASP B 248 -28.45 20.75 -55.99
N ASN B 249 -27.44 20.01 -56.43
CA ASN B 249 -26.06 20.46 -56.51
C ASN B 249 -25.39 19.73 -57.67
N ASP B 250 -26.22 19.19 -58.58
CA ASP B 250 -25.73 18.45 -59.74
C ASP B 250 -25.16 19.31 -60.86
N GLY B 251 -24.66 18.64 -61.90
CA GLY B 251 -24.06 19.33 -63.03
C GLY B 251 -25.11 19.84 -63.99
N TRP B 252 -26.37 19.53 -63.70
CA TRP B 252 -27.50 19.93 -64.54
C TRP B 252 -27.95 21.34 -64.13
N LEU B 253 -27.26 22.34 -64.68
CA LEU B 253 -27.50 23.76 -64.38
C LEU B 253 -28.79 24.41 -64.89
N THR B 254 -29.58 23.68 -65.68
CA THR B 254 -30.82 24.20 -66.24
C THR B 254 -31.79 24.76 -65.20
N SER B 255 -32.58 25.75 -65.62
CA SER B 255 -33.57 26.39 -64.75
C SER B 255 -34.89 25.62 -64.73
N ASP B 256 -34.98 24.59 -65.58
CA ASP B 256 -36.16 23.75 -65.66
C ASP B 256 -36.25 22.85 -64.43
N PRO B 257 -37.30 23.04 -63.62
CA PRO B 257 -37.58 22.29 -62.39
C PRO B 257 -37.73 20.78 -62.57
N ARG B 258 -38.30 20.37 -63.70
CA ARG B 258 -38.51 18.95 -63.96
C ARG B 258 -37.22 18.18 -64.25
N LYS B 259 -36.10 18.89 -64.41
CA LYS B 259 -34.81 18.26 -64.69
C LYS B 259 -33.76 18.33 -63.59
N GLN B 260 -33.67 17.23 -62.84
CA GLN B 260 -32.74 17.08 -61.74
C GLN B 260 -32.23 15.65 -61.82
N CYS B 261 -30.99 15.42 -61.40
CA CYS B 261 -30.43 14.08 -61.46
C CYS B 261 -30.93 13.14 -60.36
N SER B 262 -31.41 13.70 -59.27
CA SER B 262 -31.92 12.90 -58.16
C SER B 262 -33.40 13.21 -57.91
N LYS B 263 -34.27 12.35 -58.42
CA LYS B 263 -35.71 12.53 -58.23
C LYS B 263 -36.12 11.81 -56.95
N GLU B 264 -37.42 11.81 -56.65
CA GLU B 264 -37.92 11.19 -55.43
C GLU B 264 -37.56 9.71 -55.33
N ASP B 265 -37.07 9.32 -54.15
CA ASP B 265 -36.63 7.95 -53.84
C ASP B 265 -35.35 7.61 -54.62
N GLY B 266 -34.62 8.64 -55.01
CA GLY B 266 -33.39 8.45 -55.73
C GLY B 266 -32.24 8.55 -54.76
N GLY B 267 -31.26 7.65 -54.89
CA GLY B 267 -30.13 7.66 -53.99
C GLY B 267 -29.34 8.96 -54.08
N GLY B 268 -28.83 9.39 -52.93
CA GLY B 268 -28.03 10.59 -52.90
C GLY B 268 -26.65 10.20 -53.40
N TRP B 269 -26.11 10.98 -54.33
CA TRP B 269 -24.81 10.67 -54.92
C TRP B 269 -24.18 11.91 -55.55
N TRP B 270 -22.91 11.82 -55.91
CA TRP B 270 -22.19 12.92 -56.54
C TRP B 270 -22.50 12.96 -58.04
N TYR B 271 -23.60 13.60 -58.39
CA TYR B 271 -24.05 13.70 -59.79
C TYR B 271 -23.39 14.84 -60.56
N ASN B 272 -23.43 14.72 -61.88
CA ASN B 272 -22.86 15.69 -62.81
C ASN B 272 -23.57 15.37 -64.11
N ARG B 273 -24.56 16.18 -64.50
CA ARG B 273 -25.35 15.90 -65.71
C ARG B 273 -25.72 14.43 -65.59
N CYS B 274 -25.94 14.09 -64.32
CA CYS B 274 -26.32 12.80 -63.81
C CYS B 274 -25.22 11.78 -63.51
N HIS B 275 -24.97 10.77 -64.35
CA HIS B 275 -23.96 9.81 -63.92
C HIS B 275 -23.32 8.84 -64.87
N ALA B 276 -22.38 8.09 -64.30
CA ALA B 276 -21.63 7.05 -64.98
C ALA B 276 -21.79 5.82 -64.08
N ALA B 277 -22.10 6.09 -62.80
CA ALA B 277 -22.28 5.06 -61.80
C ALA B 277 -23.06 5.62 -60.61
N ASN B 278 -23.79 4.74 -59.91
CA ASN B 278 -24.56 5.12 -58.72
C ASN B 278 -24.82 3.92 -57.82
N PRO B 279 -23.91 3.68 -56.86
CA PRO B 279 -24.01 2.57 -55.91
C PRO B 279 -25.08 2.77 -54.84
N ASN B 280 -25.78 3.91 -54.89
CA ASN B 280 -26.84 4.21 -53.94
C ASN B 280 -28.20 4.18 -54.61
N GLY B 281 -28.21 3.84 -55.89
CA GLY B 281 -29.47 3.77 -56.63
C GLY B 281 -30.40 2.69 -56.13
N ARG B 282 -31.60 2.65 -56.70
CA ARG B 282 -32.63 1.68 -56.33
C ARG B 282 -32.19 0.26 -56.61
N TYR B 283 -32.41 -0.60 -55.62
CA TYR B 283 -32.03 -2.01 -55.71
C TYR B 283 -33.04 -2.83 -56.50
N TYR B 284 -32.78 -2.93 -57.81
CA TYR B 284 -33.63 -3.71 -58.71
C TYR B 284 -33.23 -5.18 -58.59
N TRP B 285 -34.23 -6.04 -58.39
CA TRP B 285 -33.97 -7.46 -58.25
C TRP B 285 -33.74 -8.12 -59.62
N GLY B 286 -32.69 -8.94 -59.72
CA GLY B 286 -32.40 -9.63 -60.97
C GLY B 286 -31.40 -8.93 -61.88
N GLY B 287 -31.06 -7.68 -61.56
CA GLY B 287 -30.10 -6.95 -62.38
C GLY B 287 -30.70 -6.12 -63.49
N GLN B 288 -31.12 -6.78 -64.57
CA GLN B 288 -31.71 -6.10 -65.70
C GLN B 288 -33.08 -5.52 -65.39
N TYR B 289 -33.27 -4.25 -65.77
CA TYR B 289 -34.55 -3.57 -65.56
C TYR B 289 -34.81 -2.57 -66.69
N THR B 290 -36.10 -2.30 -66.97
CA THR B 290 -36.47 -1.39 -68.05
C THR B 290 -37.12 -0.07 -67.66
N TRP B 291 -37.19 0.82 -68.66
CA TRP B 291 -37.76 2.16 -68.52
C TRP B 291 -39.17 2.19 -67.96
N ASP B 292 -39.98 1.23 -68.39
CA ASP B 292 -41.36 1.13 -67.93
C ASP B 292 -41.45 0.50 -66.54
N MET B 293 -40.31 0.34 -65.89
CA MET B 293 -40.25 -0.23 -64.55
C MET B 293 -39.79 0.82 -63.55
N ALA B 294 -38.92 1.71 -64.03
CA ALA B 294 -38.36 2.80 -63.22
C ALA B 294 -39.43 3.85 -62.92
N LYS B 295 -39.45 4.30 -61.67
CA LYS B 295 -40.41 5.28 -61.21
C LYS B 295 -40.55 6.49 -62.13
N HIS B 296 -39.41 7.07 -62.51
CA HIS B 296 -39.43 8.25 -63.37
C HIS B 296 -38.95 7.91 -64.77
N GLY B 297 -38.85 6.62 -65.07
CA GLY B 297 -38.37 6.19 -66.38
C GLY B 297 -36.90 6.52 -66.49
N THR B 298 -36.18 6.35 -65.39
CA THR B 298 -34.75 6.64 -65.33
C THR B 298 -33.88 5.46 -64.95
N ASP B 299 -32.57 5.65 -65.08
CA ASP B 299 -31.59 4.62 -64.76
C ASP B 299 -31.19 4.83 -63.30
N ASP B 300 -32.19 4.80 -62.43
CA ASP B 300 -31.99 5.04 -61.00
C ASP B 300 -31.50 3.88 -60.14
N GLY B 301 -31.17 2.74 -60.76
CA GLY B 301 -30.70 1.61 -59.99
C GLY B 301 -29.25 1.67 -59.54
N VAL B 302 -28.76 0.55 -59.00
CA VAL B 302 -27.38 0.45 -58.53
C VAL B 302 -26.51 0.15 -59.76
N VAL B 303 -26.27 1.18 -60.57
CA VAL B 303 -25.50 1.01 -61.80
C VAL B 303 -24.01 1.30 -61.78
N TRP B 304 -23.33 0.71 -62.77
CA TRP B 304 -21.90 0.89 -63.00
C TRP B 304 -21.75 0.60 -64.48
N MET B 305 -22.02 1.63 -65.27
CA MET B 305 -21.99 1.55 -66.71
C MET B 305 -20.74 0.95 -67.34
N ASN B 306 -19.57 1.46 -66.93
CA ASN B 306 -18.31 0.97 -67.48
C ASN B 306 -18.15 -0.54 -67.37
N TRP B 307 -19.02 -1.19 -66.59
CA TRP B 307 -18.98 -2.63 -66.46
C TRP B 307 -20.22 -3.28 -67.05
N LYS B 308 -21.19 -3.62 -66.21
CA LYS B 308 -22.41 -4.29 -66.67
C LYS B 308 -23.40 -3.51 -67.52
N GLY B 309 -23.03 -2.31 -67.94
CA GLY B 309 -23.90 -1.54 -68.79
C GLY B 309 -24.84 -0.57 -68.09
N SER B 310 -25.79 -0.07 -68.87
CA SER B 310 -26.75 0.93 -68.39
C SER B 310 -27.86 0.42 -67.47
N TRP B 311 -28.92 -0.17 -68.03
CA TRP B 311 -30.03 -0.65 -67.24
C TRP B 311 -29.80 -1.97 -66.53
N TYR B 312 -28.84 -1.97 -65.63
CA TYR B 312 -28.48 -3.17 -64.86
C TYR B 312 -28.07 -2.79 -63.43
N SER B 313 -28.82 -3.29 -62.46
CA SER B 313 -28.56 -3.06 -61.04
C SER B 313 -27.72 -4.21 -60.48
N MET B 314 -26.60 -3.89 -59.83
CA MET B 314 -25.70 -4.90 -59.27
C MET B 314 -26.34 -5.68 -58.13
N ARG B 315 -25.90 -6.91 -57.91
CA ARG B 315 -26.45 -7.72 -56.81
C ARG B 315 -25.77 -7.34 -55.51
N LYS B 316 -24.47 -7.09 -55.58
CA LYS B 316 -23.67 -6.70 -54.42
C LYS B 316 -22.82 -5.50 -54.79
N MET B 317 -22.74 -4.52 -53.88
CA MET B 317 -21.98 -3.29 -54.10
C MET B 317 -21.55 -2.66 -52.77
N SER B 318 -20.26 -2.34 -52.64
CA SER B 318 -19.72 -1.76 -51.42
C SER B 318 -18.60 -0.73 -51.62
N MET B 319 -18.38 0.07 -50.58
CA MET B 319 -17.35 1.11 -50.57
C MET B 319 -16.60 1.03 -49.24
N LYS B 320 -15.34 0.65 -49.30
CA LYS B 320 -14.51 0.53 -48.10
C LYS B 320 -13.47 1.65 -48.07
N ILE B 321 -12.72 1.74 -46.98
CA ILE B 321 -11.70 2.78 -46.86
C ILE B 321 -10.52 2.37 -45.98
N ARG B 322 -9.34 2.81 -46.39
CA ARG B 322 -8.10 2.47 -45.70
C ARG B 322 -7.09 3.58 -45.90
N PRO B 323 -6.30 3.90 -44.86
CA PRO B 323 -5.27 4.95 -44.95
C PRO B 323 -4.17 4.46 -45.89
N PHE B 324 -3.96 5.18 -46.98
CA PHE B 324 -2.93 4.77 -47.91
C PHE B 324 -1.59 5.33 -47.47
N PHE B 325 -0.61 4.44 -47.34
CA PHE B 325 0.74 4.85 -46.94
C PHE B 325 1.66 4.94 -48.15
N PRO B 326 2.38 6.08 -48.28
CA PRO B 326 3.32 6.40 -49.36
C PRO B 326 4.30 5.30 -49.76
N GLU C 5 -85.65 -3.29 -92.25
CA GLU C 5 -84.59 -3.77 -93.19
C GLU C 5 -83.98 -5.06 -92.64
N ILE C 6 -83.48 -5.89 -93.54
CA ILE C 6 -82.87 -7.18 -93.18
C ILE C 6 -81.78 -7.00 -92.12
N MET C 7 -80.74 -6.25 -92.48
CA MET C 7 -79.62 -6.00 -91.59
C MET C 7 -79.88 -4.94 -90.54
N LYS C 8 -80.19 -5.41 -89.33
CA LYS C 8 -80.46 -4.54 -88.19
C LYS C 8 -79.22 -4.43 -87.31
N TYR C 9 -78.18 -3.77 -87.84
CA TYR C 9 -76.93 -3.58 -87.11
C TYR C 9 -76.97 -2.37 -86.18
N GLU C 10 -77.89 -1.44 -86.44
CA GLU C 10 -78.04 -0.24 -85.63
C GLU C 10 -78.69 -0.57 -84.28
N ALA C 11 -78.57 -1.84 -83.89
CA ALA C 11 -79.11 -2.35 -82.63
C ALA C 11 -78.01 -3.05 -81.84
N SER C 12 -76.89 -3.33 -82.51
CA SER C 12 -75.74 -3.96 -81.90
C SER C 12 -74.75 -2.90 -81.43
N ILE C 13 -74.77 -1.75 -82.09
CA ILE C 13 -73.86 -0.68 -81.69
C ILE C 13 -74.23 -0.26 -80.29
N LEU C 14 -75.53 -0.24 -79.99
CA LEU C 14 -75.99 0.15 -78.67
C LEU C 14 -75.59 -0.90 -77.65
N THR C 15 -75.36 -2.12 -78.13
CA THR C 15 -74.92 -3.21 -77.27
C THR C 15 -73.47 -2.89 -76.95
N HIS C 16 -72.74 -2.47 -77.98
CA HIS C 16 -71.35 -2.10 -77.82
C HIS C 16 -71.25 -0.80 -77.07
N ASP C 17 -72.25 0.06 -77.26
CA ASP C 17 -72.28 1.36 -76.60
C ASP C 17 -72.17 1.15 -75.10
N SER C 18 -72.93 0.18 -74.60
CA SER C 18 -72.92 -0.15 -73.17
C SER C 18 -71.64 -0.89 -72.79
N SER C 19 -71.13 -1.72 -73.71
CA SER C 19 -69.90 -2.47 -73.48
C SER C 19 -68.78 -1.49 -73.22
N ILE C 20 -68.69 -0.47 -74.06
CA ILE C 20 -67.68 0.55 -73.95
C ILE C 20 -67.84 1.25 -72.61
N ARG C 21 -69.05 1.71 -72.32
CA ARG C 21 -69.36 2.39 -71.07
C ARG C 21 -68.92 1.57 -69.86
N TYR C 22 -69.12 0.26 -69.93
CA TYR C 22 -68.75 -0.64 -68.83
C TYR C 22 -67.26 -0.54 -68.54
N LEU C 23 -66.47 -0.75 -69.59
CA LEU C 23 -65.03 -0.70 -69.48
C LEU C 23 -64.53 0.65 -68.95
N GLN C 24 -65.09 1.75 -69.46
CA GLN C 24 -64.69 3.07 -69.01
C GLN C 24 -64.82 3.16 -67.50
N GLU C 25 -65.94 2.65 -66.97
CA GLU C 25 -66.20 2.67 -65.53
C GLU C 25 -65.21 1.84 -64.72
N ILE C 26 -64.64 0.83 -65.37
CA ILE C 26 -63.64 -0.04 -64.74
C ILE C 26 -62.27 0.63 -64.78
N TYR C 27 -61.93 1.18 -65.94
CA TYR C 27 -60.67 1.87 -66.11
C TYR C 27 -60.65 3.01 -65.11
N ASN C 28 -61.71 3.81 -65.12
CA ASN C 28 -61.83 4.93 -64.21
C ASN C 28 -61.76 4.53 -62.73
N SER C 29 -62.30 3.36 -62.41
CA SER C 29 -62.27 2.89 -61.02
C SER C 29 -60.87 2.40 -60.70
N ASN C 30 -60.23 1.72 -61.64
CA ASN C 30 -58.87 1.23 -61.40
C ASN C 30 -57.97 2.40 -61.09
N ASN C 31 -58.05 3.44 -61.92
CA ASN C 31 -57.25 4.65 -61.73
C ASN C 31 -57.37 5.18 -60.30
N GLN C 32 -58.60 5.23 -59.82
CA GLN C 32 -58.85 5.72 -58.47
C GLN C 32 -58.21 4.80 -57.43
N LYS C 33 -58.52 3.50 -57.50
CA LYS C 33 -57.96 2.54 -56.57
C LYS C 33 -56.44 2.62 -56.57
N ILE C 34 -55.87 2.89 -57.75
CA ILE C 34 -54.42 3.03 -57.89
C ILE C 34 -53.95 4.22 -57.09
N VAL C 35 -54.66 5.34 -57.24
CA VAL C 35 -54.31 6.55 -56.52
C VAL C 35 -54.32 6.30 -55.03
N ASN C 36 -55.30 5.52 -54.56
CA ASN C 36 -55.41 5.19 -53.14
C ASN C 36 -54.25 4.31 -52.72
N LEU C 37 -53.97 3.32 -53.54
CA LEU C 37 -52.89 2.37 -53.28
C LEU C 37 -51.57 3.07 -53.10
N LYS C 38 -51.33 4.12 -53.89
CA LYS C 38 -50.09 4.86 -53.79
C LYS C 38 -50.01 5.65 -52.48
N GLU C 39 -51.16 6.08 -51.97
CA GLU C 39 -51.20 6.82 -50.72
C GLU C 39 -50.94 5.88 -49.53
N LYS C 40 -51.03 4.58 -49.79
CA LYS C 40 -50.81 3.56 -48.77
C LYS C 40 -49.33 3.16 -48.65
N VAL C 41 -48.66 3.01 -49.80
CA VAL C 41 -47.24 2.64 -49.81
C VAL C 41 -46.39 3.72 -49.17
N ALA C 42 -46.81 4.97 -49.37
CA ALA C 42 -46.12 6.12 -48.81
C ALA C 42 -46.18 5.95 -47.30
N GLN C 43 -47.34 5.53 -46.80
CA GLN C 43 -47.55 5.31 -45.39
C GLN C 43 -46.71 4.13 -44.93
N LEU C 44 -46.59 3.11 -45.78
CA LEU C 44 -45.78 1.95 -45.44
C LEU C 44 -44.29 2.31 -45.46
N GLU C 45 -43.83 2.92 -46.55
CA GLU C 45 -42.44 3.31 -46.71
C GLU C 45 -41.93 4.07 -45.48
N ALA C 46 -42.81 4.88 -44.90
CA ALA C 46 -42.45 5.65 -43.71
C ALA C 46 -42.07 4.70 -42.59
N GLN C 47 -42.69 3.52 -42.56
CA GLN C 47 -42.40 2.50 -41.54
C GLN C 47 -40.97 2.02 -41.68
N CYS C 48 -40.67 1.42 -42.82
CA CYS C 48 -39.35 0.91 -43.09
C CYS C 48 -38.35 2.05 -43.37
N GLN C 49 -38.05 2.84 -42.34
CA GLN C 49 -37.10 3.93 -42.46
C GLN C 49 -36.04 3.90 -41.37
N GLU C 50 -36.34 3.23 -40.26
CA GLU C 50 -35.41 3.13 -39.14
C GLU C 50 -34.72 1.77 -39.13
N PRO C 51 -33.47 1.71 -38.66
CA PRO C 51 -32.72 0.44 -38.61
C PRO C 51 -33.18 -0.46 -37.47
N CYS C 52 -32.67 -1.69 -37.45
CA CYS C 52 -33.05 -2.62 -36.40
C CYS C 52 -32.48 -2.06 -35.11
N LYS C 53 -33.20 -2.23 -34.00
CA LYS C 53 -32.71 -1.70 -32.74
C LYS C 53 -31.72 -2.62 -32.04
N ASP C 54 -30.52 -2.11 -31.80
CA ASP C 54 -29.49 -2.87 -31.11
C ASP C 54 -29.72 -2.73 -29.63
N THR C 55 -29.97 -3.86 -28.97
CA THR C 55 -30.22 -3.89 -27.54
C THR C 55 -29.06 -3.34 -26.72
N VAL C 56 -27.86 -3.35 -27.28
CA VAL C 56 -26.69 -2.84 -26.55
C VAL C 56 -26.55 -1.32 -26.62
N GLN C 57 -26.29 -0.71 -25.46
CA GLN C 57 -26.13 0.73 -25.37
C GLN C 57 -25.08 1.12 -24.32
N ILE C 58 -24.39 2.24 -24.56
CA ILE C 58 -23.37 2.76 -23.65
C ILE C 58 -23.93 3.88 -22.79
N HIS C 59 -23.46 3.98 -21.56
CA HIS C 59 -23.93 5.02 -20.65
C HIS C 59 -23.17 6.32 -20.78
N ASP C 60 -23.93 7.40 -20.75
CA ASP C 60 -23.41 8.76 -20.91
C ASP C 60 -22.49 9.26 -19.79
N ILE C 61 -22.47 8.54 -18.67
CA ILE C 61 -21.64 8.91 -17.54
C ILE C 61 -20.19 8.51 -17.85
N THR C 62 -19.27 9.42 -17.55
CA THR C 62 -17.84 9.19 -17.81
C THR C 62 -16.97 9.65 -16.63
N GLY C 63 -15.86 8.96 -16.42
CA GLY C 63 -14.96 9.32 -15.33
C GLY C 63 -13.52 8.84 -15.49
N LYS C 64 -12.82 8.74 -14.38
CA LYS C 64 -11.43 8.30 -14.39
C LYS C 64 -11.37 6.79 -14.27
N ASP C 65 -12.43 6.21 -13.69
CA ASP C 65 -12.55 4.77 -13.53
C ASP C 65 -13.97 4.45 -13.05
N CYS C 66 -14.34 3.18 -13.09
CA CYS C 66 -15.68 2.77 -12.68
C CYS C 66 -16.09 3.32 -11.32
N GLN C 67 -15.14 3.46 -10.40
CA GLN C 67 -15.50 4.00 -9.10
C GLN C 67 -15.85 5.47 -9.19
N ASP C 68 -14.98 6.25 -9.85
CA ASP C 68 -15.22 7.68 -10.01
C ASP C 68 -16.58 7.90 -10.66
N ILE C 69 -16.94 7.01 -11.57
CA ILE C 69 -18.21 7.11 -12.27
C ILE C 69 -19.38 6.90 -11.31
N ALA C 70 -19.28 5.88 -10.47
CA ALA C 70 -20.31 5.57 -9.49
C ALA C 70 -20.59 6.78 -8.58
N ASN C 71 -19.51 7.45 -8.16
CA ASN C 71 -19.60 8.62 -7.29
C ASN C 71 -20.39 9.72 -7.98
N LYS C 72 -20.27 9.79 -9.29
CA LYS C 72 -20.98 10.79 -10.05
C LYS C 72 -22.47 10.49 -10.11
N GLY C 73 -22.83 9.21 -9.97
CA GLY C 73 -24.24 8.86 -10.00
C GLY C 73 -24.64 7.51 -10.57
N ALA C 74 -23.76 6.88 -11.33
CA ALA C 74 -24.03 5.57 -11.95
C ALA C 74 -24.61 4.55 -10.96
N LYS C 75 -25.70 3.89 -11.35
CA LYS C 75 -26.37 2.90 -10.49
C LYS C 75 -26.43 1.48 -11.08
N GLN C 76 -26.29 1.38 -12.39
CA GLN C 76 -26.34 0.07 -13.05
C GLN C 76 -24.99 -0.37 -13.60
N SER C 77 -24.71 -1.66 -13.46
CA SER C 77 -23.46 -2.21 -13.94
C SER C 77 -23.55 -2.55 -15.42
N GLY C 78 -22.99 -1.66 -16.24
CA GLY C 78 -22.98 -1.84 -17.68
C GLY C 78 -21.72 -1.31 -18.33
N LEU C 79 -21.86 -0.86 -19.57
CA LEU C 79 -20.73 -0.34 -20.31
C LEU C 79 -20.60 1.17 -20.26
N TYR C 80 -19.44 1.63 -19.84
CA TYR C 80 -19.17 3.06 -19.74
C TYR C 80 -17.79 3.37 -20.34
N PHE C 81 -17.54 4.66 -20.58
CA PHE C 81 -16.27 5.13 -21.12
C PHE C 81 -15.45 5.78 -20.03
N ILE C 82 -14.35 5.15 -19.64
CA ILE C 82 -13.51 5.74 -18.61
C ILE C 82 -12.29 6.34 -19.29
N LYS C 83 -11.58 7.16 -18.54
CA LYS C 83 -10.37 7.80 -19.03
C LYS C 83 -9.54 8.34 -17.89
N PRO C 84 -8.49 7.58 -17.50
CA PRO C 84 -7.60 7.97 -16.43
C PRO C 84 -6.87 9.26 -16.78
N LEU C 85 -6.04 9.73 -15.86
CA LEU C 85 -5.31 10.98 -16.07
C LEU C 85 -4.31 10.95 -17.23
N LYS C 86 -3.35 10.03 -17.17
CA LYS C 86 -2.32 9.92 -18.19
C LYS C 86 -2.76 9.17 -19.45
N ALA C 87 -4.07 9.01 -19.64
CA ALA C 87 -4.60 8.30 -20.80
C ALA C 87 -4.66 9.14 -22.07
N ASN C 88 -4.18 8.57 -23.17
CA ASN C 88 -4.18 9.25 -24.47
C ASN C 88 -5.61 9.48 -24.91
N GLN C 89 -6.42 8.44 -24.77
CA GLN C 89 -7.83 8.51 -25.15
C GLN C 89 -8.68 7.70 -24.18
N GLN C 90 -9.99 7.92 -24.23
CA GLN C 90 -10.92 7.19 -23.38
C GLN C 90 -11.05 5.77 -23.96
N PHE C 91 -11.82 4.93 -23.29
CA PHE C 91 -12.03 3.59 -23.76
C PHE C 91 -13.12 2.92 -22.95
N LEU C 92 -13.86 2.06 -23.63
CA LEU C 92 -14.98 1.35 -23.03
C LEU C 92 -14.54 0.27 -22.05
N VAL C 93 -15.39 0.03 -21.04
CA VAL C 93 -15.15 -0.99 -20.02
C VAL C 93 -16.48 -1.46 -19.44
N TYR C 94 -16.45 -2.59 -18.75
CA TYR C 94 -17.64 -3.10 -18.09
C TYR C 94 -17.48 -2.78 -16.61
N CYS C 95 -18.45 -2.07 -16.06
CA CYS C 95 -18.43 -1.71 -14.64
C CYS C 95 -19.39 -2.58 -13.86
N GLU C 96 -19.02 -2.88 -12.61
CA GLU C 96 -19.87 -3.66 -11.71
C GLU C 96 -20.15 -2.78 -10.52
N ILE C 97 -21.41 -2.40 -10.34
CA ILE C 97 -21.81 -1.53 -9.21
C ILE C 97 -22.78 -2.20 -8.26
N ASP C 98 -22.38 -2.34 -7.00
CA ASP C 98 -23.22 -2.97 -5.99
C ASP C 98 -24.16 -2.02 -5.23
N GLY C 99 -24.92 -2.58 -4.29
CA GLY C 99 -25.86 -1.80 -3.49
C GLY C 99 -25.16 -0.77 -2.62
N SER C 100 -23.93 -1.06 -2.22
CA SER C 100 -23.14 -0.17 -1.39
C SER C 100 -22.53 0.95 -2.22
N GLY C 101 -22.76 0.91 -3.54
CA GLY C 101 -22.24 1.93 -4.43
C GLY C 101 -20.76 1.83 -4.74
N ASN C 102 -20.31 0.65 -5.17
CA ASN C 102 -18.90 0.41 -5.50
C ASN C 102 -18.73 0.15 -7.00
N GLY C 103 -17.69 0.76 -7.60
CA GLY C 103 -17.44 0.59 -9.02
C GLY C 103 -16.29 -0.32 -9.39
N TRP C 104 -16.62 -1.57 -9.74
CA TRP C 104 -15.63 -2.57 -10.11
C TRP C 104 -15.32 -2.54 -11.59
N THR C 105 -14.13 -2.05 -11.93
CA THR C 105 -13.70 -2.00 -13.31
C THR C 105 -13.17 -3.40 -13.60
N VAL C 106 -13.89 -4.15 -14.42
CA VAL C 106 -13.48 -5.52 -14.75
C VAL C 106 -12.53 -5.61 -15.94
N PHE C 107 -11.48 -6.43 -15.82
CA PHE C 107 -10.51 -6.59 -16.91
C PHE C 107 -10.32 -8.02 -17.43
N GLN C 108 -11.06 -8.96 -16.86
CA GLN C 108 -10.94 -10.34 -17.29
C GLN C 108 -12.17 -11.08 -16.83
N LYS C 109 -12.77 -11.83 -17.75
CA LYS C 109 -13.97 -12.59 -17.44
C LYS C 109 -14.06 -13.81 -18.33
N ARG C 110 -14.23 -14.97 -17.69
CA ARG C 110 -14.37 -16.24 -18.41
C ARG C 110 -15.70 -16.83 -17.96
N LEU C 111 -16.36 -17.57 -18.85
CA LEU C 111 -17.65 -18.15 -18.51
C LEU C 111 -18.18 -19.22 -19.47
N ASP C 112 -17.55 -19.39 -20.62
CA ASP C 112 -17.99 -20.39 -21.59
C ASP C 112 -16.92 -20.87 -22.56
N GLY C 113 -15.75 -20.23 -22.54
CA GLY C 113 -14.67 -20.62 -23.42
C GLY C 113 -14.91 -20.26 -24.88
N SER C 114 -15.77 -19.27 -25.10
CA SER C 114 -16.09 -18.81 -26.45
C SER C 114 -14.93 -18.01 -27.04
N VAL C 115 -14.09 -17.46 -26.15
CA VAL C 115 -12.93 -16.69 -26.55
C VAL C 115 -11.65 -17.48 -26.34
N ASP C 116 -10.86 -17.60 -27.42
CA ASP C 116 -9.59 -18.31 -27.39
C ASP C 116 -8.58 -17.41 -26.69
N PHE C 117 -8.02 -17.88 -25.58
CA PHE C 117 -7.07 -17.06 -24.85
C PHE C 117 -5.62 -17.20 -25.28
N LYS C 118 -5.40 -17.96 -26.35
CA LYS C 118 -4.07 -18.14 -26.90
C LYS C 118 -3.88 -16.94 -27.82
N LYS C 119 -3.49 -15.81 -27.23
CA LYS C 119 -3.29 -14.56 -27.96
C LYS C 119 -1.88 -14.02 -27.76
N ASN C 120 -1.36 -13.35 -28.80
CA ASN C 120 -0.02 -12.82 -28.74
C ASN C 120 0.09 -11.60 -27.84
N TRP C 121 1.32 -11.11 -27.73
CA TRP C 121 1.66 -9.94 -26.93
C TRP C 121 0.76 -8.75 -27.23
N ILE C 122 0.71 -8.35 -28.50
CA ILE C 122 -0.13 -7.23 -28.91
C ILE C 122 -1.59 -7.42 -28.53
N GLN C 123 -2.09 -8.63 -28.76
CA GLN C 123 -3.49 -8.96 -28.45
C GLN C 123 -3.81 -8.89 -26.96
N TYR C 124 -2.80 -9.02 -26.12
CA TYR C 124 -2.99 -8.95 -24.67
C TYR C 124 -2.80 -7.52 -24.16
N LYS C 125 -2.07 -6.72 -24.92
CA LYS C 125 -1.80 -5.33 -24.54
C LYS C 125 -3.00 -4.41 -24.83
N GLU C 126 -3.51 -4.51 -26.06
CA GLU C 126 -4.64 -3.71 -26.51
C GLU C 126 -5.96 -4.33 -26.06
N GLY C 127 -5.89 -5.61 -25.71
CA GLY C 127 -7.06 -6.34 -25.22
C GLY C 127 -7.83 -7.07 -26.28
N PHE C 128 -8.47 -8.17 -25.86
CA PHE C 128 -9.26 -8.99 -26.75
C PHE C 128 -10.55 -9.50 -26.13
N GLY C 129 -11.48 -9.93 -26.99
CA GLY C 129 -12.76 -10.45 -26.54
C GLY C 129 -13.85 -9.43 -26.77
N HIS C 130 -15.01 -9.66 -26.17
CA HIS C 130 -16.14 -8.75 -26.32
C HIS C 130 -16.68 -8.20 -25.03
N LEU C 131 -17.27 -7.02 -25.11
CA LEU C 131 -17.85 -6.35 -23.94
C LEU C 131 -19.37 -6.39 -24.01
N SER C 132 -20.01 -6.87 -22.95
CA SER C 132 -21.46 -6.94 -22.89
C SER C 132 -21.94 -6.09 -21.73
N PRO C 133 -23.07 -5.38 -21.90
CA PRO C 133 -23.61 -4.54 -20.83
C PRO C 133 -24.21 -5.38 -19.69
N THR C 134 -24.07 -6.69 -19.79
CA THR C 134 -24.59 -7.61 -18.80
C THR C 134 -23.55 -8.61 -18.28
N GLY C 135 -22.31 -8.43 -18.70
CA GLY C 135 -21.23 -9.31 -18.28
C GLY C 135 -21.53 -10.76 -18.53
N THR C 136 -22.02 -11.07 -19.72
CA THR C 136 -22.32 -12.43 -20.12
C THR C 136 -21.36 -12.81 -21.25
N THR C 137 -20.35 -11.95 -21.40
CA THR C 137 -19.33 -12.08 -22.43
C THR C 137 -17.97 -12.38 -21.79
N GLU C 138 -17.07 -12.94 -22.60
CA GLU C 138 -15.73 -13.33 -22.17
C GLU C 138 -14.74 -12.31 -22.75
N PHE C 139 -13.72 -11.92 -22.00
CA PHE C 139 -12.75 -10.94 -22.51
C PHE C 139 -11.49 -10.70 -21.69
N TRP C 140 -10.65 -9.80 -22.22
CA TRP C 140 -9.41 -9.36 -21.60
C TRP C 140 -9.31 -7.89 -21.96
N LEU C 141 -9.38 -7.02 -20.95
CA LEU C 141 -9.37 -5.59 -21.19
C LEU C 141 -8.14 -5.07 -21.91
N GLY C 142 -6.96 -5.53 -21.51
CA GLY C 142 -5.74 -5.05 -22.14
C GLY C 142 -4.79 -4.53 -21.09
N ASN C 143 -3.60 -5.12 -21.05
CA ASN C 143 -2.57 -4.76 -20.08
C ASN C 143 -2.34 -3.26 -20.01
N GLU C 144 -2.20 -2.62 -21.17
CA GLU C 144 -1.98 -1.18 -21.22
C GLU C 144 -3.09 -0.45 -20.50
N LYS C 145 -4.33 -0.87 -20.74
CA LYS C 145 -5.49 -0.27 -20.10
C LYS C 145 -5.38 -0.53 -18.59
N ILE C 146 -5.22 -1.80 -18.24
CA ILE C 146 -5.09 -2.22 -16.84
C ILE C 146 -4.00 -1.38 -16.15
N HIS C 147 -2.90 -1.19 -16.87
CA HIS C 147 -1.79 -0.40 -16.35
C HIS C 147 -2.26 1.00 -15.99
N LEU C 148 -2.79 1.70 -16.98
CA LEU C 148 -3.25 3.05 -16.81
C LEU C 148 -4.17 3.27 -15.62
N ILE C 149 -5.06 2.31 -15.39
CA ILE C 149 -6.00 2.44 -14.29
C ILE C 149 -5.33 2.27 -12.94
N SER C 150 -4.72 1.10 -12.75
CA SER C 150 -4.03 0.76 -11.50
C SER C 150 -2.92 1.72 -11.08
N THR C 151 -2.24 2.31 -12.06
CA THR C 151 -1.13 3.21 -11.77
C THR C 151 -1.46 4.69 -11.94
N GLN C 152 -2.65 5.11 -11.51
CA GLN C 152 -3.01 6.51 -11.67
C GLN C 152 -3.23 7.25 -10.38
N SER C 153 -2.86 8.53 -10.41
CA SER C 153 -3.00 9.43 -9.27
C SER C 153 -2.21 8.89 -8.07
N ALA C 154 -1.42 7.85 -8.31
CA ALA C 154 -0.61 7.21 -7.26
C ALA C 154 -1.49 6.78 -6.07
N ILE C 155 -2.78 6.64 -6.32
CA ILE C 155 -3.73 6.24 -5.30
C ILE C 155 -3.84 4.72 -5.19
N PRO C 156 -4.06 4.20 -3.96
CA PRO C 156 -4.18 2.78 -3.62
C PRO C 156 -5.34 2.03 -4.26
N TYR C 157 -4.98 0.96 -4.97
CA TYR C 157 -5.95 0.11 -5.65
C TYR C 157 -5.89 -1.31 -5.09
N ALA C 158 -6.93 -2.07 -5.36
CA ALA C 158 -7.01 -3.45 -4.89
C ALA C 158 -7.57 -4.35 -5.98
N LEU C 159 -7.36 -5.65 -5.82
CA LEU C 159 -7.85 -6.62 -6.79
C LEU C 159 -8.63 -7.75 -6.16
N ARG C 160 -9.79 -8.04 -6.73
CA ARG C 160 -10.60 -9.14 -6.25
C ARG C 160 -10.69 -10.15 -7.36
N VAL C 161 -10.64 -11.42 -6.99
CA VAL C 161 -10.73 -12.48 -7.97
C VAL C 161 -11.90 -13.36 -7.56
N GLU C 162 -12.86 -13.55 -8.46
CA GLU C 162 -14.02 -14.38 -8.18
C GLU C 162 -13.94 -15.65 -8.97
N LEU C 163 -14.14 -16.78 -8.29
CA LEU C 163 -14.09 -18.07 -8.94
C LEU C 163 -15.41 -18.80 -8.82
N GLU C 164 -15.66 -19.74 -9.72
CA GLU C 164 -16.87 -20.53 -9.67
C GLU C 164 -16.64 -21.87 -10.29
N ASP C 165 -17.05 -22.92 -9.58
CA ASP C 165 -16.91 -24.27 -10.08
C ASP C 165 -18.15 -24.63 -10.87
N TRP C 166 -18.26 -25.91 -11.21
CA TRP C 166 -19.38 -26.40 -11.98
C TRP C 166 -20.55 -26.84 -11.11
N ASN C 167 -20.64 -26.22 -9.93
CA ASN C 167 -21.69 -26.48 -8.96
C ASN C 167 -22.16 -25.16 -8.39
N GLY C 168 -21.88 -24.09 -9.13
CA GLY C 168 -22.28 -22.76 -8.71
C GLY C 168 -21.56 -22.23 -7.49
N ARG C 169 -20.76 -23.08 -6.86
CA ARG C 169 -20.00 -22.72 -5.67
C ARG C 169 -18.93 -21.69 -6.04
N THR C 170 -18.87 -20.59 -5.30
CA THR C 170 -17.91 -19.53 -5.58
C THR C 170 -16.98 -19.17 -4.44
N SER C 171 -15.93 -18.41 -4.78
CA SER C 171 -14.95 -17.96 -3.81
C SER C 171 -14.22 -16.73 -4.34
N THR C 172 -13.58 -16.00 -3.44
CA THR C 172 -12.84 -14.80 -3.82
C THR C 172 -11.48 -14.71 -3.12
N ALA C 173 -10.61 -13.88 -3.67
CA ALA C 173 -9.27 -13.66 -3.13
C ALA C 173 -8.93 -12.21 -3.45
N ASP C 174 -8.55 -11.46 -2.44
CA ASP C 174 -8.25 -10.06 -2.64
C ASP C 174 -6.79 -9.74 -2.38
N TYR C 175 -6.26 -8.79 -3.14
CA TYR C 175 -4.87 -8.36 -2.99
C TYR C 175 -4.80 -6.86 -2.90
N ALA C 176 -4.30 -6.38 -1.76
CA ALA C 176 -4.18 -4.94 -1.52
C ALA C 176 -2.97 -4.37 -2.23
N MET C 177 -3.04 -3.08 -2.53
CA MET C 177 -1.96 -2.38 -3.21
C MET C 177 -1.66 -3.04 -4.56
N PHE C 178 -2.71 -3.40 -5.28
CA PHE C 178 -2.59 -4.02 -6.61
C PHE C 178 -2.10 -2.96 -7.60
N LYS C 179 -1.31 -3.40 -8.57
CA LYS C 179 -0.72 -2.51 -9.57
C LYS C 179 -0.06 -3.30 -10.68
N VAL C 180 -0.14 -2.77 -11.89
CA VAL C 180 0.50 -3.41 -13.04
C VAL C 180 1.39 -2.36 -13.67
N GLY C 181 2.65 -2.75 -13.91
CA GLY C 181 3.62 -1.83 -14.48
C GLY C 181 3.54 -1.50 -15.95
N PRO C 182 4.35 -0.54 -16.42
CA PRO C 182 4.39 -0.12 -17.82
C PRO C 182 4.93 -1.20 -18.73
N GLU C 183 4.74 -1.02 -20.03
CA GLU C 183 5.21 -1.98 -21.02
C GLU C 183 6.72 -2.12 -20.94
N ALA C 184 7.39 -1.02 -20.62
CA ALA C 184 8.84 -0.99 -20.49
C ALA C 184 9.29 -2.03 -19.48
N ASP C 185 8.40 -2.37 -18.56
CA ASP C 185 8.68 -3.35 -17.53
C ASP C 185 7.79 -4.58 -17.70
N LYS C 186 7.49 -4.91 -18.96
CA LYS C 186 6.67 -6.07 -19.34
C LYS C 186 5.38 -6.25 -18.57
N TYR C 187 4.77 -5.14 -18.15
CA TYR C 187 3.51 -5.17 -17.42
C TYR C 187 3.55 -6.08 -16.18
N ARG C 188 4.64 -5.98 -15.42
CA ARG C 188 4.85 -6.77 -14.22
C ARG C 188 3.80 -6.58 -13.13
N LEU C 189 3.37 -7.70 -12.57
CA LEU C 189 2.39 -7.75 -11.49
C LEU C 189 3.06 -7.38 -10.18
N THR C 190 2.32 -6.66 -9.34
CA THR C 190 2.81 -6.22 -8.03
C THR C 190 1.66 -5.89 -7.08
N TYR C 191 1.81 -6.32 -5.83
CA TYR C 191 0.83 -6.06 -4.77
C TYR C 191 1.55 -6.16 -3.41
N ALA C 192 1.13 -5.34 -2.46
CA ALA C 192 1.74 -5.33 -1.13
C ALA C 192 1.51 -6.67 -0.43
N TYR C 193 0.28 -7.17 -0.51
CA TYR C 193 -0.07 -8.43 0.13
C TYR C 193 -1.45 -8.98 -0.24
N PHE C 194 -1.80 -10.08 0.41
CA PHE C 194 -3.06 -10.77 0.23
C PHE C 194 -4.03 -10.27 1.29
N ALA C 195 -5.13 -9.69 0.85
CA ALA C 195 -6.13 -9.14 1.76
C ALA C 195 -7.15 -10.18 2.24
N GLY C 196 -6.88 -11.46 2.00
CA GLY C 196 -7.79 -12.50 2.44
C GLY C 196 -8.84 -12.89 1.41
N GLY C 197 -9.31 -14.13 1.49
CA GLY C 197 -10.29 -14.63 0.56
C GLY C 197 -10.48 -16.14 0.65
N ASP C 198 -11.74 -16.57 0.67
CA ASP C 198 -12.07 -17.98 0.78
C ASP C 198 -11.49 -18.89 -0.31
N ALA C 199 -10.90 -18.30 -1.34
CA ALA C 199 -10.32 -19.08 -2.43
C ALA C 199 -8.86 -19.43 -2.18
N GLY C 200 -8.17 -18.60 -1.41
CA GLY C 200 -6.77 -18.85 -1.11
C GLY C 200 -5.81 -17.93 -1.83
N ASP C 201 -4.59 -17.84 -1.35
CA ASP C 201 -3.56 -16.98 -1.93
C ASP C 201 -2.63 -17.78 -2.84
N ALA C 202 -3.11 -18.09 -4.04
CA ALA C 202 -2.31 -18.84 -4.99
C ALA C 202 -1.09 -18.01 -5.44
N PHE C 203 -1.24 -16.69 -5.41
CA PHE C 203 -0.17 -15.79 -5.81
C PHE C 203 1.04 -15.91 -4.89
N ASP C 204 0.84 -16.45 -3.70
CA ASP C 204 1.93 -16.63 -2.76
C ASP C 204 2.70 -17.89 -3.13
N GLY C 205 2.44 -18.41 -4.32
CA GLY C 205 3.10 -19.62 -4.75
C GLY C 205 2.32 -20.78 -4.19
N PHE C 206 2.85 -21.98 -4.38
CA PHE C 206 2.18 -23.19 -3.91
C PHE C 206 3.12 -24.38 -4.07
N ASP C 207 3.46 -25.03 -2.96
CA ASP C 207 4.34 -26.18 -3.04
C ASP C 207 3.52 -27.42 -3.33
N PHE C 208 3.43 -27.77 -4.62
CA PHE C 208 2.66 -28.92 -5.06
C PHE C 208 3.16 -30.23 -4.48
N GLY C 209 4.42 -30.59 -4.76
CA GLY C 209 4.96 -31.82 -4.22
C GLY C 209 6.03 -32.49 -5.05
N ASP C 210 6.22 -32.05 -6.29
CA ASP C 210 7.23 -32.59 -7.19
C ASP C 210 8.61 -32.24 -6.66
N ASP C 211 8.83 -30.96 -6.44
CA ASP C 211 10.09 -30.44 -5.93
C ASP C 211 9.80 -29.49 -4.77
N PRO C 212 10.78 -29.28 -3.89
CA PRO C 212 10.65 -28.37 -2.73
C PRO C 212 10.79 -26.88 -3.12
N SER C 213 10.92 -26.65 -4.42
CA SER C 213 11.07 -25.31 -4.99
C SER C 213 9.73 -24.80 -5.47
N ASP C 214 8.82 -25.74 -5.67
CA ASP C 214 7.48 -25.48 -6.16
C ASP C 214 6.84 -24.19 -5.65
N LYS C 215 6.95 -23.93 -4.35
CA LYS C 215 6.36 -22.72 -3.80
C LYS C 215 6.86 -21.42 -4.42
N PHE C 216 8.11 -21.05 -4.16
CA PHE C 216 8.63 -19.82 -4.73
C PHE C 216 8.81 -19.89 -6.23
N PHE C 217 8.58 -21.08 -6.80
CA PHE C 217 8.67 -21.27 -8.23
C PHE C 217 7.30 -21.10 -8.87
N THR C 218 6.30 -20.81 -8.03
CA THR C 218 4.95 -20.61 -8.50
C THR C 218 4.33 -19.37 -7.89
N SER C 219 5.17 -18.52 -7.29
CA SER C 219 4.67 -17.27 -6.71
C SER C 219 4.52 -16.30 -7.88
N HIS C 220 3.49 -15.47 -7.85
CA HIS C 220 3.26 -14.54 -8.94
C HIS C 220 3.53 -13.07 -8.62
N ASN C 221 3.73 -12.75 -7.34
CA ASN C 221 3.99 -11.37 -6.97
C ASN C 221 5.34 -10.99 -7.56
N GLY C 222 5.39 -9.83 -8.23
CA GLY C 222 6.62 -9.34 -8.83
C GLY C 222 6.96 -9.94 -10.18
N MET C 223 6.09 -10.80 -10.71
CA MET C 223 6.33 -11.42 -12.00
C MET C 223 5.86 -10.56 -13.17
N GLN C 224 6.64 -10.58 -14.25
CA GLN C 224 6.32 -9.82 -15.45
C GLN C 224 5.38 -10.62 -16.34
N PHE C 225 4.56 -9.92 -17.12
CA PHE C 225 3.63 -10.59 -18.01
C PHE C 225 4.40 -11.15 -19.19
N SER C 226 4.01 -12.35 -19.64
CA SER C 226 4.65 -13.03 -20.78
C SER C 226 3.66 -13.67 -21.74
N THR C 227 4.08 -13.82 -22.98
CA THR C 227 3.28 -14.46 -24.03
C THR C 227 4.21 -15.41 -24.79
N TRP C 228 3.65 -16.20 -25.72
CA TRP C 228 4.47 -17.11 -26.48
C TRP C 228 5.52 -16.30 -27.27
N ASP C 229 5.14 -15.09 -27.70
CA ASP C 229 6.02 -14.23 -28.47
C ASP C 229 6.68 -13.11 -27.67
N ASN C 230 6.79 -13.32 -26.36
CA ASN C 230 7.41 -12.34 -25.47
C ASN C 230 7.68 -12.96 -24.10
N ASP C 231 8.60 -13.91 -24.08
CA ASP C 231 8.97 -14.62 -22.86
C ASP C 231 9.63 -13.71 -21.84
N ASN C 232 9.16 -13.82 -20.60
CA ASN C 232 9.71 -13.04 -19.51
C ASN C 232 9.66 -13.87 -18.24
N ASP C 233 9.27 -15.13 -18.38
CA ASP C 233 9.19 -16.03 -17.24
C ASP C 233 10.56 -16.36 -16.68
N LYS C 234 10.54 -16.94 -15.50
CA LYS C 234 11.75 -17.35 -14.80
C LYS C 234 11.97 -18.82 -15.11
N PHE C 235 11.60 -19.20 -16.32
CA PHE C 235 11.74 -20.57 -16.79
C PHE C 235 12.70 -20.59 -17.98
N GLU C 236 13.51 -21.64 -18.09
CA GLU C 236 14.46 -21.79 -19.20
C GLU C 236 13.65 -21.81 -20.51
N GLY C 237 12.52 -22.52 -20.46
CA GLY C 237 11.65 -22.62 -21.61
C GLY C 237 10.57 -21.54 -21.62
N ASN C 238 9.55 -21.72 -22.45
CA ASN C 238 8.49 -20.73 -22.56
C ASN C 238 7.15 -21.18 -21.95
N CYS C 239 6.95 -20.86 -20.67
CA CYS C 239 5.72 -21.18 -19.95
C CYS C 239 4.47 -20.76 -20.71
N ALA C 240 4.50 -19.54 -21.24
CA ALA C 240 3.37 -19.00 -22.00
C ALA C 240 3.05 -19.84 -23.20
N GLU C 241 4.07 -20.14 -24.00
CA GLU C 241 3.85 -20.95 -25.19
C GLU C 241 3.40 -22.34 -24.79
N GLN C 242 4.02 -22.91 -23.76
CA GLN C 242 3.65 -24.26 -23.31
C GLN C 242 2.17 -24.38 -22.95
N ASP C 243 1.70 -23.55 -22.02
CA ASP C 243 0.32 -23.58 -21.60
C ASP C 243 -0.60 -23.02 -22.67
N GLY C 244 -0.07 -22.10 -23.47
CA GLY C 244 -0.85 -21.50 -24.53
C GLY C 244 -1.75 -20.37 -24.06
N SER C 245 -1.13 -19.33 -23.49
CA SER C 245 -1.89 -18.20 -22.99
C SER C 245 -0.98 -17.02 -22.69
N GLY C 246 -1.55 -16.05 -21.99
CA GLY C 246 -0.81 -14.87 -21.59
C GLY C 246 -1.04 -14.71 -20.10
N TRP C 247 0.04 -14.72 -19.33
CA TRP C 247 -0.06 -14.60 -17.88
C TRP C 247 1.28 -14.21 -17.27
N TRP C 248 1.28 -13.81 -16.00
CA TRP C 248 2.53 -13.47 -15.32
C TRP C 248 3.07 -14.80 -14.78
N MET C 249 3.91 -15.46 -15.58
CA MET C 249 4.49 -16.76 -15.22
C MET C 249 5.85 -16.67 -14.55
N ASN C 250 6.06 -17.54 -13.56
CA ASN C 250 7.31 -17.63 -12.80
C ASN C 250 7.98 -18.86 -13.45
N LYS C 251 8.18 -19.92 -12.66
CA LYS C 251 8.68 -21.18 -13.21
C LYS C 251 7.33 -21.84 -13.49
N CYS C 252 6.53 -21.00 -14.15
CA CYS C 252 5.16 -21.21 -14.59
C CYS C 252 4.06 -20.71 -13.64
N HIS C 253 3.36 -21.58 -12.92
CA HIS C 253 2.28 -21.05 -12.10
C HIS C 253 1.74 -21.83 -10.92
N ALA C 254 0.77 -21.20 -10.26
CA ALA C 254 0.03 -21.72 -9.10
C ALA C 254 -1.39 -21.14 -9.15
N GLY C 255 -1.54 -20.07 -9.92
CA GLY C 255 -2.82 -19.40 -10.11
C GLY C 255 -2.85 -18.91 -11.55
N HIS C 256 -3.42 -19.73 -12.43
CA HIS C 256 -3.48 -19.43 -13.85
C HIS C 256 -4.90 -19.28 -14.38
N LEU C 257 -5.41 -18.05 -14.46
CA LEU C 257 -6.77 -17.79 -14.92
C LEU C 257 -7.03 -17.70 -16.42
N ASN C 258 -6.00 -17.41 -17.19
CA ASN C 258 -6.19 -17.32 -18.63
C ASN C 258 -5.94 -18.69 -19.26
N GLY C 259 -5.92 -19.71 -18.42
CA GLY C 259 -5.68 -21.07 -18.89
C GLY C 259 -6.77 -21.58 -19.80
N VAL C 260 -6.54 -22.73 -20.42
CA VAL C 260 -7.49 -23.35 -21.33
C VAL C 260 -8.82 -23.66 -20.66
N TYR C 261 -9.91 -23.21 -21.28
CA TYR C 261 -11.26 -23.45 -20.74
C TYR C 261 -11.63 -24.92 -20.91
N TYR C 262 -11.57 -25.65 -19.82
CA TYR C 262 -11.92 -27.07 -19.82
C TYR C 262 -13.34 -27.24 -19.33
N GLN C 263 -14.19 -27.69 -20.24
CA GLN C 263 -15.61 -27.90 -19.95
C GLN C 263 -15.71 -28.95 -18.85
N GLY C 264 -16.69 -28.77 -17.97
CA GLY C 264 -16.88 -29.72 -16.88
C GLY C 264 -15.90 -29.52 -15.75
N GLY C 265 -14.82 -28.78 -16.02
CA GLY C 265 -13.84 -28.52 -14.99
C GLY C 265 -12.66 -29.47 -14.91
N THR C 266 -12.88 -30.68 -14.41
CA THR C 266 -11.81 -31.66 -14.27
C THR C 266 -11.17 -32.08 -15.58
N TYR C 267 -9.84 -32.16 -15.56
CA TYR C 267 -9.05 -32.59 -16.72
C TYR C 267 -7.84 -33.37 -16.22
N SER C 268 -6.86 -33.57 -17.09
CA SER C 268 -5.67 -34.31 -16.71
C SER C 268 -4.54 -34.13 -17.71
N LYS C 269 -3.45 -34.85 -17.46
CA LYS C 269 -2.29 -34.82 -18.34
C LYS C 269 -2.55 -35.71 -19.56
N ALA C 270 -3.74 -36.27 -19.62
CA ALA C 270 -4.15 -37.13 -20.73
C ALA C 270 -4.74 -36.25 -21.83
N SER C 271 -5.38 -35.16 -21.40
CA SER C 271 -6.00 -34.20 -22.30
C SER C 271 -4.97 -33.31 -23.02
N THR C 272 -3.71 -33.73 -23.01
CA THR C 272 -2.63 -32.99 -23.64
C THR C 272 -1.54 -33.96 -24.05
N PRO C 273 -0.95 -33.77 -25.24
CA PRO C 273 0.12 -34.65 -25.73
C PRO C 273 1.29 -34.77 -24.76
N ASN C 274 1.84 -33.63 -24.34
CA ASN C 274 2.96 -33.62 -23.40
C ASN C 274 2.45 -33.55 -21.96
N GLY C 275 1.14 -33.51 -21.80
CA GLY C 275 0.53 -33.48 -20.48
C GLY C 275 0.80 -32.25 -19.63
N TYR C 276 0.05 -31.17 -19.85
CA TYR C 276 0.22 -29.95 -19.05
C TYR C 276 -1.04 -29.66 -18.26
N ASP C 277 -0.88 -28.83 -17.25
CA ASP C 277 -1.98 -28.41 -16.39
C ASP C 277 -2.26 -26.96 -16.82
N ASN C 278 -2.45 -26.79 -18.12
CA ASN C 278 -2.67 -25.48 -18.73
C ASN C 278 -4.11 -24.97 -18.64
N GLY C 279 -4.85 -25.40 -17.63
CA GLY C 279 -6.22 -24.96 -17.50
C GLY C 279 -6.37 -23.77 -16.56
N ILE C 280 -7.57 -23.21 -16.54
CA ILE C 280 -7.93 -22.07 -15.68
C ILE C 280 -7.89 -22.64 -14.26
N ILE C 281 -6.76 -22.49 -13.58
CA ILE C 281 -6.58 -23.04 -12.24
C ILE C 281 -6.25 -22.08 -11.10
N TRP C 282 -6.43 -22.58 -9.87
CA TRP C 282 -6.17 -21.84 -8.63
C TRP C 282 -5.93 -22.91 -7.56
N ALA C 283 -4.66 -23.29 -7.42
CA ALA C 283 -4.20 -24.33 -6.50
C ALA C 283 -4.73 -24.31 -5.07
N THR C 284 -4.86 -23.13 -4.48
CA THR C 284 -5.35 -23.02 -3.10
C THR C 284 -6.82 -23.37 -2.92
N TRP C 285 -7.62 -23.20 -3.96
CA TRP C 285 -9.04 -23.52 -3.88
C TRP C 285 -9.38 -24.89 -4.44
N LYS C 286 -8.79 -25.21 -5.60
CA LYS C 286 -9.03 -26.49 -6.26
C LYS C 286 -7.75 -27.15 -6.77
N THR C 287 -7.92 -28.34 -7.33
CA THR C 287 -6.82 -29.13 -7.86
C THR C 287 -6.15 -28.41 -9.03
N ARG C 288 -4.99 -28.93 -9.44
CA ARG C 288 -4.26 -28.40 -10.57
C ARG C 288 -4.87 -28.97 -11.83
N TRP C 289 -5.80 -29.91 -11.65
CA TRP C 289 -6.49 -30.53 -12.76
C TRP C 289 -7.99 -30.35 -12.69
N TYR C 290 -8.40 -29.21 -12.15
CA TYR C 290 -9.82 -28.85 -12.07
C TYR C 290 -9.90 -27.41 -12.56
N SER C 291 -10.42 -27.24 -13.77
CA SER C 291 -10.56 -25.94 -14.39
C SER C 291 -11.87 -25.26 -14.00
N MET C 292 -11.81 -23.95 -13.77
CA MET C 292 -12.96 -23.16 -13.35
C MET C 292 -14.06 -23.05 -14.41
N LYS C 293 -15.29 -22.89 -13.93
CA LYS C 293 -16.44 -22.73 -14.80
C LYS C 293 -16.54 -21.25 -15.15
N LYS C 294 -16.26 -20.40 -14.16
CA LYS C 294 -16.30 -18.97 -14.34
C LYS C 294 -15.15 -18.27 -13.63
N THR C 295 -14.64 -17.23 -14.29
CA THR C 295 -13.52 -16.44 -13.81
C THR C 295 -13.79 -14.98 -14.06
N THR C 296 -13.41 -14.15 -13.11
CA THR C 296 -13.61 -12.72 -13.23
C THR C 296 -12.59 -11.95 -12.38
N MET C 297 -11.84 -11.08 -13.05
CA MET C 297 -10.82 -10.27 -12.42
C MET C 297 -11.24 -8.83 -12.56
N LYS C 298 -11.34 -8.16 -11.41
CA LYS C 298 -11.77 -6.78 -11.37
C LYS C 298 -11.03 -6.03 -10.27
N ILE C 299 -10.85 -4.73 -10.47
CA ILE C 299 -10.16 -3.91 -9.50
C ILE C 299 -11.04 -2.77 -8.99
N ILE C 300 -10.56 -2.10 -7.95
CA ILE C 300 -11.29 -1.00 -7.33
C ILE C 300 -10.35 -0.32 -6.34
N PRO C 301 -10.49 1.01 -6.15
CA PRO C 301 -9.60 1.69 -5.20
C PRO C 301 -9.78 1.02 -3.84
N PHE C 302 -8.66 0.60 -3.26
CA PHE C 302 -8.63 -0.11 -1.98
C PHE C 302 -9.56 0.41 -0.89
N ASN C 303 -9.75 1.73 -0.82
CA ASN C 303 -10.58 2.35 0.21
C ASN C 303 -11.95 1.73 0.54
N ARG C 304 -12.40 0.81 -0.29
CA ARG C 304 -13.65 0.12 -0.01
C ARG C 304 -13.24 -1.09 0.84
N LEU C 305 -12.80 -0.81 2.08
CA LEU C 305 -12.38 -1.88 2.97
C LEU C 305 -13.10 -1.84 4.31
N THR C 306 -13.39 -3.03 4.81
CA THR C 306 -14.09 -3.25 6.08
C THR C 306 -14.42 -4.74 6.11
N ILE C 307 -14.67 -5.27 4.91
CA ILE C 307 -15.00 -6.68 4.68
C ILE C 307 -16.07 -7.20 5.63
N LEU D 5 67.97 14.69 110.73
CA LEU D 5 67.07 14.94 109.57
C LEU D 5 66.45 13.66 109.01
N ARG D 6 65.84 12.90 109.92
CA ARG D 6 65.17 11.64 109.58
C ARG D 6 63.86 11.97 108.89
N SER D 7 63.11 12.89 109.49
CA SER D 7 61.81 13.33 108.97
C SER D 7 61.98 14.42 107.92
N ARG D 8 63.09 15.13 107.98
CA ARG D 8 63.36 16.19 107.02
C ARG D 8 63.80 15.56 105.69
N ILE D 9 63.17 14.44 105.36
CA ILE D 9 63.43 13.68 104.13
C ILE D 9 62.37 12.57 104.04
N GLU D 10 61.87 12.19 105.21
CA GLU D 10 60.82 11.19 105.37
C GLU D 10 59.55 11.69 104.69
N VAL D 11 59.37 13.02 104.69
CA VAL D 11 58.23 13.66 104.06
C VAL D 11 58.52 13.98 102.59
N LEU D 12 59.80 14.07 102.25
CA LEU D 12 60.24 14.36 100.88
C LEU D 12 59.85 13.21 99.96
N LYS D 13 60.34 12.01 100.28
CA LYS D 13 60.03 10.82 99.51
C LYS D 13 58.53 10.69 99.37
N ARG D 14 57.82 11.04 100.44
CA ARG D 14 56.37 11.00 100.46
C ARG D 14 55.79 11.91 99.38
N LYS D 15 56.27 13.15 99.33
CA LYS D 15 55.78 14.09 98.34
C LYS D 15 56.19 13.73 96.92
N VAL D 16 57.36 13.13 96.79
CA VAL D 16 57.86 12.71 95.47
C VAL D 16 56.91 11.69 94.88
N ILE D 17 56.58 10.69 95.68
CA ILE D 17 55.67 9.65 95.25
C ILE D 17 54.38 10.28 94.78
N GLU D 18 53.91 11.30 95.51
CA GLU D 18 52.69 12.01 95.17
C GLU D 18 52.82 12.53 93.74
N LYS D 19 54.02 12.97 93.38
CA LYS D 19 54.31 13.49 92.05
C LYS D 19 54.39 12.36 91.04
N VAL D 20 55.04 11.27 91.43
CA VAL D 20 55.14 10.11 90.57
C VAL D 20 53.73 9.56 90.32
N GLN D 21 52.83 9.77 91.28
CA GLN D 21 51.45 9.34 91.18
C GLN D 21 50.70 10.15 90.14
N HIS D 22 51.00 11.44 90.06
CA HIS D 22 50.36 12.30 89.08
C HIS D 22 50.80 11.87 87.67
N ILE D 23 52.07 11.51 87.56
CA ILE D 23 52.65 11.08 86.30
C ILE D 23 52.06 9.75 85.84
N GLN D 24 52.10 8.74 86.70
CA GLN D 24 51.57 7.42 86.34
C GLN D 24 50.13 7.51 85.86
N LEU D 25 49.38 8.44 86.45
CA LEU D 25 47.99 8.65 86.09
C LEU D 25 47.89 9.23 84.70
N LEU D 26 48.69 10.25 84.42
CA LEU D 26 48.68 10.89 83.10
C LEU D 26 48.95 9.92 81.98
N GLN D 27 49.83 8.96 82.24
CA GLN D 27 50.17 7.97 81.24
C GLN D 27 48.89 7.31 80.75
N LYS D 28 48.06 6.90 81.69
CA LYS D 28 46.80 6.25 81.39
C LYS D 28 45.91 7.16 80.56
N ASN D 29 45.85 8.44 80.96
CA ASN D 29 45.03 9.44 80.28
C ASN D 29 45.41 9.70 78.83
N VAL D 30 46.72 9.69 78.57
CA VAL D 30 47.20 9.91 77.22
C VAL D 30 46.94 8.65 76.40
N ARG D 31 47.24 7.49 77.00
CA ARG D 31 47.03 6.20 76.37
C ARG D 31 45.66 6.21 75.68
N ALA D 32 44.63 6.51 76.46
CA ALA D 32 43.26 6.56 75.97
C ALA D 32 43.04 7.67 74.96
N GLN D 33 43.62 8.85 75.20
CA GLN D 33 43.45 9.96 74.25
C GLN D 33 44.06 9.56 72.92
N LEU D 34 45.15 8.80 73.00
CA LEU D 34 45.86 8.32 71.82
C LEU D 34 44.92 7.38 71.08
N VAL D 35 44.29 6.48 71.82
CA VAL D 35 43.35 5.53 71.24
C VAL D 35 42.15 6.26 70.67
N ASP D 36 41.71 7.30 71.38
CA ASP D 36 40.56 8.07 70.94
C ASP D 36 40.87 8.74 69.61
N MET D 37 42.07 9.29 69.50
CA MET D 37 42.53 9.96 68.30
C MET D 37 42.60 9.01 67.11
N LYS D 38 43.25 7.87 67.33
CA LYS D 38 43.41 6.85 66.29
C LYS D 38 42.07 6.59 65.62
N ARG D 39 41.07 6.26 66.44
CA ARG D 39 39.71 5.99 65.98
C ARG D 39 39.10 7.18 65.26
N LEU D 40 39.29 8.36 65.81
CA LEU D 40 38.76 9.59 65.23
C LEU D 40 39.34 9.77 63.84
N GLU D 41 40.68 9.77 63.78
CA GLU D 41 41.43 9.91 62.54
C GLU D 41 40.82 9.00 61.48
N VAL D 42 40.62 7.74 61.86
CA VAL D 42 40.05 6.74 60.97
C VAL D 42 38.61 7.09 60.59
N ASP D 43 37.79 7.30 61.62
CA ASP D 43 36.39 7.63 61.44
C ASP D 43 36.21 8.69 60.35
N ILE D 44 37.03 9.74 60.44
CA ILE D 44 36.98 10.84 59.50
C ILE D 44 37.34 10.41 58.09
N ASP D 45 38.39 9.60 57.98
CA ASP D 45 38.82 9.10 56.69
C ASP D 45 37.64 8.45 55.96
N ILE D 46 36.85 7.67 56.70
CA ILE D 46 35.68 6.98 56.18
C ILE D 46 34.58 7.96 55.80
N LYS D 47 34.34 8.92 56.69
CA LYS D 47 33.29 9.90 56.44
C LYS D 47 33.57 10.68 55.16
N ILE D 48 34.83 11.08 54.97
CA ILE D 48 35.21 11.84 53.80
C ILE D 48 35.06 11.05 52.49
N ARG D 49 35.46 9.78 52.49
CA ARG D 49 35.33 8.99 51.29
C ARG D 49 33.84 8.80 50.94
N SER D 50 33.02 8.62 51.97
CA SER D 50 31.58 8.42 51.76
C SER D 50 30.97 9.71 51.26
N CYS D 51 31.75 10.77 51.31
CA CYS D 51 31.28 12.05 50.86
C CYS D 51 31.52 12.19 49.37
N ARG D 52 32.40 11.34 48.83
CA ARG D 52 32.73 11.34 47.41
C ARG D 52 31.49 11.09 46.58
N GLY D 53 30.58 10.30 47.14
CA GLY D 53 29.34 9.98 46.46
C GLY D 53 28.19 10.91 46.75
N SER D 54 28.49 12.16 47.10
CA SER D 54 27.43 13.14 47.41
C SER D 54 27.81 14.59 47.10
N CYS D 55 29.07 14.93 47.35
CA CYS D 55 29.57 16.28 47.12
C CYS D 55 30.34 16.40 45.82
N SER D 56 30.41 17.62 45.29
CA SER D 56 31.12 17.91 44.04
C SER D 56 32.51 17.28 43.96
N ARG D 57 33.24 17.29 45.09
CA ARG D 57 34.58 16.71 45.15
C ARG D 57 34.91 16.24 46.55
N ALA D 58 35.78 15.23 46.64
CA ALA D 58 36.24 14.67 47.91
C ALA D 58 37.67 15.13 48.15
N LEU D 59 38.14 14.96 49.37
CA LEU D 59 39.50 15.38 49.69
C LEU D 59 40.49 14.25 49.46
N ALA D 60 41.57 14.57 48.74
CA ALA D 60 42.61 13.59 48.45
C ALA D 60 43.53 13.47 49.64
N ARG D 61 42.98 12.98 50.75
CA ARG D 61 43.75 12.81 51.98
C ARG D 61 44.22 11.39 52.25
N GLU D 62 45.23 11.30 53.11
CA GLU D 62 45.85 10.03 53.51
C GLU D 62 45.83 9.92 55.05
N VAL D 63 46.14 8.74 55.57
CA VAL D 63 46.18 8.50 57.02
C VAL D 63 47.47 7.79 57.42
N ASP D 64 48.16 8.35 58.41
CA ASP D 64 49.42 7.80 58.89
C ASP D 64 49.25 6.98 60.16
N LEU D 65 48.74 5.76 60.01
CA LEU D 65 48.53 4.87 61.15
C LEU D 65 49.87 4.65 61.86
N LYS D 66 50.90 4.46 61.04
CA LYS D 66 52.28 4.22 61.47
C LYS D 66 52.69 5.13 62.61
N ASP D 67 52.51 6.43 62.43
CA ASP D 67 52.88 7.40 63.46
C ASP D 67 52.16 7.12 64.78
N TYR D 68 50.84 6.93 64.72
CA TYR D 68 50.07 6.65 65.93
C TYR D 68 50.64 5.40 66.58
N GLU D 69 50.87 4.37 65.78
CA GLU D 69 51.42 3.12 66.29
C GLU D 69 52.80 3.35 66.92
N ASP D 70 53.55 4.30 66.37
CA ASP D 70 54.87 4.63 66.93
C ASP D 70 54.57 5.14 68.31
N GLN D 71 53.79 6.22 68.37
CA GLN D 71 53.40 6.85 69.62
C GLN D 71 52.84 5.81 70.59
N GLN D 72 52.04 4.88 70.08
CA GLN D 72 51.46 3.85 70.92
C GLN D 72 52.55 3.03 71.55
N LYS D 73 53.41 2.48 70.69
CA LYS D 73 54.54 1.64 71.12
C LYS D 73 55.44 2.38 72.10
N GLN D 74 55.90 3.56 71.68
CA GLN D 74 56.78 4.41 72.48
C GLN D 74 56.22 4.74 73.86
N LEU D 75 54.91 4.59 74.02
CA LEU D 75 54.27 4.88 75.31
C LEU D 75 54.32 3.68 76.22
N GLU D 76 53.86 2.53 75.72
CA GLU D 76 53.83 1.30 76.52
C GLU D 76 55.19 0.96 77.12
N GLN D 77 56.26 1.36 76.42
CA GLN D 77 57.62 1.08 76.88
C GLN D 77 58.01 1.96 78.08
N VAL D 78 57.40 3.14 78.18
CA VAL D 78 57.66 4.08 79.27
C VAL D 78 56.98 3.61 80.55
N ILE D 79 55.89 2.87 80.40
CA ILE D 79 55.19 2.33 81.55
C ILE D 79 55.96 1.10 82.03
N ALA D 80 56.72 1.29 83.12
CA ALA D 80 57.54 0.22 83.70
C ALA D 80 57.72 0.33 85.23
N LYS D 81 58.49 1.31 85.69
CA LYS D 81 58.73 1.51 87.11
C LYS D 81 59.29 2.89 87.40
N ASP D 82 58.91 3.45 88.54
CA ASP D 82 59.41 4.76 88.95
C ASP D 82 59.96 4.70 90.37
N LEU D 83 59.26 3.97 91.24
CA LEU D 83 59.69 3.78 92.62
C LEU D 83 59.11 2.45 93.12
N LEU D 84 59.98 1.56 93.61
CA LEU D 84 59.56 0.26 94.13
C LEU D 84 58.69 0.46 95.36
N LEU E 18 69.97 5.48 103.20
CA LEU E 18 70.91 5.46 102.04
C LEU E 18 70.25 4.96 100.75
N TYR E 19 69.19 4.18 100.89
CA TYR E 19 68.47 3.63 99.72
C TYR E 19 67.61 4.73 99.07
N ILE E 20 68.09 5.96 99.19
CA ILE E 20 67.44 7.13 98.64
C ILE E 20 67.51 7.06 97.10
N ASP E 21 66.42 7.44 96.46
CA ASP E 21 66.33 7.39 95.00
C ASP E 21 66.41 8.75 94.31
N GLU E 22 67.60 9.09 93.82
CA GLU E 22 67.82 10.34 93.12
C GLU E 22 67.44 10.19 91.66
N THR E 23 67.58 8.96 91.12
CA THR E 23 67.27 8.67 89.72
C THR E 23 65.99 9.36 89.29
N VAL E 24 65.00 9.34 90.17
CA VAL E 24 63.72 9.98 89.92
C VAL E 24 63.94 11.51 90.05
N ASN E 25 64.79 12.04 89.18
CA ASN E 25 65.16 13.45 89.08
C ASN E 25 65.81 13.55 87.70
N SER E 26 66.24 12.39 87.22
CA SER E 26 66.86 12.21 85.91
C SER E 26 66.48 10.79 85.51
N ASN E 27 65.16 10.57 85.44
CA ASN E 27 64.49 9.32 85.08
C ASN E 27 63.09 9.78 84.72
N ILE E 28 62.55 10.65 85.56
CA ILE E 28 61.24 11.24 85.35
C ILE E 28 61.27 12.14 84.11
N PRO E 29 62.29 13.02 83.99
CA PRO E 29 62.39 13.91 82.83
C PRO E 29 62.31 13.15 81.51
N THR E 30 62.63 11.85 81.58
CA THR E 30 62.59 10.97 80.42
C THR E 30 61.14 10.50 80.24
N ASN E 31 60.56 9.97 81.33
CA ASN E 31 59.17 9.51 81.33
C ASN E 31 58.24 10.70 81.15
N LEU E 32 58.82 11.89 81.13
CA LEU E 32 58.08 13.12 80.98
C LEU E 32 58.25 13.68 79.57
N ARG E 33 59.50 13.83 79.15
CA ARG E 33 59.84 14.34 77.82
C ARG E 33 59.05 13.63 76.72
N VAL E 34 58.93 12.31 76.85
CA VAL E 34 58.20 11.50 75.90
C VAL E 34 56.72 11.91 75.91
N LEU E 35 56.19 12.14 77.11
CA LEU E 35 54.80 12.54 77.23
C LEU E 35 54.56 13.88 76.55
N ARG E 36 55.56 14.76 76.58
CA ARG E 36 55.44 16.06 75.93
C ARG E 36 55.35 15.92 74.40
N SER E 37 56.21 15.06 73.84
CA SER E 37 56.25 14.84 72.38
C SER E 37 54.91 14.48 71.77
N ILE E 38 54.45 13.26 72.06
CA ILE E 38 53.19 12.78 71.51
C ILE E 38 51.98 13.65 71.87
N LEU E 39 52.04 14.31 73.01
CA LEU E 39 50.93 15.13 73.42
C LEU E 39 50.80 16.32 72.47
N GLU E 40 51.93 16.96 72.18
CA GLU E 40 51.93 18.10 71.27
C GLU E 40 51.65 17.58 69.88
N ASN E 41 52.11 16.35 69.63
CA ASN E 41 51.95 15.67 68.35
C ASN E 41 50.46 15.58 68.01
N LEU E 42 49.65 15.21 68.99
CA LEU E 42 48.22 15.10 68.79
C LEU E 42 47.56 16.46 68.66
N ARG E 43 48.01 17.42 69.49
CA ARG E 43 47.45 18.77 69.47
C ARG E 43 47.46 19.33 68.05
N SER E 44 48.55 19.08 67.34
CA SER E 44 48.69 19.55 65.97
C SER E 44 47.87 18.65 65.05
N LYS E 45 47.91 17.35 65.32
CA LYS E 45 47.17 16.36 64.53
C LYS E 45 45.70 16.73 64.54
N ILE E 46 45.22 17.15 65.70
CA ILE E 46 43.82 17.56 65.88
C ILE E 46 43.48 18.70 64.96
N GLN E 47 44.16 19.83 65.15
CA GLN E 47 43.90 21.00 64.33
C GLN E 47 44.16 20.73 62.84
N LYS E 48 44.77 19.58 62.53
CA LYS E 48 45.02 19.19 61.14
C LYS E 48 43.69 18.69 60.58
N LEU E 49 43.05 17.81 61.34
CA LEU E 49 41.76 17.24 60.97
C LEU E 49 40.74 18.37 60.94
N GLU E 50 40.93 19.33 61.83
CA GLU E 50 40.07 20.51 61.96
C GLU E 50 39.96 21.25 60.63
N SER E 51 40.98 21.11 59.78
CA SER E 51 41.01 21.78 58.47
C SER E 51 40.38 20.94 57.35
N ASP E 52 40.82 19.68 57.24
CA ASP E 52 40.32 18.75 56.22
C ASP E 52 38.81 18.74 56.17
N VAL E 53 38.17 18.81 57.34
CA VAL E 53 36.72 18.81 57.42
C VAL E 53 36.08 20.04 56.80
N SER E 54 36.59 21.23 57.15
CA SER E 54 36.07 22.48 56.62
C SER E 54 36.23 22.52 55.10
N ALA E 55 37.32 21.92 54.61
CA ALA E 55 37.62 21.87 53.18
C ALA E 55 36.55 21.02 52.50
N GLN E 56 36.29 19.85 53.06
CA GLN E 56 35.29 18.94 52.53
C GLN E 56 33.92 19.60 52.63
N MET E 57 33.69 20.29 53.76
CA MET E 57 32.44 21.00 53.99
C MET E 57 32.22 21.99 52.84
N GLU E 58 33.31 22.60 52.37
CA GLU E 58 33.28 23.54 51.27
C GLU E 58 32.90 22.83 49.99
N TYR E 59 33.59 21.72 49.72
CA TYR E 59 33.32 20.92 48.54
C TYR E 59 31.84 20.58 48.49
N CYS E 60 31.29 20.30 49.67
CA CYS E 60 29.89 19.92 49.78
C CYS E 60 28.86 21.00 49.57
N ARG E 61 29.31 22.24 49.42
CA ARG E 61 28.39 23.34 49.18
C ARG E 61 27.63 23.04 47.89
N THR E 62 28.35 22.41 46.96
CA THR E 62 27.78 22.02 45.68
C THR E 62 27.78 20.49 45.61
N PRO E 63 26.66 19.91 45.18
CA PRO E 63 26.46 18.47 45.05
C PRO E 63 27.05 17.89 43.78
N CYS E 64 27.15 16.57 43.75
CA CYS E 64 27.64 15.86 42.58
C CYS E 64 26.37 15.61 41.74
N THR E 65 26.54 15.48 40.43
CA THR E 65 25.41 15.27 39.53
C THR E 65 25.66 14.24 38.45
N VAL E 66 24.57 13.72 37.89
CA VAL E 66 24.62 12.74 36.82
C VAL E 66 23.46 13.00 35.88
N SER E 67 23.50 12.35 34.72
CA SER E 67 22.46 12.47 33.71
C SER E 67 22.34 11.12 33.03
N CYS E 68 21.49 10.26 33.59
CA CYS E 68 21.34 8.94 33.02
C CYS E 68 20.08 8.80 32.18
N ASN E 69 20.25 8.83 30.87
CA ASN E 69 19.13 8.69 29.93
C ASN E 69 18.69 7.22 29.90
N ILE E 70 17.40 7.02 30.10
CA ILE E 70 16.83 5.67 30.15
C ILE E 70 16.83 4.87 28.83
N PRO E 71 17.34 3.62 28.86
CA PRO E 71 17.35 2.80 27.66
C PRO E 71 15.90 2.54 27.23
N VAL E 72 15.65 2.49 25.91
CA VAL E 72 14.29 2.24 25.42
C VAL E 72 13.75 0.93 25.98
N VAL E 73 14.55 -0.13 25.92
CA VAL E 73 14.16 -1.44 26.42
C VAL E 73 13.98 -1.47 27.94
N SER E 74 12.94 -2.17 28.36
CA SER E 74 12.61 -2.31 29.78
C SER E 74 11.80 -3.59 29.98
N GLY E 75 11.76 -4.09 31.21
CA GLY E 75 11.00 -5.30 31.52
C GLY E 75 10.62 -5.38 32.98
N LYS E 76 10.18 -6.56 33.41
CA LYS E 76 9.81 -6.76 34.81
C LYS E 76 11.07 -6.64 35.67
N GLU E 77 12.21 -7.00 35.07
CA GLU E 77 13.52 -6.94 35.71
C GLU E 77 14.59 -7.34 34.68
N CYS E 78 15.86 -7.21 35.07
CA CYS E 78 16.99 -7.50 34.18
C CYS E 78 16.92 -8.75 33.31
N GLU E 79 16.30 -9.81 33.83
CA GLU E 79 16.17 -11.06 33.09
C GLU E 79 15.39 -10.76 31.82
N GLU E 80 14.14 -10.37 32.01
CA GLU E 80 13.27 -10.05 30.91
C GLU E 80 13.97 -9.11 29.94
N ILE E 81 14.71 -8.15 30.49
CA ILE E 81 15.42 -7.18 29.68
C ILE E 81 16.46 -7.78 28.75
N ILE E 82 17.33 -8.62 29.28
CA ILE E 82 18.34 -9.25 28.45
C ILE E 82 17.67 -10.14 27.41
N ARG E 83 16.60 -10.81 27.83
CA ARG E 83 15.83 -11.66 26.93
C ARG E 83 15.27 -10.73 25.86
N LYS E 84 14.96 -9.50 26.27
CA LYS E 84 14.41 -8.49 25.37
C LYS E 84 15.49 -7.78 24.57
N GLY E 85 16.74 -8.23 24.71
CA GLY E 85 17.82 -7.61 23.96
C GLY E 85 18.75 -6.72 24.76
N GLY E 86 18.56 -6.68 26.08
CA GLY E 86 19.42 -5.86 26.93
C GLY E 86 20.76 -6.54 26.96
N GLU E 87 21.67 -6.11 26.10
CA GLU E 87 22.99 -6.73 26.01
C GLU E 87 24.08 -6.19 26.92
N THR E 88 24.13 -4.88 27.09
CA THR E 88 25.16 -4.25 27.93
C THR E 88 24.81 -4.01 29.39
N SER E 89 25.83 -4.12 30.25
CA SER E 89 25.65 -3.88 31.68
C SER E 89 25.62 -2.38 31.92
N GLU E 90 24.51 -1.92 32.47
CA GLU E 90 24.30 -0.50 32.75
C GLU E 90 22.97 -0.31 33.48
N MET E 91 22.65 0.94 33.78
CA MET E 91 21.39 1.25 34.46
C MET E 91 20.23 1.07 33.50
N TYR E 92 19.20 0.39 33.99
CA TYR E 92 17.98 0.12 33.26
C TYR E 92 16.80 0.45 34.17
N LEU E 93 15.65 0.74 33.57
CA LEU E 93 14.46 1.05 34.34
C LEU E 93 13.60 -0.18 34.30
N ILE E 94 13.07 -0.59 35.46
CA ILE E 94 12.22 -1.78 35.48
C ILE E 94 10.94 -1.52 36.22
N GLN E 95 10.01 -2.45 36.09
CA GLN E 95 8.74 -2.35 36.77
C GLN E 95 8.16 -3.74 36.98
N PRO E 96 8.33 -4.30 38.20
CA PRO E 96 7.85 -5.62 38.62
C PRO E 96 6.37 -5.87 38.39
N ASP E 97 5.55 -4.81 38.52
CA ASP E 97 4.10 -4.89 38.28
C ASP E 97 3.43 -3.52 38.13
N SER E 98 2.16 -3.53 37.73
CA SER E 98 1.38 -2.30 37.53
C SER E 98 1.33 -1.40 38.78
N SER E 99 1.30 -2.03 39.95
CA SER E 99 1.25 -1.31 41.22
C SER E 99 2.50 -0.49 41.49
N VAL E 100 3.64 -1.17 41.57
CA VAL E 100 4.91 -0.51 41.82
C VAL E 100 5.27 0.52 40.77
N LYS E 101 5.77 1.66 41.24
CA LYS E 101 6.22 2.71 40.35
C LYS E 101 7.54 2.20 39.77
N PRO E 102 7.73 2.31 38.43
CA PRO E 102 8.95 1.85 37.77
C PRO E 102 10.20 2.48 38.42
N TYR E 103 11.21 1.67 38.68
CA TYR E 103 12.41 2.17 39.32
C TYR E 103 13.72 1.85 38.64
N ARG E 104 14.68 2.76 38.76
CA ARG E 104 15.99 2.58 38.16
C ARG E 104 16.79 1.53 38.91
N VAL E 105 17.56 0.75 38.16
CA VAL E 105 18.38 -0.30 38.72
C VAL E 105 19.56 -0.53 37.78
N TYR E 106 20.61 -1.16 38.28
CA TYR E 106 21.75 -1.45 37.43
C TYR E 106 21.73 -2.91 37.03
N CYS E 107 21.68 -3.17 35.72
CA CYS E 107 21.67 -4.54 35.21
C CYS E 107 23.05 -4.99 34.77
N ASP E 108 23.45 -6.17 35.25
CA ASP E 108 24.74 -6.74 34.90
C ASP E 108 24.43 -7.83 33.90
N MET E 109 24.64 -7.53 32.62
CA MET E 109 24.35 -8.46 31.55
C MET E 109 25.52 -9.35 31.15
N ASN E 110 26.52 -9.44 32.00
CA ASN E 110 27.70 -10.25 31.70
C ASN E 110 27.92 -11.46 32.59
N THR E 111 28.57 -11.23 33.74
CA THR E 111 28.91 -12.25 34.72
C THR E 111 28.52 -13.70 34.42
N GLU E 112 27.49 -14.23 35.08
CA GLU E 112 27.11 -15.61 34.82
C GLU E 112 26.40 -15.63 33.48
N ASN E 113 25.11 -15.35 33.49
CA ASN E 113 24.39 -15.31 32.24
C ASN E 113 24.02 -13.87 31.89
N GLY E 114 23.80 -13.05 32.91
CA GLY E 114 23.50 -11.66 32.65
C GLY E 114 22.20 -11.07 33.16
N GLY E 115 21.27 -11.91 33.61
CA GLY E 115 20.01 -11.37 34.10
C GLY E 115 20.17 -10.84 35.51
N TRP E 116 21.34 -10.27 35.77
CA TRP E 116 21.69 -9.78 37.08
C TRP E 116 21.18 -8.42 37.53
N THR E 117 20.23 -8.48 38.46
CA THR E 117 19.66 -7.28 39.05
C THR E 117 20.44 -7.01 40.33
N VAL E 118 21.31 -6.01 40.27
CA VAL E 118 22.13 -5.67 41.44
C VAL E 118 21.25 -5.14 42.57
N ILE E 119 21.28 -5.85 43.68
CA ILE E 119 20.51 -5.49 44.86
C ILE E 119 21.37 -4.68 45.84
N GLN E 120 22.69 -4.88 45.77
CA GLN E 120 23.64 -4.20 46.64
C GLN E 120 25.02 -4.14 45.98
N ASN E 121 25.77 -3.07 46.24
CA ASN E 121 27.09 -2.93 45.66
C ASN E 121 28.05 -2.00 46.40
N ARG E 122 29.26 -2.52 46.68
CA ARG E 122 30.35 -1.81 47.36
C ARG E 122 31.57 -1.84 46.44
N GLN E 123 32.32 -0.74 46.38
CA GLN E 123 33.48 -0.70 45.50
C GLN E 123 34.53 0.34 45.85
N ASP E 124 34.11 1.43 46.47
CA ASP E 124 35.05 2.50 46.83
C ASP E 124 34.81 3.18 48.17
N GLY E 125 33.63 2.99 48.74
CA GLY E 125 33.32 3.61 50.02
C GLY E 125 32.84 5.04 49.87
N SER E 126 32.14 5.31 48.76
CA SER E 126 31.62 6.62 48.48
C SER E 126 30.23 6.86 49.06
N VAL E 127 29.65 5.81 49.66
CA VAL E 127 28.31 5.91 50.26
C VAL E 127 28.25 5.38 51.70
N ASP E 128 27.59 6.14 52.57
CA ASP E 128 27.43 5.79 53.98
C ASP E 128 26.43 4.65 54.11
N PHE E 129 26.87 3.53 54.65
CA PHE E 129 25.97 2.40 54.86
C PHE E 129 25.48 2.30 56.29
N GLY E 130 26.12 3.07 57.16
CA GLY E 130 25.69 3.08 58.54
C GLY E 130 24.50 4.00 58.50
N ARG E 131 23.33 3.45 58.18
CA ARG E 131 22.12 4.27 58.13
C ARG E 131 20.98 3.64 58.91
N LYS E 132 19.94 4.42 59.13
CA LYS E 132 18.79 3.98 59.90
C LYS E 132 17.76 3.14 59.14
N TRP E 133 16.77 2.65 59.89
CA TRP E 133 15.72 1.81 59.34
C TRP E 133 15.07 2.31 58.06
N ASP E 134 14.59 3.55 58.09
CA ASP E 134 13.92 4.13 56.93
C ASP E 134 14.73 4.12 55.65
N PRO E 135 15.98 4.63 55.67
CA PRO E 135 16.81 4.63 54.46
C PRO E 135 17.00 3.25 53.86
N TYR E 136 17.11 2.24 54.71
CA TYR E 136 17.29 0.88 54.22
C TYR E 136 16.04 0.34 53.54
N LYS E 137 14.89 0.54 54.18
CA LYS E 137 13.59 0.10 53.66
C LYS E 137 13.28 0.78 52.32
N GLN E 138 13.64 2.05 52.23
CA GLN E 138 13.41 2.86 51.05
C GLN E 138 14.50 2.75 49.99
N GLY E 139 15.72 2.42 50.42
CA GLY E 139 16.83 2.31 49.49
C GLY E 139 17.61 3.60 49.44
N PHE E 140 18.92 3.51 49.22
CA PHE E 140 19.77 4.69 49.19
C PHE E 140 21.04 4.52 48.37
N GLY E 141 21.73 5.63 48.12
CA GLY E 141 22.98 5.60 47.38
C GLY E 141 22.85 5.94 45.91
N ASN E 142 23.93 5.70 45.17
CA ASN E 142 24.00 5.96 43.73
C ASN E 142 23.98 4.65 42.95
N VAL E 143 22.96 4.47 42.11
CA VAL E 143 22.83 3.23 41.32
C VAL E 143 23.91 3.08 40.26
N ALA E 144 24.08 4.12 39.44
CA ALA E 144 25.08 4.13 38.39
C ALA E 144 25.50 5.56 38.10
N THR E 145 26.55 5.72 37.31
CA THR E 145 27.05 7.03 36.93
C THR E 145 27.54 7.04 35.51
N ASN E 146 27.49 8.21 34.88
CA ASN E 146 27.94 8.39 33.51
C ASN E 146 29.44 8.13 33.36
N THR E 147 29.87 7.85 32.15
CA THR E 147 31.27 7.61 31.86
C THR E 147 31.83 8.88 31.23
N ASP E 148 33.05 8.81 30.72
CA ASP E 148 33.65 9.96 30.08
C ASP E 148 33.12 10.11 28.66
N GLY E 149 32.44 11.23 28.41
CA GLY E 149 31.89 11.49 27.09
C GLY E 149 30.56 10.81 26.79
N LYS E 150 30.36 9.60 27.30
CA LYS E 150 29.11 8.89 27.06
C LYS E 150 27.95 9.50 27.83
N ASN E 151 26.79 9.51 27.20
CA ASN E 151 25.57 10.08 27.76
C ASN E 151 24.93 9.26 28.87
N TYR E 152 24.83 7.95 28.66
CA TYR E 152 24.21 7.05 29.62
C TYR E 152 25.16 6.68 30.77
N CYS E 153 24.57 6.24 31.88
CA CYS E 153 25.33 5.83 33.06
C CYS E 153 25.66 4.31 33.01
N GLY E 154 26.75 3.98 32.33
CA GLY E 154 27.14 2.59 32.19
C GLY E 154 27.89 1.97 33.35
N LEU E 155 28.20 2.78 34.36
CA LEU E 155 28.93 2.30 35.53
C LEU E 155 28.09 2.37 36.79
N PRO E 156 28.09 1.29 37.56
CA PRO E 156 27.30 1.25 38.79
C PRO E 156 27.92 2.11 39.86
N GLY E 157 27.14 2.43 40.86
CA GLY E 157 27.65 3.22 41.97
C GLY E 157 27.38 2.39 43.21
N GLU E 158 27.88 2.80 44.36
CA GLU E 158 27.59 2.05 45.57
C GLU E 158 26.15 2.37 45.94
N TYR E 159 25.35 1.34 46.21
CA TYR E 159 23.97 1.57 46.60
C TYR E 159 23.27 0.41 47.29
N TRP E 160 22.07 0.69 47.78
CA TRP E 160 21.23 -0.30 48.44
C TRP E 160 19.81 -0.11 47.98
N LEU E 161 19.31 -1.07 47.22
CA LEU E 161 17.93 -1.00 46.75
C LEU E 161 17.08 -1.13 48.01
N GLY E 162 15.96 -0.43 48.06
CA GLY E 162 15.13 -0.51 49.25
C GLY E 162 14.79 -1.93 49.64
N ASN E 163 14.61 -2.16 50.94
CA ASN E 163 14.25 -3.49 51.41
C ASN E 163 12.96 -3.92 50.74
N ASP E 164 12.03 -2.98 50.61
CA ASP E 164 10.76 -3.27 49.97
C ASP E 164 11.04 -3.68 48.55
N LYS E 165 11.76 -2.83 47.83
CA LYS E 165 12.09 -3.13 46.45
C LYS E 165 12.67 -4.55 46.34
N ILE E 166 13.49 -4.91 47.32
CA ILE E 166 14.12 -6.23 47.36
C ILE E 166 13.10 -7.30 47.70
N SER E 167 12.50 -7.17 48.89
CA SER E 167 11.48 -8.09 49.37
C SER E 167 10.48 -8.47 48.27
N GLN E 168 9.93 -7.44 47.63
CA GLN E 168 8.96 -7.63 46.56
C GLN E 168 9.49 -8.54 45.46
N LEU E 169 10.73 -8.31 45.05
CA LEU E 169 11.34 -9.11 44.00
C LEU E 169 11.55 -10.56 44.40
N THR E 170 12.24 -10.79 45.52
CA THR E 170 12.50 -12.14 46.01
C THR E 170 11.22 -12.96 46.12
N ARG E 171 10.15 -12.32 46.54
CA ARG E 171 8.87 -13.01 46.69
C ARG E 171 8.06 -13.12 45.39
N MET E 172 8.53 -12.46 44.34
CA MET E 172 7.84 -12.49 43.04
C MET E 172 7.93 -13.88 42.37
N GLY E 173 8.91 -14.66 42.79
CA GLY E 173 9.12 -16.00 42.26
C GLY E 173 10.40 -16.61 42.79
N PRO E 174 10.78 -17.82 42.34
CA PRO E 174 12.02 -18.46 42.81
C PRO E 174 13.20 -17.61 42.38
N THR E 175 13.94 -17.07 43.33
CA THR E 175 15.07 -16.22 42.99
C THR E 175 16.40 -16.74 43.48
N GLU E 176 17.39 -16.71 42.59
CA GLU E 176 18.74 -17.15 42.94
C GLU E 176 19.55 -15.90 43.29
N LEU E 177 20.42 -16.03 44.29
CA LEU E 177 21.27 -14.94 44.74
C LEU E 177 22.77 -15.20 44.58
N LEU E 178 23.45 -14.23 43.97
CA LEU E 178 24.88 -14.33 43.77
C LEU E 178 25.55 -13.19 44.53
N ILE E 179 26.61 -13.54 45.25
CA ILE E 179 27.38 -12.59 46.03
C ILE E 179 28.85 -12.69 45.61
N GLU E 180 29.36 -11.63 44.99
CA GLU E 180 30.77 -11.59 44.55
C GLU E 180 31.53 -10.62 45.43
N MET E 181 32.76 -10.98 45.77
CA MET E 181 33.61 -10.13 46.61
C MET E 181 35.04 -10.11 46.13
N GLU E 182 35.83 -9.18 46.66
CA GLU E 182 37.22 -9.04 46.27
C GLU E 182 38.09 -8.43 47.36
N ASP E 183 39.28 -8.99 47.52
CA ASP E 183 40.23 -8.49 48.51
C ASP E 183 41.09 -7.39 47.93
N TRP E 184 41.95 -6.81 48.77
CA TRP E 184 42.84 -5.74 48.34
C TRP E 184 44.06 -6.27 47.58
N LYS E 185 44.04 -7.56 47.30
CA LYS E 185 45.12 -8.21 46.56
C LYS E 185 44.59 -8.61 45.18
N GLY E 186 43.40 -8.10 44.83
CA GLY E 186 42.79 -8.38 43.55
C GLY E 186 42.04 -9.69 43.44
N ASP E 187 42.26 -10.61 44.37
CA ASP E 187 41.59 -11.91 44.36
C ASP E 187 40.09 -11.79 44.56
N LYS E 188 39.34 -12.63 43.85
CA LYS E 188 37.89 -12.62 43.93
C LYS E 188 37.35 -14.01 44.27
N VAL E 189 36.16 -14.03 44.86
CA VAL E 189 35.47 -15.26 45.21
C VAL E 189 33.98 -15.00 45.15
N LYS E 190 33.20 -16.04 44.82
CA LYS E 190 31.75 -15.92 44.74
C LYS E 190 31.07 -16.70 45.86
N ALA E 191 29.78 -16.47 46.02
CA ALA E 191 28.98 -17.15 47.04
C ALA E 191 27.62 -17.26 46.41
N HIS E 192 27.27 -18.47 45.96
CA HIS E 192 26.00 -18.69 45.30
C HIS E 192 24.93 -19.36 46.14
N TYR E 193 23.74 -18.76 46.15
CA TYR E 193 22.58 -19.28 46.88
C TYR E 193 21.40 -19.42 45.93
N GLY E 194 21.15 -20.65 45.49
CA GLY E 194 20.06 -20.92 44.56
C GLY E 194 18.68 -20.48 45.02
N GLY E 195 18.52 -20.36 46.33
CA GLY E 195 17.26 -19.93 46.89
C GLY E 195 17.43 -18.65 47.68
N PHE E 196 16.48 -17.73 47.54
CA PHE E 196 16.57 -16.45 48.23
C PHE E 196 15.19 -15.82 48.43
N THR E 197 14.95 -15.33 49.64
CA THR E 197 13.69 -14.69 49.98
C THR E 197 13.82 -13.62 51.04
N VAL E 198 12.93 -12.62 50.95
CA VAL E 198 12.88 -11.52 51.90
C VAL E 198 11.41 -11.19 52.15
N GLN E 199 10.96 -11.40 53.39
CA GLN E 199 9.57 -11.14 53.74
C GLN E 199 9.26 -9.66 53.81
N ASN E 200 7.98 -9.36 53.95
CA ASN E 200 7.52 -7.98 54.04
C ASN E 200 8.05 -7.34 55.32
N GLU E 201 7.84 -6.04 55.46
CA GLU E 201 8.29 -5.29 56.61
C GLU E 201 7.63 -5.84 57.87
N ALA E 202 6.38 -6.31 57.73
CA ALA E 202 5.61 -6.88 58.84
C ALA E 202 6.36 -8.06 59.44
N ASN E 203 6.97 -8.87 58.58
CA ASN E 203 7.73 -10.02 59.05
C ASN E 203 9.17 -9.58 59.25
N LYS E 204 9.37 -8.28 59.40
CA LYS E 204 10.69 -7.69 59.62
C LYS E 204 11.73 -8.06 58.56
N TYR E 205 11.29 -8.26 57.32
CA TYR E 205 12.20 -8.61 56.23
C TYR E 205 13.03 -9.86 56.53
N GLN E 206 12.42 -10.83 57.19
CA GLN E 206 13.10 -12.07 57.51
C GLN E 206 13.71 -12.70 56.26
N ILE E 207 15.01 -12.97 56.33
CA ILE E 207 15.78 -13.56 55.22
C ILE E 207 15.82 -15.10 55.23
N SER E 208 15.93 -15.69 54.05
CA SER E 208 16.02 -17.15 53.93
C SER E 208 16.68 -17.50 52.61
N VAL E 209 17.76 -18.29 52.71
CA VAL E 209 18.54 -18.72 51.56
C VAL E 209 18.82 -20.22 51.60
N ASN E 210 19.37 -20.75 50.51
CA ASN E 210 19.74 -22.16 50.42
C ASN E 210 20.44 -22.50 49.12
N LYS E 211 20.80 -23.78 48.98
CA LYS E 211 21.47 -24.28 47.79
C LYS E 211 22.80 -23.55 47.54
N TYR E 212 23.71 -23.63 48.51
CA TYR E 212 25.01 -22.99 48.38
C TYR E 212 25.91 -23.71 47.39
N ARG E 213 26.63 -22.92 46.60
CA ARG E 213 27.55 -23.44 45.62
C ARG E 213 28.50 -22.33 45.18
N GLY E 214 29.32 -21.86 46.12
CA GLY E 214 30.26 -20.81 45.82
C GLY E 214 31.71 -21.20 46.10
N THR E 215 32.55 -20.20 46.34
CA THR E 215 33.98 -20.41 46.60
C THR E 215 34.47 -19.61 47.81
N ALA E 216 33.66 -18.66 48.27
CA ALA E 216 34.01 -17.81 49.40
C ALA E 216 33.72 -18.40 50.79
N GLY E 217 32.80 -19.36 50.85
CA GLY E 217 32.46 -19.98 52.13
C GLY E 217 31.00 -19.72 52.49
N ASN E 218 30.28 -20.78 52.88
CA ASN E 218 28.86 -20.64 53.23
C ASN E 218 28.65 -19.98 54.58
N ALA E 219 28.92 -18.68 54.61
CA ALA E 219 28.79 -17.91 55.83
C ALA E 219 27.36 -17.68 56.29
N LEU E 220 26.42 -17.72 55.36
CA LEU E 220 25.03 -17.46 55.70
C LEU E 220 24.27 -18.59 56.37
N MET E 221 24.54 -19.81 55.94
CA MET E 221 23.85 -20.98 56.48
C MET E 221 24.68 -21.72 57.48
N ASP E 222 26.00 -21.58 57.38
CA ASP E 222 26.90 -22.29 58.27
C ASP E 222 27.59 -21.48 59.35
N GLY E 223 27.55 -20.15 59.23
CA GLY E 223 28.21 -19.33 60.23
C GLY E 223 29.70 -19.27 59.97
N ALA E 224 30.44 -18.66 60.89
CA ALA E 224 31.89 -18.53 60.74
C ALA E 224 32.59 -19.87 60.89
N SER E 225 33.49 -20.16 59.95
CA SER E 225 34.25 -21.40 59.97
C SER E 225 35.40 -21.40 60.99
N GLN E 226 35.46 -20.35 61.81
CA GLN E 226 36.51 -20.23 62.83
C GLN E 226 35.95 -20.35 64.25
N LEU E 227 34.64 -20.55 64.37
CA LEU E 227 34.00 -20.66 65.69
C LEU E 227 33.50 -22.06 65.99
N MET E 228 33.42 -22.40 67.26
CA MET E 228 33.00 -23.72 67.70
C MET E 228 31.63 -23.74 68.36
N GLY E 229 31.05 -24.94 68.42
CA GLY E 229 29.76 -25.14 69.05
C GLY E 229 28.77 -24.01 68.86
N GLU E 230 28.02 -23.71 69.91
CA GLU E 230 27.02 -22.65 69.89
C GLU E 230 27.57 -21.36 69.29
N ASN E 231 28.84 -21.07 69.54
CA ASN E 231 29.47 -19.85 69.02
C ASN E 231 29.23 -19.76 67.52
N ARG E 232 29.52 -20.84 66.81
CA ARG E 232 29.33 -20.87 65.37
C ARG E 232 27.85 -20.86 65.02
N THR E 233 27.09 -21.74 65.66
CA THR E 233 25.66 -21.87 65.40
C THR E 233 24.83 -20.59 65.58
N MET E 234 25.30 -19.67 66.42
CA MET E 234 24.56 -18.44 66.64
C MET E 234 25.02 -17.25 65.81
N THR E 235 25.70 -17.52 64.70
CA THR E 235 26.13 -16.45 63.79
C THR E 235 25.53 -16.68 62.41
N ILE E 236 24.61 -17.64 62.33
CA ILE E 236 23.91 -17.99 61.10
C ILE E 236 22.90 -16.89 60.81
N HIS E 237 22.90 -16.42 59.57
CA HIS E 237 22.00 -15.34 59.18
C HIS E 237 20.68 -15.83 58.60
N ASN E 238 20.64 -17.07 58.14
CA ASN E 238 19.41 -17.61 57.59
C ASN E 238 18.31 -17.58 58.66
N GLY E 239 17.17 -17.00 58.31
CA GLY E 239 16.08 -16.91 59.26
C GLY E 239 16.22 -15.73 60.23
N MET E 240 17.27 -14.94 60.06
CA MET E 240 17.45 -13.81 60.93
C MET E 240 16.68 -12.62 60.44
N PHE E 241 16.43 -11.67 61.34
CA PHE E 241 15.69 -10.47 61.00
C PHE E 241 16.68 -9.37 60.69
N PHE E 242 16.21 -8.39 59.94
CA PHE E 242 17.05 -7.26 59.57
C PHE E 242 17.10 -6.30 60.74
N SER E 243 18.28 -5.71 60.98
CA SER E 243 18.45 -4.75 62.07
C SER E 243 19.33 -3.56 61.70
N THR E 244 18.94 -2.38 62.17
CA THR E 244 19.70 -1.16 61.93
C THR E 244 20.07 -0.59 63.29
N TYR E 245 20.98 0.38 63.32
CA TYR E 245 21.42 0.94 64.59
C TYR E 245 20.35 1.63 65.41
N ASP E 246 19.17 1.75 64.81
CA ASP E 246 18.02 2.35 65.47
C ASP E 246 16.83 1.38 65.45
N ARG E 247 17.10 0.08 65.30
CA ARG E 247 16.03 -0.91 65.27
C ARG E 247 16.58 -2.29 65.56
N ASP E 248 16.41 -2.74 66.79
CA ASP E 248 16.90 -4.05 67.21
C ASP E 248 15.96 -5.19 66.90
N ASN E 249 16.48 -6.17 66.16
CA ASN E 249 15.76 -7.38 65.77
C ASN E 249 16.76 -8.53 65.66
N ASP E 250 17.93 -8.33 66.27
CA ASP E 250 19.00 -9.34 66.23
C ASP E 250 18.76 -10.55 67.12
N GLY E 251 19.69 -11.49 67.06
CA GLY E 251 19.60 -12.69 67.87
C GLY E 251 20.10 -12.47 69.28
N TRP E 252 20.53 -11.25 69.58
CA TRP E 252 21.04 -10.89 70.91
C TRP E 252 19.86 -10.45 71.77
N LEU E 253 19.19 -11.43 72.38
CA LEU E 253 18.01 -11.21 73.22
C LEU E 253 18.18 -10.56 74.60
N THR E 254 19.43 -10.32 75.01
CA THR E 254 19.70 -9.72 76.32
C THR E 254 18.98 -8.39 76.57
N SER E 255 18.70 -8.12 77.84
CA SER E 255 18.03 -6.90 78.24
C SER E 255 19.00 -5.73 78.43
N ASP E 256 20.29 -6.03 78.31
CA ASP E 256 21.34 -5.03 78.46
C ASP E 256 21.37 -4.12 77.23
N PRO E 257 21.10 -2.82 77.42
CA PRO E 257 21.07 -1.81 76.36
C PRO E 257 22.39 -1.62 75.61
N ARG E 258 23.50 -1.77 76.30
CA ARG E 258 24.80 -1.60 75.68
C ARG E 258 25.17 -2.71 74.70
N LYS E 259 24.34 -3.76 74.64
CA LYS E 259 24.62 -4.88 73.75
C LYS E 259 23.62 -5.09 72.61
N GLN E 260 24.03 -4.63 71.43
CA GLN E 260 23.24 -4.72 70.21
C GLN E 260 24.24 -5.01 69.11
N CYS E 261 23.83 -5.74 68.08
CA CYS E 261 24.72 -6.06 66.97
C CYS E 261 25.00 -4.90 66.04
N SER E 262 24.09 -3.95 65.97
CA SER E 262 24.24 -2.80 65.09
C SER E 262 24.33 -1.50 65.88
N LYS E 263 25.54 -1.01 66.10
CA LYS E 263 25.73 0.22 66.84
C LYS E 263 25.69 1.38 65.84
N GLU E 264 25.90 2.60 66.33
CA GLU E 264 25.86 3.79 65.48
C GLU E 264 26.80 3.73 64.28
N ASP E 265 26.27 4.09 63.12
CA ASP E 265 27.00 4.09 61.85
C ASP E 265 27.32 2.65 61.46
N GLY E 266 26.50 1.73 61.95
CA GLY E 266 26.69 0.32 61.65
C GLY E 266 25.75 -0.07 60.55
N GLY E 267 26.25 -0.82 59.57
CA GLY E 267 25.43 -1.23 58.45
C GLY E 267 24.23 -2.04 58.90
N GLY E 268 23.11 -1.84 58.23
CA GLY E 268 21.91 -2.60 58.55
C GLY E 268 22.08 -3.95 57.90
N TRP E 269 21.81 -5.02 58.63
CA TRP E 269 21.99 -6.36 58.09
C TRP E 269 21.20 -7.38 58.90
N TRP E 270 21.13 -8.60 58.41
CA TRP E 270 20.41 -9.68 59.09
C TRP E 270 21.28 -10.30 60.17
N TYR E 271 21.31 -9.68 61.35
CA TYR E 271 22.12 -10.14 62.48
C TYR E 271 21.48 -11.23 63.32
N ASN E 272 22.32 -11.99 64.02
CA ASN E 272 21.96 -13.11 64.90
C ASN E 272 23.14 -13.27 65.80
N ARG E 273 23.05 -12.79 67.03
CA ARG E 273 24.20 -12.84 67.97
C ARG E 273 25.37 -12.32 67.18
N CYS E 274 24.99 -11.36 66.33
CA CYS E 274 25.80 -10.61 65.41
C CYS E 274 26.10 -11.19 64.03
N HIS E 275 27.27 -11.75 63.78
CA HIS E 275 27.47 -12.21 62.41
C HIS E 275 28.57 -13.18 62.04
N ALA E 276 28.57 -13.47 60.74
CA ALA E 276 29.52 -14.34 60.08
C ALA E 276 30.00 -13.54 58.86
N ALA E 277 29.17 -12.59 58.43
CA ALA E 277 29.46 -11.74 57.27
C ALA E 277 28.59 -10.48 57.31
N ASN E 278 29.10 -9.39 56.74
CA ASN E 278 28.36 -8.12 56.70
C ASN E 278 28.84 -7.24 55.57
N PRO E 279 28.25 -7.41 54.39
CA PRO E 279 28.59 -6.64 53.20
C PRO E 279 28.18 -5.17 53.27
N ASN E 280 27.54 -4.79 54.36
CA ASN E 280 27.10 -3.40 54.53
C ASN E 280 27.90 -2.73 55.62
N GLY E 281 28.91 -3.43 56.12
CA GLY E 281 29.73 -2.87 57.17
C GLY E 281 30.55 -1.69 56.72
N ARG E 282 31.23 -1.07 57.67
CA ARG E 282 32.06 0.09 57.38
C ARG E 282 33.20 -0.24 56.42
N TYR E 283 33.36 0.60 55.40
CA TYR E 283 34.38 0.44 54.38
C TYR E 283 35.79 0.87 54.86
N TYR E 284 36.52 -0.08 55.40
CA TYR E 284 37.87 0.17 55.86
C TYR E 284 38.82 0.08 54.67
N TRP E 285 39.67 1.08 54.54
CA TRP E 285 40.63 1.13 53.44
C TRP E 285 41.84 0.22 53.71
N GLY E 286 42.19 -0.59 52.71
CA GLY E 286 43.33 -1.49 52.86
C GLY E 286 43.00 -2.90 53.29
N GLY E 287 41.76 -3.13 53.73
CA GLY E 287 41.37 -4.46 54.17
C GLY E 287 41.54 -4.71 55.65
N GLN E 288 42.77 -4.92 56.08
CA GLN E 288 43.05 -5.18 57.50
C GLN E 288 42.85 -3.96 58.37
N TYR E 289 42.15 -4.14 59.48
CA TYR E 289 41.87 -3.07 60.46
C TYR E 289 41.83 -3.63 61.89
N THR E 290 42.15 -2.81 62.88
CA THR E 290 42.17 -3.27 64.26
C THR E 290 41.12 -2.68 65.22
N TRP E 291 40.99 -3.34 66.37
CA TRP E 291 40.05 -2.95 67.43
C TRP E 291 40.14 -1.49 67.83
N ASP E 292 41.36 -0.99 67.91
CA ASP E 292 41.60 0.39 68.29
C ASP E 292 41.32 1.37 67.15
N MET E 293 40.80 0.84 66.05
CA MET E 293 40.45 1.65 64.88
C MET E 293 38.92 1.74 64.76
N ALA E 294 38.24 0.66 65.12
CA ALA E 294 36.78 0.58 65.06
C ALA E 294 36.13 1.52 66.06
N LYS E 295 35.05 2.18 65.63
CA LYS E 295 34.34 3.13 66.47
C LYS E 295 33.96 2.56 67.84
N HIS E 296 33.39 1.36 67.83
CA HIS E 296 32.97 0.73 69.08
C HIS E 296 33.87 -0.43 69.46
N GLY E 297 35.01 -0.56 68.79
CA GLY E 297 35.93 -1.65 69.05
C GLY E 297 35.31 -2.95 68.54
N THR E 298 34.60 -2.85 67.41
CA THR E 298 33.91 -3.99 66.81
C THR E 298 34.36 -4.33 65.38
N ASP E 299 33.91 -5.48 64.91
CA ASP E 299 34.23 -5.97 63.56
C ASP E 299 33.12 -5.46 62.62
N ASP E 300 32.97 -4.14 62.59
CA ASP E 300 31.93 -3.50 61.79
C ASP E 300 32.20 -3.24 60.32
N GLY E 301 33.33 -3.72 59.82
CA GLY E 301 33.66 -3.52 58.42
C GLY E 301 32.93 -4.46 57.48
N VAL E 302 33.26 -4.38 56.20
CA VAL E 302 32.65 -5.23 55.18
C VAL E 302 33.31 -6.61 55.26
N VAL E 303 32.91 -7.39 56.24
CA VAL E 303 33.53 -8.70 56.44
C VAL E 303 32.83 -9.91 55.82
N TRP E 304 33.61 -10.99 55.74
CA TRP E 304 33.19 -12.29 55.25
C TRP E 304 34.21 -13.26 55.83
N MET E 305 33.98 -13.60 57.09
CA MET E 305 34.86 -14.47 57.86
C MET E 305 35.27 -15.76 57.22
N ASN E 306 34.30 -16.50 56.69
CA ASN E 306 34.59 -17.78 56.06
C ASN E 306 35.66 -17.69 54.97
N TRP E 307 35.99 -16.47 54.54
CA TRP E 307 37.02 -16.27 53.54
C TRP E 307 38.23 -15.54 54.14
N LYS E 308 38.32 -14.24 53.89
CA LYS E 308 39.44 -13.44 54.39
C LYS E 308 39.60 -13.24 55.90
N GLY E 309 38.82 -13.96 56.71
CA GLY E 309 38.95 -13.84 58.14
C GLY E 309 38.10 -12.78 58.83
N SER E 310 38.42 -12.55 60.09
CA SER E 310 37.69 -11.60 60.94
C SER E 310 37.89 -10.12 60.65
N TRP E 311 38.97 -9.54 61.14
CA TRP E 311 39.23 -8.11 60.94
C TRP E 311 39.78 -7.73 59.58
N TYR E 312 38.98 -7.95 58.55
CA TYR E 312 39.36 -7.64 57.18
C TYR E 312 38.16 -7.18 56.37
N SER E 313 38.22 -5.95 55.88
CA SER E 313 37.16 -5.35 55.07
C SER E 313 37.50 -5.55 53.57
N MET E 314 36.57 -6.13 52.81
CA MET E 314 36.76 -6.39 51.38
C MET E 314 36.92 -5.11 50.56
N ARG E 315 37.57 -5.20 49.40
CA ARG E 315 37.75 -4.03 48.54
C ARG E 315 36.52 -3.84 47.66
N LYS E 316 35.96 -4.94 47.20
CA LYS E 316 34.77 -4.93 46.35
C LYS E 316 33.80 -5.99 46.87
N MET E 317 32.52 -5.63 46.96
CA MET E 317 31.49 -6.54 47.45
C MET E 317 30.17 -6.16 46.84
N SER E 318 29.39 -7.15 46.41
CA SER E 318 28.09 -6.85 45.80
C SER E 318 27.11 -8.00 45.90
N MET E 319 25.83 -7.68 45.73
CA MET E 319 24.75 -8.66 45.76
C MET E 319 23.84 -8.40 44.60
N LYS E 320 23.74 -9.38 43.72
CA LYS E 320 22.90 -9.29 42.53
C LYS E 320 21.82 -10.35 42.64
N ILE E 321 20.80 -10.23 41.79
CA ILE E 321 19.69 -11.18 41.82
C ILE E 321 19.18 -11.56 40.45
N ARG E 322 18.74 -12.81 40.33
CA ARG E 322 18.21 -13.27 39.05
C ARG E 322 17.25 -14.43 39.31
N PRO E 323 16.23 -14.58 38.46
CA PRO E 323 15.28 -15.67 38.63
C PRO E 323 15.96 -17.02 38.45
N PHE E 324 15.72 -17.91 39.39
CA PHE E 324 16.28 -19.25 39.32
C PHE E 324 15.27 -20.08 38.56
N PHE E 325 15.73 -20.78 37.54
CA PHE E 325 14.83 -21.59 36.72
C PHE E 325 14.92 -23.10 36.99
N GLU F 5 72.60 15.56 102.47
CA GLU F 5 72.39 16.76 103.36
C GLU F 5 72.13 18.03 102.56
N ILE F 6 72.45 17.97 101.27
CA ILE F 6 72.26 19.11 100.36
C ILE F 6 70.79 19.43 100.06
N MET F 7 70.02 18.39 99.68
CA MET F 7 68.60 18.54 99.37
C MET F 7 68.23 19.65 98.38
N LYS F 8 69.08 19.82 97.38
CA LYS F 8 68.87 20.83 96.34
C LYS F 8 67.82 20.29 95.35
N TYR F 9 67.04 19.32 95.82
CA TYR F 9 66.01 18.66 95.02
C TYR F 9 64.62 19.27 95.13
N GLU F 10 64.25 19.73 96.32
CA GLU F 10 62.94 20.34 96.54
C GLU F 10 62.75 21.57 95.66
N ALA F 11 63.85 22.10 95.14
CA ALA F 11 63.85 23.27 94.28
C ALA F 11 63.71 22.90 92.81
N SER F 12 63.99 21.64 92.49
CA SER F 12 63.86 21.15 91.12
C SER F 12 62.48 20.55 90.85
N ILE F 13 61.87 20.01 91.90
CA ILE F 13 60.55 19.39 91.80
C ILE F 13 59.52 20.43 91.41
N LEU F 14 59.68 21.65 91.93
CA LEU F 14 58.74 22.72 91.63
C LEU F 14 58.85 23.12 90.16
N THR F 15 60.00 22.82 89.55
CA THR F 15 60.22 23.10 88.15
C THR F 15 59.37 22.07 87.42
N HIS F 16 59.43 20.83 87.90
CA HIS F 16 58.65 19.75 87.33
C HIS F 16 57.18 19.92 87.64
N ASP F 17 56.90 20.52 88.80
CA ASP F 17 55.54 20.76 89.25
C ASP F 17 54.78 21.58 88.20
N SER F 18 55.45 22.60 87.68
CA SER F 18 54.88 23.46 86.65
C SER F 18 54.87 22.75 85.29
N SER F 19 55.88 21.92 85.06
CA SER F 19 55.99 21.16 83.81
C SER F 19 54.76 20.26 83.70
N ILE F 20 54.45 19.57 84.80
CA ILE F 20 53.30 18.69 84.86
C ILE F 20 52.05 19.50 84.59
N ARG F 21 51.88 20.57 85.35
CA ARG F 21 50.72 21.44 85.20
C ARG F 21 50.52 21.89 83.76
N TYR F 22 51.62 22.20 83.08
CA TYR F 22 51.57 22.65 81.69
C TYR F 22 50.90 21.60 80.83
N LEU F 23 51.45 20.38 80.90
CA LEU F 23 50.92 19.28 80.13
C LEU F 23 49.45 19.02 80.42
N GLN F 24 49.09 19.04 81.69
CA GLN F 24 47.70 18.82 82.08
C GLN F 24 46.79 19.77 81.31
N GLU F 25 47.18 21.03 81.25
CA GLU F 25 46.41 22.05 80.55
C GLU F 25 46.31 21.82 79.06
N ILE F 26 47.30 21.14 78.51
CA ILE F 26 47.32 20.82 77.08
C ILE F 26 46.43 19.62 76.84
N TYR F 27 46.59 18.59 77.67
CA TYR F 27 45.78 17.38 77.57
C TYR F 27 44.32 17.76 77.67
N ASN F 28 44.00 18.52 78.72
CA ASN F 28 42.65 18.95 78.95
C ASN F 28 42.10 19.81 77.81
N SER F 29 42.95 20.62 77.19
CA SER F 29 42.52 21.46 76.07
C SER F 29 42.27 20.60 74.82
N ASN F 30 43.16 19.64 74.58
CA ASN F 30 43.01 18.74 73.46
C ASN F 30 41.67 18.03 73.54
N ASN F 31 41.38 17.48 74.72
CA ASN F 31 40.14 16.78 74.97
C ASN F 31 38.95 17.63 74.56
N GLN F 32 39.02 18.91 74.90
CA GLN F 32 37.94 19.82 74.58
C GLN F 32 37.86 20.03 73.08
N LYS F 33 38.99 20.37 72.48
CA LYS F 33 39.01 20.60 71.04
C LYS F 33 38.48 19.38 70.30
N ILE F 34 38.79 18.19 70.83
CA ILE F 34 38.34 16.94 70.24
C ILE F 34 36.83 16.85 70.32
N VAL F 35 36.27 17.21 71.46
CA VAL F 35 34.83 17.16 71.66
C VAL F 35 34.17 18.06 70.63
N ASN F 36 34.78 19.22 70.39
CA ASN F 36 34.27 20.19 69.42
C ASN F 36 34.33 19.60 68.03
N LEU F 37 35.50 19.05 67.69
CA LEU F 37 35.73 18.45 66.39
C LEU F 37 34.69 17.37 66.05
N LYS F 38 34.29 16.58 67.04
CA LYS F 38 33.30 15.54 66.81
C LYS F 38 31.93 16.12 66.49
N GLU F 39 31.63 17.27 67.07
CA GLU F 39 30.35 17.94 66.83
C GLU F 39 30.32 18.55 65.43
N LYS F 40 31.49 18.61 64.79
CA LYS F 40 31.64 19.16 63.45
C LYS F 40 31.47 18.10 62.36
N VAL F 41 32.00 16.90 62.60
CA VAL F 41 31.90 15.80 61.66
C VAL F 41 30.45 15.34 61.53
N ALA F 42 29.75 15.36 62.66
CA ALA F 42 28.35 14.98 62.70
C ALA F 42 27.61 15.94 61.77
N GLN F 43 28.01 17.20 61.82
CA GLN F 43 27.43 18.23 60.97
C GLN F 43 27.82 17.95 59.53
N LEU F 44 29.05 17.52 59.32
CA LEU F 44 29.50 17.22 57.97
C LEU F 44 28.80 15.99 57.42
N GLU F 45 28.82 14.91 58.19
CA GLU F 45 28.20 13.64 57.81
C GLU F 45 26.76 13.84 57.31
N ALA F 46 26.07 14.79 57.94
CA ALA F 46 24.70 15.12 57.57
C ALA F 46 24.64 15.58 56.11
N GLN F 47 25.70 16.26 55.67
CA GLN F 47 25.79 16.74 54.30
C GLN F 47 25.85 15.57 53.34
N CYS F 48 26.87 14.73 53.49
CA CYS F 48 27.04 13.57 52.64
C CYS F 48 26.04 12.44 52.96
N GLN F 49 24.75 12.69 52.71
CA GLN F 49 23.72 11.68 52.97
C GLN F 49 22.82 11.48 51.76
N GLU F 50 22.77 12.48 50.89
CA GLU F 50 21.95 12.38 49.68
C GLU F 50 22.80 12.00 48.47
N PRO F 51 22.20 11.29 47.51
CA PRO F 51 22.94 10.88 46.31
C PRO F 51 23.10 12.03 45.33
N CYS F 52 23.87 11.82 44.27
CA CYS F 52 24.08 12.84 43.24
C CYS F 52 22.76 13.04 42.54
N LYS F 53 22.42 14.28 42.19
CA LYS F 53 21.15 14.53 41.53
C LYS F 53 21.16 14.26 40.04
N ASP F 54 20.28 13.37 39.61
CA ASP F 54 20.18 13.04 38.20
C ASP F 54 19.28 14.09 37.54
N THR F 55 19.84 14.81 36.57
CA THR F 55 19.10 15.84 35.86
C THR F 55 17.88 15.31 35.13
N VAL F 56 17.85 14.01 34.83
CA VAL F 56 16.70 13.43 34.13
C VAL F 56 15.52 13.08 35.05
N GLN F 57 14.32 13.46 34.62
CA GLN F 57 13.11 13.21 35.39
C GLN F 57 11.90 12.92 34.50
N ILE F 58 11.02 12.04 34.98
CA ILE F 58 9.78 11.65 34.27
C ILE F 58 8.59 12.46 34.78
N HIS F 59 7.66 12.75 33.89
CA HIS F 59 6.47 13.53 34.26
C HIS F 59 5.34 12.66 34.78
N ASP F 60 4.70 13.16 35.84
CA ASP F 60 3.61 12.47 36.53
C ASP F 60 2.33 12.31 35.72
N ILE F 61 2.23 13.04 34.61
CA ILE F 61 1.06 12.96 33.75
C ILE F 61 1.12 11.68 32.93
N THR F 62 -0.01 10.98 32.84
CA THR F 62 -0.11 9.72 32.11
C THR F 62 -1.40 9.65 31.29
N GLY F 63 -1.32 8.97 30.14
CA GLY F 63 -2.50 8.84 29.28
C GLY F 63 -2.44 7.65 28.34
N LYS F 64 -3.23 7.74 27.28
CA LYS F 64 -3.28 6.67 26.28
C LYS F 64 -2.20 6.87 25.22
N ASP F 65 -1.76 8.12 25.09
CA ASP F 65 -0.73 8.49 24.13
C ASP F 65 -0.37 9.94 24.40
N CYS F 66 0.74 10.41 23.82
CA CYS F 66 1.19 11.78 24.01
C CYS F 66 0.09 12.83 23.80
N GLN F 67 -0.82 12.58 22.86
CA GLN F 67 -1.88 13.55 22.64
C GLN F 67 -2.85 13.56 23.80
N ASP F 68 -3.30 12.38 24.21
CA ASP F 68 -4.23 12.30 25.34
C ASP F 68 -3.64 13.00 26.55
N ILE F 69 -2.34 12.85 26.71
CA ILE F 69 -1.63 13.46 27.81
C ILE F 69 -1.73 14.99 27.72
N ALA F 70 -1.43 15.54 26.54
CA ALA F 70 -1.47 16.99 26.32
C ALA F 70 -2.83 17.58 26.70
N ASN F 71 -3.88 16.85 26.32
CA ASN F 71 -5.25 17.25 26.61
C ASN F 71 -5.46 17.36 28.11
N LYS F 72 -4.81 16.46 28.84
CA LYS F 72 -4.90 16.46 30.28
C LYS F 72 -4.21 17.68 30.89
N GLY F 73 -3.21 18.22 30.18
CA GLY F 73 -2.52 19.39 30.69
C GLY F 73 -1.06 19.57 30.33
N ALA F 74 -0.37 18.49 29.97
CA ALA F 74 1.05 18.54 29.64
C ALA F 74 1.41 19.72 28.73
N LYS F 75 2.45 20.45 29.09
CA LYS F 75 2.90 21.64 28.33
C LYS F 75 4.33 21.54 27.81
N GLN F 76 5.13 20.68 28.43
CA GLN F 76 6.52 20.52 28.02
C GLN F 76 6.78 19.18 27.35
N SER F 77 7.64 19.21 26.34
CA SER F 77 7.99 18.00 25.62
C SER F 77 9.14 17.26 26.31
N GLY F 78 8.78 16.22 27.05
CA GLY F 78 9.76 15.42 27.77
C GLY F 78 9.37 13.96 27.83
N LEU F 79 9.78 13.28 28.90
CA LEU F 79 9.48 11.86 29.05
C LEU F 79 8.26 11.58 29.89
N TYR F 80 7.32 10.82 29.33
CA TYR F 80 6.09 10.46 30.02
C TYR F 80 5.78 8.97 29.84
N PHE F 81 4.89 8.47 30.68
CA PHE F 81 4.48 7.08 30.64
C PHE F 81 3.10 6.99 30.00
N ILE F 82 3.03 6.43 28.80
CA ILE F 82 1.73 6.27 28.16
C ILE F 82 1.33 4.81 28.28
N LYS F 83 0.05 4.55 28.01
CA LYS F 83 -0.48 3.21 28.09
C LYS F 83 -1.80 3.11 27.33
N PRO F 84 -1.74 2.61 26.08
CA PRO F 84 -2.93 2.45 25.24
C PRO F 84 -3.92 1.47 25.89
N LEU F 85 -5.05 1.27 25.24
CA LEU F 85 -6.09 0.39 25.76
C LEU F 85 -5.67 -1.08 25.90
N LYS F 86 -5.30 -1.70 24.80
CA LYS F 86 -4.90 -3.12 24.78
C LYS F 86 -3.46 -3.39 25.24
N ALA F 87 -2.89 -2.44 25.98
CA ALA F 87 -1.52 -2.57 26.48
C ALA F 87 -1.41 -3.38 27.77
N ASN F 88 -0.47 -4.32 27.80
CA ASN F 88 -0.23 -5.16 28.97
C ASN F 88 0.27 -4.29 30.12
N GLN F 89 1.19 -3.40 29.79
CA GLN F 89 1.78 -2.50 30.77
C GLN F 89 2.08 -1.15 30.15
N GLN F 90 2.32 -0.15 30.98
CA GLN F 90 2.66 1.19 30.51
C GLN F 90 4.10 1.13 30.00
N PHE F 91 4.59 2.24 29.47
CA PHE F 91 5.97 2.34 28.99
C PHE F 91 6.33 3.77 28.67
N LEU F 92 7.59 4.10 28.91
CA LEU F 92 8.11 5.44 28.71
C LEU F 92 8.28 5.79 27.23
N VAL F 93 8.08 7.07 26.91
CA VAL F 93 8.21 7.60 25.55
C VAL F 93 8.61 9.07 25.61
N TYR F 94 9.05 9.61 24.48
CA TYR F 94 9.39 11.02 24.42
C TYR F 94 8.26 11.71 23.68
N CYS F 95 7.66 12.72 24.30
CA CYS F 95 6.57 13.44 23.69
C CYS F 95 7.03 14.79 23.18
N GLU F 96 6.41 15.25 22.10
CA GLU F 96 6.72 16.56 21.54
C GLU F 96 5.43 17.36 21.54
N ILE F 97 5.38 18.42 22.34
CA ILE F 97 4.18 19.26 22.43
C ILE F 97 4.45 20.69 21.97
N ASP F 98 3.69 21.13 20.96
CA ASP F 98 3.85 22.47 20.42
C ASP F 98 2.96 23.53 21.07
N GLY F 99 3.08 24.76 20.56
CA GLY F 99 2.29 25.87 21.07
C GLY F 99 0.81 25.68 20.86
N SER F 100 0.45 24.94 19.81
CA SER F 100 -0.94 24.65 19.48
C SER F 100 -1.49 23.53 20.37
N GLY F 101 -0.64 22.99 21.23
CA GLY F 101 -1.05 21.91 22.13
C GLY F 101 -1.23 20.56 21.47
N ASN F 102 -0.20 20.13 20.72
CA ASN F 102 -0.22 18.83 20.04
C ASN F 102 0.80 17.87 20.65
N GLY F 103 0.39 16.62 20.82
CA GLY F 103 1.26 15.61 21.41
C GLY F 103 1.83 14.61 20.43
N TRP F 104 3.09 14.81 20.06
CA TRP F 104 3.77 13.95 19.12
C TRP F 104 4.52 12.82 19.81
N THR F 105 3.96 11.62 19.71
CA THR F 105 4.61 10.46 20.31
C THR F 105 5.70 10.04 19.30
N VAL F 106 6.95 10.27 19.66
CA VAL F 106 8.07 9.95 18.78
C VAL F 106 8.57 8.51 18.91
N PHE F 107 8.79 7.83 17.78
CA PHE F 107 9.26 6.45 17.85
C PHE F 107 10.60 6.19 17.17
N GLN F 108 11.18 7.21 16.57
CA GLN F 108 12.47 7.06 15.92
C GLN F 108 13.15 8.41 15.83
N LYS F 109 14.41 8.45 16.23
CA LYS F 109 15.17 9.69 16.18
C LYS F 109 16.64 9.41 15.93
N ARG F 110 17.20 10.12 14.95
CA ARG F 110 18.61 10.01 14.59
C ARG F 110 19.18 11.41 14.63
N LEU F 111 20.44 11.53 15.06
CA LEU F 111 21.09 12.83 15.17
C LEU F 111 22.61 12.86 15.32
N ASP F 112 23.22 11.69 15.54
CA ASP F 112 24.67 11.61 15.70
C ASP F 112 25.30 10.25 15.38
N GLY F 113 24.45 9.23 15.19
CA GLY F 113 24.95 7.90 14.89
C GLY F 113 25.60 7.20 16.07
N SER F 114 25.27 7.66 17.28
CA SER F 114 25.82 7.07 18.50
C SER F 114 25.21 5.69 18.76
N VAL F 115 24.07 5.43 18.14
CA VAL F 115 23.36 4.17 18.27
C VAL F 115 23.46 3.36 16.98
N ASP F 116 23.92 2.12 17.13
CA ASP F 116 24.07 1.20 16.01
C ASP F 116 22.68 0.67 15.65
N PHE F 117 22.24 0.93 14.44
CA PHE F 117 20.92 0.48 14.03
C PHE F 117 20.86 -0.91 13.44
N LYS F 118 22.01 -1.59 13.44
CA LYS F 118 22.06 -2.95 12.97
C LYS F 118 21.62 -3.79 14.17
N LYS F 119 20.31 -3.93 14.32
CA LYS F 119 19.73 -4.69 15.43
C LYS F 119 18.80 -5.80 14.95
N ASN F 120 18.72 -6.87 15.71
CA ASN F 120 17.89 -8.01 15.34
C ASN F 120 16.41 -7.76 15.53
N TRP F 121 15.62 -8.75 15.12
CA TRP F 121 14.17 -8.72 15.20
C TRP F 121 13.70 -8.31 16.60
N ILE F 122 14.11 -9.05 17.62
CA ILE F 122 13.72 -8.77 18.99
C ILE F 122 14.09 -7.34 19.40
N GLN F 123 15.30 -6.91 19.04
CA GLN F 123 15.79 -5.58 19.36
C GLN F 123 14.96 -4.45 18.71
N TYR F 124 14.27 -4.78 17.64
CA TYR F 124 13.44 -3.80 16.95
C TYR F 124 11.99 -3.86 17.43
N LYS F 125 11.62 -4.98 18.06
CA LYS F 125 10.28 -5.19 18.57
C LYS F 125 10.07 -4.49 19.92
N GLU F 126 10.99 -4.75 20.84
CA GLU F 126 10.94 -4.19 22.19
C GLU F 126 11.54 -2.78 22.21
N GLY F 127 12.29 -2.44 21.17
CA GLY F 127 12.90 -1.13 21.05
C GLY F 127 14.31 -1.06 21.57
N PHE F 128 15.11 -0.16 20.98
CA PHE F 128 16.50 0.04 21.37
C PHE F 128 16.90 1.52 21.34
N GLY F 129 17.98 1.84 22.05
CA GLY F 129 18.47 3.21 22.13
C GLY F 129 18.16 3.83 23.47
N HIS F 130 18.31 5.15 23.58
CA HIS F 130 18.05 5.85 24.84
C HIS F 130 17.02 6.96 24.72
N LEU F 131 16.32 7.22 25.81
CA LEU F 131 15.30 8.26 25.88
C LEU F 131 15.81 9.46 26.66
N SER F 132 15.72 10.64 26.06
CA SER F 132 16.17 11.85 26.74
C SER F 132 14.98 12.79 26.87
N PRO F 133 14.89 13.51 27.99
CA PRO F 133 13.79 14.45 28.20
C PRO F 133 13.94 15.70 27.32
N THR F 134 15.00 15.72 26.51
CA THR F 134 15.28 16.83 25.61
C THR F 134 15.44 16.44 24.14
N GLY F 135 15.16 15.17 23.83
CA GLY F 135 15.28 14.71 22.46
C GLY F 135 16.63 14.98 21.83
N THR F 136 17.68 14.70 22.59
CA THR F 136 19.02 14.91 22.09
C THR F 136 19.67 13.54 22.03
N THR F 137 18.81 12.52 22.13
CA THR F 137 19.19 11.12 22.13
C THR F 137 18.68 10.42 20.85
N GLU F 138 19.33 9.31 20.50
CA GLU F 138 18.98 8.53 19.32
C GLU F 138 18.25 7.26 19.79
N PHE F 139 17.26 6.78 19.04
CA PHE F 139 16.54 5.58 19.48
C PHE F 139 15.50 5.02 18.50
N TRP F 140 14.89 3.92 18.95
CA TRP F 140 13.82 3.21 18.24
C TRP F 140 12.89 2.72 19.33
N LEU F 141 11.68 3.27 19.38
CA LEU F 141 10.73 2.90 20.41
C LEU F 141 10.42 1.40 20.52
N GLY F 142 10.12 0.77 19.39
CA GLY F 142 9.77 -0.63 19.43
C GLY F 142 8.50 -0.88 18.62
N ASN F 143 8.60 -1.73 17.61
CA ASN F 143 7.47 -2.05 16.75
C ASN F 143 6.20 -2.38 17.52
N GLU F 144 6.32 -3.25 18.51
CA GLU F 144 5.18 -3.64 19.33
C GLU F 144 4.53 -2.42 19.95
N LYS F 145 5.36 -1.52 20.45
CA LYS F 145 4.89 -0.30 21.07
C LYS F 145 4.19 0.51 19.98
N ILE F 146 4.91 0.77 18.90
CA ILE F 146 4.36 1.54 17.78
C ILE F 146 3.04 0.93 17.34
N HIS F 147 2.98 -0.39 17.33
CA HIS F 147 1.77 -1.10 16.95
C HIS F 147 0.62 -0.71 17.85
N LEU F 148 0.82 -0.92 19.14
CA LEU F 148 -0.20 -0.64 20.14
C LEU F 148 -0.79 0.76 20.08
N ILE F 149 0.05 1.74 19.78
CA ILE F 149 -0.41 3.11 19.72
C ILE F 149 -1.24 3.37 18.48
N SER F 150 -0.65 3.15 17.32
CA SER F 150 -1.30 3.36 16.03
C SER F 150 -2.60 2.59 15.84
N THR F 151 -2.67 1.39 16.40
CA THR F 151 -3.84 0.52 16.26
C THR F 151 -4.77 0.50 17.47
N GLN F 152 -5.00 1.66 18.08
CA GLN F 152 -5.88 1.67 19.25
C GLN F 152 -7.14 2.48 19.09
N SER F 153 -8.20 2.00 19.73
CA SER F 153 -9.52 2.64 19.71
C SER F 153 -10.04 2.78 18.28
N ALA F 154 -9.33 2.14 17.34
CA ALA F 154 -9.69 2.18 15.92
C ALA F 154 -9.79 3.62 15.43
N ILE F 155 -9.14 4.53 16.14
CA ILE F 155 -9.15 5.94 15.79
C ILE F 155 -8.02 6.28 14.82
N PRO F 156 -8.27 7.25 13.93
CA PRO F 156 -7.35 7.74 12.90
C PRO F 156 -6.06 8.38 13.38
N TYR F 157 -4.94 7.84 12.92
CA TYR F 157 -3.62 8.34 13.26
C TYR F 157 -2.90 8.82 12.00
N ALA F 158 -1.88 9.64 12.19
CA ALA F 158 -1.10 10.16 11.08
C ALA F 158 0.39 10.11 11.43
N LEU F 159 1.23 10.17 10.40
CA LEU F 159 2.67 10.13 10.61
C LEU F 159 3.40 11.28 9.94
N ARG F 160 4.28 11.93 10.71
CA ARG F 160 5.11 13.01 10.17
C ARG F 160 6.56 12.56 10.22
N VAL F 161 7.29 12.93 9.18
CA VAL F 161 8.70 12.57 9.10
C VAL F 161 9.45 13.87 8.91
N GLU F 162 10.38 14.14 9.80
CA GLU F 162 11.18 15.35 9.71
C GLU F 162 12.59 14.99 9.32
N LEU F 163 13.12 15.70 8.34
CA LEU F 163 14.48 15.45 7.87
C LEU F 163 15.32 16.69 8.03
N GLU F 164 16.63 16.50 8.09
CA GLU F 164 17.54 17.61 8.19
C GLU F 164 18.88 17.25 7.58
N ASP F 165 19.38 18.14 6.72
CA ASP F 165 20.66 17.93 6.07
C ASP F 165 21.78 18.49 6.93
N TRP F 166 22.98 18.57 6.36
CA TRP F 166 24.12 19.09 7.09
C TRP F 166 24.30 20.59 6.91
N ASN F 167 23.17 21.25 6.67
CA ASN F 167 23.12 22.68 6.49
C ASN F 167 21.90 23.21 7.24
N GLY F 168 21.43 22.40 8.19
CA GLY F 168 20.27 22.76 8.99
C GLY F 168 18.95 22.85 8.24
N ARG F 169 19.00 22.68 6.93
CA ARG F 169 17.81 22.73 6.09
C ARG F 169 16.95 21.51 6.41
N THR F 170 15.65 21.73 6.63
CA THR F 170 14.73 20.66 6.96
C THR F 170 13.51 20.53 6.06
N SER F 171 12.85 19.38 6.17
CA SER F 171 11.66 19.08 5.39
C SER F 171 10.83 18.04 6.10
N THR F 172 9.57 17.92 5.69
CA THR F 172 8.69 16.95 6.29
C THR F 172 7.82 16.26 5.25
N ALA F 173 7.22 15.14 5.64
CA ALA F 173 6.36 14.35 4.79
C ALA F 173 5.35 13.69 5.73
N ASP F 174 4.07 13.90 5.44
CA ASP F 174 3.03 13.34 6.28
C ASP F 174 2.23 12.26 5.57
N TYR F 175 1.79 11.25 6.34
CA TYR F 175 0.98 10.16 5.81
C TYR F 175 -0.26 9.95 6.67
N ALA F 176 -1.43 10.14 6.06
CA ALA F 176 -2.70 9.98 6.74
C ALA F 176 -3.07 8.52 6.90
N MET F 177 -3.87 8.23 7.92
CA MET F 177 -4.30 6.87 8.21
C MET F 177 -3.11 5.92 8.41
N PHE F 178 -2.11 6.42 9.13
CA PHE F 178 -0.90 5.65 9.44
C PHE F 178 -1.25 4.55 10.44
N LYS F 179 -0.62 3.39 10.27
CA LYS F 179 -0.88 2.25 11.14
C LYS F 179 0.18 1.17 10.94
N VAL F 180 0.50 0.47 12.03
CA VAL F 180 1.46 -0.64 11.99
C VAL F 180 0.76 -1.87 12.57
N GLY F 181 0.78 -2.95 11.79
CA GLY F 181 0.13 -4.18 12.20
C GLY F 181 0.81 -4.98 13.29
N PRO F 182 0.14 -6.05 13.76
CA PRO F 182 0.63 -6.94 14.81
C PRO F 182 1.83 -7.77 14.35
N GLU F 183 2.49 -8.41 15.31
CA GLU F 183 3.66 -9.23 15.01
C GLU F 183 3.29 -10.39 14.10
N ALA F 184 2.10 -10.95 14.29
CA ALA F 184 1.62 -12.05 13.46
C ALA F 184 1.66 -11.69 11.98
N ASP F 185 1.65 -10.39 11.68
CA ASP F 185 1.70 -9.90 10.30
C ASP F 185 2.99 -9.10 10.08
N LYS F 186 4.04 -9.52 10.77
CA LYS F 186 5.37 -8.91 10.68
C LYS F 186 5.43 -7.39 10.81
N TYR F 187 4.49 -6.82 11.58
CA TYR F 187 4.43 -5.37 11.80
C TYR F 187 4.39 -4.56 10.51
N ARG F 188 3.57 -5.01 9.56
CA ARG F 188 3.40 -4.38 8.27
C ARG F 188 2.96 -2.93 8.28
N LEU F 189 3.62 -2.12 7.44
CA LEU F 189 3.33 -0.70 7.30
C LEU F 189 2.10 -0.52 6.43
N THR F 190 1.29 0.45 6.79
CA THR F 190 0.05 0.75 6.06
C THR F 190 -0.44 2.18 6.31
N TYR F 191 -0.89 2.83 5.26
CA TYR F 191 -1.42 4.19 5.33
C TYR F 191 -2.31 4.40 4.11
N ALA F 192 -3.36 5.19 4.28
CA ALA F 192 -4.30 5.49 3.20
C ALA F 192 -3.64 6.27 2.08
N TYR F 193 -2.82 7.26 2.43
CA TYR F 193 -2.15 8.08 1.44
C TYR F 193 -1.14 9.05 2.02
N PHE F 194 -0.56 9.85 1.13
CA PHE F 194 0.43 10.85 1.48
C PHE F 194 -0.30 12.16 1.69
N ALA F 195 -0.13 12.73 2.89
CA ALA F 195 -0.78 13.99 3.24
C ALA F 195 0.03 15.22 2.83
N GLY F 196 1.04 15.02 2.00
CA GLY F 196 1.84 16.15 1.55
C GLY F 196 3.03 16.46 2.44
N GLY F 197 4.06 17.04 1.84
CA GLY F 197 5.26 17.40 2.58
C GLY F 197 6.40 17.82 1.68
N ASP F 198 7.09 18.89 2.05
CA ASP F 198 8.20 19.42 1.28
C ASP F 198 9.36 18.44 1.03
N ALA F 199 9.33 17.30 1.70
CA ALA F 199 10.38 16.29 1.54
C ALA F 199 10.07 15.31 0.41
N GLY F 200 8.78 15.11 0.12
CA GLY F 200 8.39 14.18 -0.94
C GLY F 200 7.86 12.86 -0.43
N ASP F 201 7.12 12.15 -1.28
CA ASP F 201 6.54 10.86 -0.93
C ASP F 201 7.40 9.70 -1.40
N ALA F 202 8.49 9.43 -0.70
CA ALA F 202 9.38 8.34 -1.06
C ALA F 202 8.67 7.00 -0.89
N PHE F 203 7.67 6.98 0.00
CA PHE F 203 6.91 5.77 0.27
C PHE F 203 6.12 5.30 -0.94
N ASP F 204 5.93 6.22 -1.89
CA ASP F 204 5.18 5.89 -3.11
C ASP F 204 6.12 5.23 -4.10
N GLY F 205 7.29 4.81 -3.62
CA GLY F 205 8.27 4.20 -4.49
C GLY F 205 9.07 5.29 -5.13
N PHE F 206 9.95 4.92 -6.04
CA PHE F 206 10.80 5.89 -6.70
C PHE F 206 11.54 5.20 -7.84
N ASP F 207 11.30 5.66 -9.06
CA ASP F 207 11.97 5.07 -10.21
C ASP F 207 13.32 5.75 -10.40
N PHE F 208 14.35 5.13 -9.82
CA PHE F 208 15.70 5.66 -9.89
C PHE F 208 16.24 5.77 -11.32
N GLY F 209 16.36 4.66 -12.03
CA GLY F 209 16.85 4.70 -13.40
C GLY F 209 17.50 3.43 -13.90
N ASP F 210 17.76 2.50 -13.00
CA ASP F 210 18.40 1.23 -13.34
C ASP F 210 17.42 0.38 -14.16
N ASP F 211 16.25 0.14 -13.57
CA ASP F 211 15.20 -0.66 -14.20
C ASP F 211 13.88 0.11 -14.14
N PRO F 212 12.93 -0.23 -15.02
CA PRO F 212 11.61 0.43 -15.05
C PRO F 212 10.69 -0.12 -13.97
N SER F 213 11.24 -0.98 -13.12
CA SER F 213 10.52 -1.61 -12.02
C SER F 213 10.81 -0.90 -10.70
N ASP F 214 11.88 -0.12 -10.70
CA ASP F 214 12.34 0.63 -9.54
C ASP F 214 11.24 1.25 -8.72
N LYS F 215 10.27 1.88 -9.36
CA LYS F 215 9.17 2.52 -8.64
C LYS F 215 8.42 1.59 -7.71
N PHE F 216 7.60 0.69 -8.26
CA PHE F 216 6.84 -0.23 -7.43
C PHE F 216 7.73 -1.26 -6.71
N PHE F 217 9.02 -1.20 -6.98
CA PHE F 217 9.98 -2.07 -6.33
C PHE F 217 10.60 -1.36 -5.14
N THR F 218 10.19 -0.11 -4.95
CA THR F 218 10.70 0.71 -3.86
C THR F 218 9.57 1.39 -3.10
N SER F 219 8.34 0.92 -3.32
CA SER F 219 7.19 1.48 -2.61
C SER F 219 7.17 0.79 -1.24
N HIS F 220 6.81 1.54 -0.19
CA HIS F 220 6.79 0.98 1.16
C HIS F 220 5.40 0.76 1.76
N ASN F 221 4.37 1.29 1.13
CA ASN F 221 3.02 1.11 1.65
C ASN F 221 2.68 -0.37 1.53
N GLY F 222 2.16 -0.94 2.62
CA GLY F 222 1.78 -2.34 2.63
C GLY F 222 2.93 -3.33 2.84
N MET F 223 4.14 -2.81 3.04
CA MET F 223 5.30 -3.67 3.26
C MET F 223 5.46 -4.08 4.71
N GLN F 224 5.85 -5.33 4.92
CA GLN F 224 6.05 -5.85 6.27
C GLN F 224 7.44 -5.50 6.76
N PHE F 225 7.60 -5.41 8.07
CA PHE F 225 8.90 -5.08 8.64
C PHE F 225 9.81 -6.31 8.57
N SER F 226 11.10 -6.08 8.26
CA SER F 226 12.09 -7.15 8.15
C SER F 226 13.43 -6.83 8.80
N THR F 227 14.13 -7.87 9.23
CA THR F 227 15.44 -7.76 9.84
C THR F 227 16.34 -8.83 9.22
N TRP F 228 17.63 -8.78 9.52
CA TRP F 228 18.54 -9.78 8.97
C TRP F 228 18.08 -11.17 9.40
N ASP F 229 17.53 -11.27 10.61
CA ASP F 229 17.07 -12.54 11.15
C ASP F 229 15.57 -12.77 11.03
N ASN F 230 14.94 -12.04 10.11
CA ASN F 230 13.51 -12.17 9.89
C ASN F 230 13.14 -11.50 8.57
N ASP F 231 13.57 -12.12 7.48
CA ASP F 231 13.31 -11.60 6.15
C ASP F 231 11.83 -11.69 5.80
N ASN F 232 11.31 -10.59 5.25
CA ASN F 232 9.91 -10.50 4.81
C ASN F 232 9.82 -9.60 3.58
N ASP F 233 10.98 -9.24 3.03
CA ASP F 233 11.02 -8.39 1.86
C ASP F 233 10.57 -9.12 0.62
N LYS F 234 10.29 -8.33 -0.41
CA LYS F 234 9.86 -8.85 -1.68
C LYS F 234 11.11 -9.02 -2.55
N PHE F 235 12.21 -9.36 -1.89
CA PHE F 235 13.49 -9.56 -2.55
C PHE F 235 13.89 -11.03 -2.36
N GLU F 236 14.51 -11.59 -3.39
CA GLU F 236 14.98 -12.97 -3.36
C GLU F 236 16.00 -13.07 -2.22
N GLY F 237 16.81 -12.02 -2.09
CA GLY F 237 17.82 -11.94 -1.04
C GLY F 237 17.30 -11.26 0.21
N ASN F 238 18.23 -10.88 1.09
CA ASN F 238 17.87 -10.23 2.36
C ASN F 238 18.25 -8.75 2.42
N CYS F 239 17.34 -7.90 1.95
CA CYS F 239 17.52 -6.45 1.94
C CYS F 239 18.03 -5.94 3.28
N ALA F 240 17.40 -6.44 4.35
CA ALA F 240 17.74 -6.06 5.72
C ALA F 240 19.18 -6.37 6.07
N GLU F 241 19.58 -7.61 5.83
CA GLU F 241 20.95 -7.99 6.12
C GLU F 241 21.92 -7.20 5.25
N GLN F 242 21.58 -7.03 3.97
CA GLN F 242 22.42 -6.29 3.04
C GLN F 242 22.74 -4.88 3.52
N ASP F 243 21.69 -4.09 3.76
CA ASP F 243 21.85 -2.73 4.23
C ASP F 243 22.29 -2.67 5.69
N GLY F 244 21.94 -3.70 6.44
CA GLY F 244 22.32 -3.76 7.85
C GLY F 244 21.45 -2.89 8.74
N SER F 245 20.16 -3.21 8.80
CA SER F 245 19.23 -2.44 9.60
C SER F 245 17.90 -3.17 9.72
N GLY F 246 16.89 -2.42 10.16
CA GLY F 246 15.53 -2.94 10.31
C GLY F 246 14.62 -1.93 9.68
N TRP F 247 13.84 -2.36 8.70
CA TRP F 247 12.94 -1.46 7.98
C TRP F 247 11.92 -2.23 7.16
N TRP F 248 10.87 -1.55 6.68
CA TRP F 248 9.87 -2.21 5.84
C TRP F 248 10.40 -2.16 4.40
N MET F 249 11.13 -3.22 4.02
CA MET F 249 11.74 -3.28 2.69
C MET F 249 10.88 -4.02 1.65
N ASN F 250 10.92 -3.50 0.42
CA ASN F 250 10.22 -4.07 -0.73
C ASN F 250 11.33 -4.81 -1.45
N LYS F 251 11.64 -4.38 -2.67
CA LYS F 251 12.78 -4.94 -3.41
C LYS F 251 13.81 -3.92 -2.96
N CYS F 252 13.78 -3.77 -1.65
CA CYS F 252 14.59 -2.88 -0.82
C CYS F 252 13.98 -1.52 -0.50
N HIS F 253 14.46 -0.42 -1.09
CA HIS F 253 13.89 0.86 -0.68
C HIS F 253 13.94 2.08 -1.59
N ALA F 254 13.38 3.16 -1.04
CA ALA F 254 13.32 4.48 -1.66
C ALA F 254 13.32 5.52 -0.53
N GLY F 255 12.95 5.06 0.67
CA GLY F 255 12.91 5.90 1.86
C GLY F 255 13.39 5.04 3.01
N HIS F 256 14.67 5.12 3.34
CA HIS F 256 15.28 4.29 4.38
C HIS F 256 15.88 5.09 5.52
N LEU F 257 15.13 5.27 6.59
CA LEU F 257 15.59 6.06 7.73
C LEU F 257 16.48 5.40 8.77
N ASN F 258 16.42 4.08 8.87
CA ASN F 258 17.26 3.39 9.83
C ASN F 258 18.60 3.02 9.22
N GLY F 259 18.89 3.62 8.06
CA GLY F 259 20.13 3.36 7.36
C GLY F 259 21.36 3.78 8.14
N VAL F 260 22.53 3.40 7.62
CA VAL F 260 23.79 3.71 8.27
C VAL F 260 24.00 5.21 8.38
N TYR F 261 24.36 5.65 9.57
CA TYR F 261 24.60 7.07 9.79
C TYR F 261 25.93 7.47 9.15
N TYR F 262 25.83 8.15 8.02
CA TYR F 262 27.01 8.60 7.31
C TYR F 262 27.28 10.06 7.68
N GLN F 263 28.41 10.29 8.32
CA GLN F 263 28.81 11.62 8.74
C GLN F 263 29.02 12.51 7.52
N GLY F 264 28.67 13.78 7.65
CA GLY F 264 28.82 14.69 6.53
C GLY F 264 27.73 14.54 5.48
N GLY F 265 27.00 13.42 5.54
CA GLY F 265 25.91 13.18 4.60
C GLY F 265 26.24 12.36 3.36
N THR F 266 26.94 12.98 2.42
CA THR F 266 27.32 12.33 1.15
C THR F 266 28.23 11.12 1.30
N TYR F 267 27.88 10.06 0.59
CA TYR F 267 28.65 8.83 0.59
C TYR F 267 28.60 8.25 -0.82
N SER F 268 28.97 6.99 -0.97
CA SER F 268 28.96 6.34 -2.28
C SER F 268 29.09 4.83 -2.18
N LYS F 269 29.16 4.20 -3.36
CA LYS F 269 29.31 2.76 -3.44
C LYS F 269 30.76 2.37 -3.17
N ALA F 270 31.58 3.38 -2.88
CA ALA F 270 32.98 3.20 -2.56
C ALA F 270 33.10 2.94 -1.06
N SER F 271 32.19 3.55 -0.30
CA SER F 271 32.16 3.40 1.15
C SER F 271 31.60 2.05 1.59
N THR F 272 31.57 1.09 0.67
CA THR F 272 31.06 -0.24 0.95
C THR F 272 31.73 -1.24 0.00
N PRO F 273 32.11 -2.43 0.51
CA PRO F 273 32.76 -3.47 -0.32
C PRO F 273 31.93 -3.83 -1.55
N ASN F 274 30.67 -4.19 -1.35
CA ASN F 274 29.79 -4.53 -2.46
C ASN F 274 29.06 -3.32 -3.00
N GLY F 275 29.34 -2.16 -2.39
CA GLY F 275 28.72 -0.90 -2.81
C GLY F 275 27.22 -0.78 -2.67
N TYR F 276 26.74 -0.48 -1.46
CA TYR F 276 25.31 -0.32 -1.22
C TYR F 276 24.98 1.12 -0.85
N ASP F 277 23.71 1.47 -0.99
CA ASP F 277 23.21 2.78 -0.65
C ASP F 277 22.42 2.58 0.64
N ASN F 278 23.09 1.94 1.60
CA ASN F 278 22.54 1.60 2.90
C ASN F 278 22.51 2.73 3.93
N GLY F 279 22.46 3.97 3.45
CA GLY F 279 22.44 5.09 4.37
C GLY F 279 21.04 5.59 4.66
N ILE F 280 20.95 6.52 5.62
CA ILE F 280 19.70 7.15 6.02
C ILE F 280 19.29 8.03 4.83
N ILE F 281 18.46 7.48 3.95
CA ILE F 281 18.04 8.18 2.72
C ILE F 281 16.55 8.42 2.49
N TRP F 282 16.29 9.36 1.58
CA TRP F 282 14.94 9.76 1.18
C TRP F 282 15.04 10.30 -0.25
N ALA F 283 14.86 9.40 -1.21
CA ALA F 283 14.98 9.71 -2.64
C ALA F 283 14.30 10.96 -3.21
N THR F 284 13.09 11.27 -2.73
CA THR F 284 12.36 12.44 -3.21
C THR F 284 12.94 13.77 -2.77
N TRP F 285 13.67 13.78 -1.65
CA TRP F 285 14.26 15.01 -1.14
C TRP F 285 15.74 15.13 -1.51
N LYS F 286 16.48 14.05 -1.32
CA LYS F 286 17.89 14.03 -1.62
C LYS F 286 18.32 12.80 -2.41
N THR F 287 19.60 12.78 -2.78
CA THR F 287 20.19 11.71 -3.54
C THR F 287 20.13 10.40 -2.76
N ARG F 288 20.41 9.30 -3.44
CA ARG F 288 20.43 7.98 -2.82
C ARG F 288 21.79 7.84 -2.12
N TRP F 289 22.67 8.79 -2.38
CA TRP F 289 23.99 8.79 -1.76
C TRP F 289 24.25 10.03 -0.91
N TYR F 290 23.19 10.51 -0.29
CA TYR F 290 23.26 11.64 0.63
C TYR F 290 22.47 11.25 1.88
N SER F 291 23.20 10.92 2.95
CA SER F 291 22.61 10.50 4.22
C SER F 291 22.24 11.70 5.10
N MET F 292 21.08 11.62 5.73
CA MET F 292 20.58 12.69 6.59
C MET F 292 21.42 12.96 7.83
N LYS F 293 21.37 14.21 8.30
CA LYS F 293 22.07 14.63 9.50
C LYS F 293 21.17 14.30 10.69
N LYS F 294 19.88 14.55 10.51
CA LYS F 294 18.90 14.26 11.55
C LYS F 294 17.64 13.63 10.99
N THR F 295 17.09 12.71 11.77
CA THR F 295 15.89 11.99 11.39
C THR F 295 15.00 11.85 12.59
N THR F 296 13.70 11.97 12.36
CA THR F 296 12.74 11.86 13.43
C THR F 296 11.39 11.40 12.91
N MET F 297 10.91 10.32 13.50
CA MET F 297 9.62 9.73 13.14
C MET F 297 8.71 9.80 14.34
N LYS F 298 7.58 10.47 14.15
CA LYS F 298 6.60 10.66 15.20
C LYS F 298 5.19 10.58 14.65
N ILE F 299 4.26 10.18 15.49
CA ILE F 299 2.87 10.07 15.07
C ILE F 299 1.96 10.90 15.95
N ILE F 300 0.71 11.01 15.52
CA ILE F 300 -0.28 11.80 16.25
C ILE F 300 -1.65 11.50 15.64
N PRO F 301 -2.73 11.55 16.45
CA PRO F 301 -4.05 11.29 15.89
C PRO F 301 -4.30 12.29 14.77
N PHE F 302 -4.60 11.74 13.59
CA PHE F 302 -4.82 12.52 12.38
C PHE F 302 -5.59 13.84 12.48
N ASN F 303 -6.65 13.87 13.28
CA ASN F 303 -7.50 15.06 13.43
C ASN F 303 -6.85 16.39 13.84
N ARG F 304 -5.57 16.38 14.19
CA ARG F 304 -4.87 17.61 14.58
C ARG F 304 -4.18 18.19 13.34
N LEU F 305 -4.77 17.96 12.17
CA LEU F 305 -4.25 18.40 10.88
C LEU F 305 -3.96 19.89 10.70
N THR F 306 -3.05 20.18 9.78
CA THR F 306 -2.64 21.54 9.46
C THR F 306 -3.72 22.32 8.69
C1 NAG G . -28.81 15.06 -78.41
C2 NAG G . -29.23 13.62 -78.12
C3 NAG G . -30.54 13.32 -78.82
C4 NAG G . -31.61 14.34 -78.36
C5 NAG G . -31.10 15.76 -78.61
C6 NAG G . -32.06 16.81 -78.10
C7 NAG G . -27.24 12.30 -77.70
C8 NAG G . -26.19 11.34 -78.23
N2 NAG G . -28.18 12.70 -78.54
O3 NAG G . -30.97 12.00 -78.51
O4 NAG G . -32.82 14.13 -79.07
O5 NAG G . -29.83 15.97 -77.95
O6 NAG G . -31.83 17.08 -76.71
O7 NAG G . -27.19 12.67 -76.52
C1 NAG H . -27.21 14.37 -82.93
C2 NAG H . -27.78 13.04 -82.43
C3 NAG H . -29.29 13.15 -82.19
C4 NAG H . -29.63 14.39 -81.36
C5 NAG H . -28.97 15.62 -81.97
C6 NAG H . -29.23 16.88 -81.17
C7 NAG H . -27.59 12.15 -84.70
C8 NAG H . -27.28 10.94 -85.58
N2 NAG H . -27.50 11.96 -83.38
O3 NAG H . -29.73 12.00 -81.49
O4 NAG H . -31.04 14.56 -81.34
O5 NAG H . -27.56 15.43 -82.04
O6 NAG H . -29.84 17.89 -81.96
O7 NAG H . -27.91 13.23 -85.22
CA CA I . -29.36 21.78 -60.95
CA CA J . -37.38 6.91 -50.09
CA CA K . 11.91 -18.67 -20.78
C1 NAG L . 33.72 -19.04 72.80
C2 NAG L . 34.88 -19.99 73.10
C3 NAG L . 35.71 -19.49 74.28
C4 NAG L . 36.07 -18.00 74.13
C5 NAG L . 34.83 -17.18 73.75
C6 NAG L . 35.15 -15.72 73.46
C7 NAG L . 34.04 -22.15 72.43
C8 NAG L . 33.47 -23.50 72.83
N2 NAG L . 34.34 -21.31 73.41
O3 NAG L . 36.89 -20.25 74.38
O4 NAG L . 36.60 -17.53 75.36
O5 NAG L . 34.21 -17.72 72.57
O6 NAG L . 35.39 -15.50 72.07
O7 NAG L . 34.23 -21.89 71.23
C1 NAG M . 41.03 -12.73 78.24
C2 NAG M . 41.79 -11.82 77.28
C3 NAG M . 41.04 -11.68 75.96
C4 NAG M . 40.67 -13.05 75.40
C5 NAG M . 39.95 -13.87 76.46
C6 NAG M . 39.62 -15.27 75.99
C7 NAG M . 40.89 -9.74 78.10
C8 NAG M . 41.15 -8.38 78.74
N2 NAG M . 41.95 -10.51 77.88
O3 NAG M . 41.85 -10.97 75.02
O4 NAG M . 39.84 -12.90 74.26
O5 NAG M . 40.78 -14.00 77.63
O6 NAG M . 38.24 -15.40 75.67
O7 NAG M . 39.75 -10.05 77.79
CA CA N . 18.50 -7.54 70.91
CA CA O . 26.02 6.83 59.45
CA CA P . 13.71 -12.44 0.94
#